data_2HI3
#
_entry.id   2HI3
#
_cell.length_a   1.000
_cell.length_b   1.000
_cell.length_c   1.000
_cell.angle_alpha   90.00
_cell.angle_beta   90.00
_cell.angle_gamma   90.00
#
_symmetry.space_group_name_H-M   'P 1'
#
_entity_poly.entity_id   1
_entity_poly.type   'polypeptide(L)'
_entity_poly.pdbx_seq_one_letter_code
;MSAQTVSGPTEDQVEILEYNFNKVNKHPDPTTLCLIAAEAGLTEEQTQKWFKQRLAEWRRSEGLPSECRSVTD
;
_entity_poly.pdbx_strand_id   A
#
# COMPACT_ATOMS: atom_id res chain seq x y z
N MET A 1 11.71 22.13 -11.59
CA MET A 1 10.32 22.53 -11.65
C MET A 1 9.41 21.37 -11.26
N SER A 2 8.29 21.70 -10.62
CA SER A 2 7.30 20.69 -10.21
C SER A 2 7.93 19.67 -9.28
N ALA A 3 8.76 20.14 -8.37
CA ALA A 3 9.47 19.26 -7.45
C ALA A 3 8.65 19.02 -6.20
N GLN A 4 7.45 18.47 -6.39
CA GLN A 4 6.54 18.23 -5.28
C GLN A 4 5.71 16.98 -5.55
N THR A 5 4.89 16.61 -4.57
CA THR A 5 4.05 15.42 -4.69
C THR A 5 2.75 15.74 -5.43
N VAL A 6 2.87 16.06 -6.71
CA VAL A 6 1.71 16.39 -7.53
C VAL A 6 1.00 15.13 -8.00
N SER A 7 -0.31 15.09 -7.78
CA SER A 7 -1.18 13.96 -8.19
C SER A 7 -0.98 12.72 -7.32
N GLY A 8 0.27 12.35 -7.11
CA GLY A 8 0.58 11.18 -6.32
C GLY A 8 1.93 11.29 -5.64
N PRO A 9 2.31 10.30 -4.83
CA PRO A 9 3.56 10.33 -4.07
C PRO A 9 4.79 10.19 -4.97
N THR A 10 5.90 10.78 -4.52
CA THR A 10 7.14 10.72 -5.27
C THR A 10 7.85 9.39 -5.06
N GLU A 11 8.91 9.16 -5.81
CA GLU A 11 9.67 7.92 -5.73
C GLU A 11 10.16 7.66 -4.30
N ASP A 12 10.66 8.71 -3.66
CA ASP A 12 11.18 8.61 -2.29
C ASP A 12 10.12 8.06 -1.34
N GLN A 13 8.86 8.41 -1.61
CA GLN A 13 7.75 8.01 -0.78
C GLN A 13 7.45 6.53 -0.97
N VAL A 14 7.58 6.07 -2.21
CA VAL A 14 7.35 4.68 -2.55
C VAL A 14 8.31 3.78 -1.78
N GLU A 15 9.50 4.29 -1.52
CA GLU A 15 10.52 3.55 -0.79
C GLU A 15 10.07 3.29 0.65
N ILE A 16 9.54 4.34 1.27
CA ILE A 16 9.05 4.25 2.64
C ILE A 16 7.75 3.48 2.68
N LEU A 17 6.96 3.62 1.64
CA LEU A 17 5.66 2.95 1.53
C LEU A 17 5.83 1.45 1.35
N GLU A 18 6.76 1.04 0.49
CA GLU A 18 7.03 -0.37 0.26
C GLU A 18 7.49 -1.06 1.52
N TYR A 19 8.35 -0.38 2.28
CA TYR A 19 8.80 -0.90 3.56
C TYR A 19 7.62 -1.05 4.50
N ASN A 20 6.76 -0.03 4.53
CA ASN A 20 5.58 -0.04 5.37
C ASN A 20 4.65 -1.17 4.98
N PHE A 21 4.40 -1.31 3.68
CA PHE A 21 3.53 -2.34 3.15
C PHE A 21 3.97 -3.74 3.61
N ASN A 22 5.27 -3.96 3.59
CA ASN A 22 5.85 -5.25 3.93
C ASN A 22 5.97 -5.42 5.45
N LYS A 23 5.72 -4.35 6.21
CA LYS A 23 5.93 -4.38 7.64
C LYS A 23 4.63 -4.23 8.44
N VAL A 24 3.63 -3.54 7.87
CA VAL A 24 2.38 -3.33 8.60
C VAL A 24 1.61 -4.64 8.79
N ASN A 25 0.97 -5.14 7.73
CA ASN A 25 0.18 -6.36 7.79
C ASN A 25 -0.39 -6.69 6.41
N LYS A 26 0.18 -6.05 5.38
CA LYS A 26 -0.21 -6.27 3.98
C LYS A 26 -1.67 -5.90 3.72
N HIS A 27 -2.27 -5.11 4.60
CA HIS A 27 -3.64 -4.69 4.44
C HIS A 27 -3.82 -3.24 4.88
N PRO A 28 -4.68 -2.48 4.16
CA PRO A 28 -5.01 -1.10 4.56
C PRO A 28 -5.72 -1.05 5.91
N ASP A 29 -5.09 -0.38 6.86
CA ASP A 29 -5.59 -0.30 8.23
C ASP A 29 -5.87 1.15 8.61
N PRO A 30 -6.83 1.39 9.51
CA PRO A 30 -7.28 2.74 9.87
C PRO A 30 -6.32 3.44 10.81
N THR A 31 -6.10 2.85 11.98
CA THR A 31 -5.18 3.37 12.97
C THR A 31 -3.77 3.45 12.39
N THR A 32 -3.40 2.40 11.69
CA THR A 32 -2.09 2.28 11.10
C THR A 32 -1.84 3.36 10.05
N LEU A 33 -2.81 3.58 9.17
CA LEU A 33 -2.65 4.51 8.05
C LEU A 33 -2.25 5.90 8.52
N CYS A 34 -3.04 6.46 9.43
CA CYS A 34 -2.80 7.80 9.94
C CYS A 34 -1.41 7.93 10.57
N LEU A 35 -1.05 6.94 11.39
CA LEU A 35 0.21 6.99 12.12
C LEU A 35 1.41 6.84 11.19
N ILE A 36 1.36 5.85 10.31
CA ILE A 36 2.48 5.57 9.43
C ILE A 36 2.62 6.63 8.35
N ALA A 37 1.50 7.22 7.94
CA ALA A 37 1.51 8.26 6.92
C ALA A 37 2.30 9.47 7.39
N ALA A 38 2.07 9.87 8.63
CA ALA A 38 2.76 11.01 9.21
C ALA A 38 4.27 10.77 9.26
N GLU A 39 4.65 9.55 9.62
CA GLU A 39 6.06 9.19 9.72
C GLU A 39 6.68 9.03 8.33
N ALA A 40 5.87 8.63 7.36
CA ALA A 40 6.35 8.49 5.98
C ALA A 40 6.47 9.85 5.31
N GLY A 41 5.74 10.82 5.82
CA GLY A 41 5.75 12.16 5.25
C GLY A 41 4.62 12.37 4.26
N LEU A 42 3.50 11.70 4.50
CA LEU A 42 2.34 11.78 3.63
C LEU A 42 1.07 11.91 4.48
N THR A 43 -0.07 11.72 3.85
CA THR A 43 -1.34 11.69 4.56
C THR A 43 -2.07 10.38 4.28
N GLU A 44 -3.18 10.15 4.96
CA GLU A 44 -3.95 8.91 4.80
C GLU A 44 -4.36 8.72 3.34
N GLU A 45 -4.87 9.78 2.74
CA GLU A 45 -5.33 9.77 1.35
C GLU A 45 -4.28 9.17 0.41
N GLN A 46 -3.04 9.65 0.53
CA GLN A 46 -1.96 9.21 -0.34
C GLN A 46 -1.53 7.78 -0.01
N THR A 47 -1.51 7.46 1.27
CA THR A 47 -1.12 6.13 1.72
C THR A 47 -2.15 5.08 1.29
N GLN A 48 -3.42 5.43 1.41
CA GLN A 48 -4.51 4.55 1.02
C GLN A 48 -4.45 4.27 -0.48
N LYS A 49 -4.25 5.33 -1.26
CA LYS A 49 -4.21 5.24 -2.72
C LYS A 49 -3.07 4.33 -3.18
N TRP A 50 -1.96 4.35 -2.45
CA TRP A 50 -0.80 3.56 -2.80
C TRP A 50 -0.96 2.12 -2.30
N PHE A 51 -1.32 1.96 -1.02
CA PHE A 51 -1.45 0.63 -0.42
C PHE A 51 -2.43 -0.25 -1.20
N LYS A 52 -3.52 0.36 -1.65
CA LYS A 52 -4.57 -0.37 -2.35
C LYS A 52 -4.10 -0.90 -3.70
N GLN A 53 -3.18 -0.18 -4.36
CA GLN A 53 -2.71 -0.61 -5.67
C GLN A 53 -1.79 -1.82 -5.53
N ARG A 54 -1.07 -1.89 -4.42
CA ARG A 54 -0.19 -3.03 -4.17
C ARG A 54 -0.99 -4.24 -3.74
N LEU A 55 -2.17 -3.96 -3.17
CA LEU A 55 -3.07 -5.02 -2.73
C LEU A 55 -3.41 -5.96 -3.89
N ALA A 56 -3.68 -5.38 -5.06
CA ALA A 56 -3.99 -6.16 -6.25
C ALA A 56 -2.79 -7.01 -6.67
N GLU A 57 -1.61 -6.39 -6.69
CA GLU A 57 -0.39 -7.08 -7.08
C GLU A 57 -0.04 -8.18 -6.09
N TRP A 58 -0.25 -7.88 -4.81
CA TRP A 58 -0.01 -8.82 -3.74
C TRP A 58 -0.82 -10.10 -3.95
N ARG A 59 -2.10 -9.92 -4.29
CA ARG A 59 -2.99 -11.05 -4.50
C ARG A 59 -2.56 -11.90 -5.69
N ARG A 60 -2.02 -11.23 -6.72
CA ARG A 60 -1.58 -11.92 -7.92
C ARG A 60 -0.34 -12.77 -7.67
N SER A 61 0.66 -12.14 -7.07
CA SER A 61 1.94 -12.80 -6.84
C SER A 61 1.83 -13.93 -5.82
N GLU A 62 1.27 -13.64 -4.65
CA GLU A 62 1.23 -14.60 -3.56
C GLU A 62 0.10 -15.61 -3.74
N GLY A 63 -0.85 -15.28 -4.61
CA GLY A 63 -1.95 -16.19 -4.90
C GLY A 63 -2.86 -16.41 -3.70
N LEU A 64 -3.73 -15.45 -3.44
CA LEU A 64 -4.64 -15.54 -2.30
C LEU A 64 -6.09 -15.54 -2.77
N PRO A 65 -6.85 -16.58 -2.41
CA PRO A 65 -8.29 -16.64 -2.71
C PRO A 65 -9.09 -15.71 -1.81
N SER A 66 -9.15 -14.45 -2.20
CA SER A 66 -9.82 -13.41 -1.43
C SER A 66 -9.11 -13.16 -0.09
N GLU A 67 -9.88 -13.11 1.00
CA GLU A 67 -9.31 -12.84 2.31
C GLU A 67 -9.15 -14.12 3.12
N CYS A 68 -10.27 -14.76 3.40
CA CYS A 68 -10.30 -15.96 4.21
C CYS A 68 -9.85 -17.19 3.42
N ARG A 69 -9.65 -18.29 4.11
CA ARG A 69 -9.30 -19.55 3.47
C ARG A 69 -10.54 -20.17 2.84
N SER A 70 -10.69 -19.98 1.54
CA SER A 70 -11.79 -20.55 0.80
C SER A 70 -11.29 -21.15 -0.51
N VAL A 71 -11.70 -22.38 -0.78
CA VAL A 71 -11.27 -23.07 -1.99
C VAL A 71 -12.13 -22.66 -3.18
N THR A 72 -11.55 -21.88 -4.08
CA THR A 72 -12.22 -21.48 -5.30
C THR A 72 -12.18 -22.61 -6.32
N ASP A 73 -13.29 -23.28 -6.52
CA ASP A 73 -13.35 -24.41 -7.43
C ASP A 73 -14.03 -24.00 -8.74
N MET A 1 -13.27 18.41 -14.70
CA MET A 1 -12.14 19.19 -14.16
C MET A 1 -11.16 19.58 -15.25
N SER A 2 -10.31 20.55 -14.97
CA SER A 2 -9.29 20.99 -15.92
C SER A 2 -8.18 19.95 -16.04
N ALA A 3 -7.64 19.54 -14.90
CA ALA A 3 -6.55 18.57 -14.87
C ALA A 3 -6.35 18.05 -13.46
N GLN A 4 -5.65 16.93 -13.35
CA GLN A 4 -5.30 16.36 -12.06
C GLN A 4 -3.84 16.64 -11.76
N THR A 5 -3.60 17.58 -10.86
CA THR A 5 -2.24 17.95 -10.48
C THR A 5 -1.77 17.12 -9.29
N VAL A 6 -2.18 15.87 -9.27
CA VAL A 6 -1.81 14.95 -8.21
C VAL A 6 -0.97 13.81 -8.77
N SER A 7 0.29 13.77 -8.41
CA SER A 7 1.20 12.73 -8.88
C SER A 7 1.06 11.46 -8.06
N GLY A 8 0.46 11.61 -6.89
CA GLY A 8 0.31 10.49 -5.99
C GLY A 8 1.54 10.30 -5.14
N PRO A 9 1.76 9.09 -4.60
CA PRO A 9 2.96 8.78 -3.83
C PRO A 9 4.20 8.83 -4.70
N THR A 10 5.10 9.74 -4.37
CA THR A 10 6.31 9.95 -5.14
C THR A 10 7.30 8.81 -4.93
N GLU A 11 8.28 8.70 -5.84
CA GLU A 11 9.22 7.58 -5.84
C GLU A 11 9.87 7.35 -4.48
N ASP A 12 10.27 8.44 -3.83
CA ASP A 12 10.94 8.35 -2.55
C ASP A 12 9.97 7.94 -1.45
N GLN A 13 8.73 8.37 -1.58
CA GLN A 13 7.68 7.99 -0.64
C GLN A 13 7.29 6.54 -0.84
N VAL A 14 7.30 6.12 -2.09
CA VAL A 14 6.98 4.73 -2.45
C VAL A 14 7.99 3.78 -1.81
N GLU A 15 9.22 4.25 -1.64
CA GLU A 15 10.25 3.45 -1.00
C GLU A 15 9.89 3.18 0.46
N ILE A 16 9.48 4.24 1.15
CA ILE A 16 9.02 4.14 2.53
C ILE A 16 7.76 3.28 2.60
N LEU A 17 6.95 3.37 1.54
CA LEU A 17 5.70 2.65 1.45
C LEU A 17 5.93 1.16 1.24
N GLU A 18 6.76 0.81 0.27
CA GLU A 18 7.03 -0.59 -0.06
C GLU A 18 7.57 -1.33 1.15
N TYR A 19 8.46 -0.69 1.90
CA TYR A 19 9.00 -1.27 3.11
C TYR A 19 7.89 -1.46 4.15
N ASN A 20 7.12 -0.39 4.36
CA ASN A 20 6.07 -0.41 5.39
C ASN A 20 5.01 -1.45 5.06
N PHE A 21 4.43 -1.33 3.88
CA PHE A 21 3.31 -2.17 3.45
C PHE A 21 3.64 -3.65 3.55
N ASN A 22 4.90 -4.00 3.32
CA ASN A 22 5.32 -5.39 3.34
C ASN A 22 5.47 -5.92 4.78
N LYS A 23 5.55 -5.01 5.74
CA LYS A 23 5.88 -5.39 7.12
C LYS A 23 4.75 -5.08 8.10
N VAL A 24 4.16 -3.89 8.00
CA VAL A 24 3.23 -3.42 9.01
C VAL A 24 1.88 -4.14 8.98
N ASN A 25 1.18 -4.07 7.86
CA ASN A 25 -0.16 -4.62 7.76
C ASN A 25 -0.51 -4.95 6.32
N LYS A 26 -1.12 -6.11 6.12
CA LYS A 26 -1.55 -6.51 4.79
C LYS A 26 -2.99 -6.08 4.53
N HIS A 27 -3.55 -5.35 5.48
CA HIS A 27 -4.86 -4.76 5.32
C HIS A 27 -4.88 -3.37 5.92
N PRO A 28 -5.13 -2.34 5.08
CA PRO A 28 -5.17 -0.95 5.52
C PRO A 28 -6.23 -0.71 6.60
N ASP A 29 -5.78 -0.22 7.74
CA ASP A 29 -6.68 0.15 8.83
C ASP A 29 -6.48 1.62 9.18
N PRO A 30 -7.56 2.32 9.55
CA PRO A 30 -7.53 3.76 9.83
C PRO A 30 -6.46 4.14 10.86
N THR A 31 -6.33 3.32 11.90
CA THR A 31 -5.38 3.59 12.96
C THR A 31 -3.95 3.53 12.45
N THR A 32 -3.62 2.43 11.76
CA THR A 32 -2.29 2.25 11.20
C THR A 32 -1.98 3.33 10.17
N LEU A 33 -2.95 3.56 9.29
CA LEU A 33 -2.77 4.47 8.16
C LEU A 33 -2.37 5.86 8.61
N CYS A 34 -2.99 6.35 9.66
CA CYS A 34 -2.74 7.71 10.12
C CYS A 34 -1.33 7.89 10.66
N LEU A 35 -0.82 6.92 11.41
CA LEU A 35 0.51 7.05 11.99
C LEU A 35 1.59 6.82 10.94
N ILE A 36 1.42 5.80 10.10
CA ILE A 36 2.44 5.48 9.09
C ILE A 36 2.56 6.58 8.05
N ALA A 37 1.44 7.24 7.74
CA ALA A 37 1.45 8.37 6.83
C ALA A 37 2.28 9.50 7.40
N ALA A 38 2.07 9.78 8.68
CA ALA A 38 2.84 10.80 9.37
C ALA A 38 4.31 10.42 9.47
N GLU A 39 4.56 9.13 9.71
CA GLU A 39 5.93 8.61 9.77
C GLU A 39 6.66 8.85 8.45
N ALA A 40 5.96 8.66 7.34
CA ALA A 40 6.55 8.86 6.03
C ALA A 40 6.59 10.33 5.65
N GLY A 41 5.78 11.13 6.33
CA GLY A 41 5.72 12.56 6.06
C GLY A 41 4.81 12.87 4.88
N LEU A 42 3.86 11.99 4.63
CA LEU A 42 2.99 12.11 3.48
C LEU A 42 1.52 12.05 3.91
N THR A 43 0.61 12.42 3.02
CA THR A 43 -0.81 12.50 3.38
C THR A 43 -1.47 11.12 3.38
N GLU A 44 -2.57 11.03 4.14
CA GLU A 44 -3.23 9.76 4.42
C GLU A 44 -3.79 9.09 3.16
N GLU A 45 -4.46 9.86 2.32
CA GLU A 45 -5.16 9.32 1.15
C GLU A 45 -4.21 8.60 0.22
N GLN A 46 -3.05 9.21 -0.03
CA GLN A 46 -2.07 8.63 -0.95
C GLN A 46 -1.52 7.32 -0.40
N THR A 47 -1.37 7.24 0.92
CA THR A 47 -0.87 6.04 1.56
C THR A 47 -1.85 4.88 1.39
N GLN A 48 -3.12 5.14 1.68
CA GLN A 48 -4.17 4.13 1.58
C GLN A 48 -4.36 3.70 0.13
N LYS A 49 -4.36 4.66 -0.78
CA LYS A 49 -4.50 4.36 -2.21
C LYS A 49 -3.35 3.47 -2.68
N TRP A 50 -2.16 3.77 -2.20
CA TRP A 50 -0.98 3.00 -2.57
C TRP A 50 -1.02 1.60 -1.95
N PHE A 51 -1.38 1.53 -0.67
CA PHE A 51 -1.48 0.25 0.02
C PHE A 51 -2.47 -0.66 -0.70
N LYS A 52 -3.49 -0.04 -1.30
CA LYS A 52 -4.52 -0.78 -2.02
C LYS A 52 -4.04 -1.26 -3.39
N GLN A 53 -3.32 -0.41 -4.12
CA GLN A 53 -2.85 -0.78 -5.46
C GLN A 53 -1.84 -1.92 -5.36
N ARG A 54 -1.07 -1.94 -4.29
CA ARG A 54 -0.11 -3.00 -4.07
C ARG A 54 -0.79 -4.23 -3.52
N LEU A 55 -1.90 -4.03 -2.85
CA LEU A 55 -2.72 -5.15 -2.37
C LEU A 55 -3.22 -5.97 -3.56
N ALA A 56 -3.63 -5.28 -4.60
CA ALA A 56 -4.06 -5.92 -5.84
C ALA A 56 -2.88 -6.60 -6.52
N GLU A 57 -1.73 -5.93 -6.51
CA GLU A 57 -0.51 -6.47 -7.10
C GLU A 57 -0.02 -7.69 -6.35
N TRP A 58 -0.12 -7.64 -5.03
CA TRP A 58 0.32 -8.72 -4.15
C TRP A 58 -0.36 -10.03 -4.53
N ARG A 59 -1.64 -9.94 -4.87
CA ARG A 59 -2.42 -11.12 -5.21
C ARG A 59 -1.92 -11.76 -6.50
N ARG A 60 -1.22 -11.00 -7.31
CA ARG A 60 -0.66 -11.52 -8.54
C ARG A 60 0.66 -12.23 -8.29
N SER A 61 1.62 -11.50 -7.73
CA SER A 61 2.96 -12.03 -7.51
C SER A 61 2.99 -13.09 -6.40
N GLU A 62 2.23 -12.85 -5.34
CA GLU A 62 2.19 -13.76 -4.20
C GLU A 62 0.86 -14.51 -4.17
N GLY A 63 0.32 -14.75 -5.36
CA GLY A 63 -0.92 -15.48 -5.52
C GLY A 63 -1.08 -16.65 -4.57
N LEU A 64 -2.26 -16.75 -3.99
CA LEU A 64 -2.54 -17.72 -2.96
C LEU A 64 -2.89 -19.07 -3.58
N PRO A 65 -2.20 -20.14 -3.17
CA PRO A 65 -2.49 -21.49 -3.67
C PRO A 65 -3.86 -21.96 -3.21
N SER A 66 -4.13 -21.78 -1.93
CA SER A 66 -5.39 -22.16 -1.33
C SER A 66 -5.46 -21.64 0.10
N GLU A 67 -6.60 -21.07 0.49
CA GLU A 67 -6.75 -20.52 1.82
C GLU A 67 -7.04 -21.62 2.85
N CYS A 68 -7.89 -22.55 2.49
CA CYS A 68 -8.27 -23.63 3.41
C CYS A 68 -7.66 -24.96 2.97
N ARG A 69 -7.39 -25.07 1.68
CA ARG A 69 -6.78 -26.27 1.13
C ARG A 69 -5.26 -26.20 1.28
N SER A 70 -4.60 -27.34 1.07
CA SER A 70 -3.15 -27.41 1.21
C SER A 70 -2.44 -26.66 0.09
N VAL A 71 -1.18 -26.31 0.32
CA VAL A 71 -0.37 -25.64 -0.68
C VAL A 71 -0.29 -26.48 -1.97
N THR A 72 -0.69 -25.87 -3.07
CA THR A 72 -0.74 -26.58 -4.34
C THR A 72 0.29 -26.05 -5.32
N ASP A 73 0.80 -26.93 -6.16
CA ASP A 73 1.75 -26.57 -7.19
C ASP A 73 1.14 -26.83 -8.56
N MET A 1 -10.20 21.47 -7.16
CA MET A 1 -9.04 20.64 -7.43
C MET A 1 -9.01 20.16 -8.87
N SER A 2 -8.40 20.96 -9.73
CA SER A 2 -8.23 20.59 -11.12
C SER A 2 -6.91 19.85 -11.32
N ALA A 3 -6.89 18.57 -10.96
CA ALA A 3 -5.68 17.78 -11.04
C ALA A 3 -6.00 16.32 -11.37
N GLN A 4 -5.03 15.45 -11.20
CA GLN A 4 -5.17 14.04 -11.50
C GLN A 4 -4.38 13.22 -10.49
N THR A 5 -4.53 11.90 -10.54
CA THR A 5 -3.81 11.01 -9.63
C THR A 5 -2.36 10.82 -10.04
N VAL A 6 -1.80 11.83 -10.71
CA VAL A 6 -0.40 11.80 -11.10
C VAL A 6 0.46 12.32 -9.95
N SER A 7 -0.09 13.27 -9.22
CA SER A 7 0.58 13.85 -8.06
C SER A 7 0.31 12.99 -6.81
N GLY A 8 0.90 11.81 -6.78
CA GLY A 8 0.72 10.92 -5.66
C GLY A 8 1.98 10.75 -4.85
N PRO A 9 2.39 9.51 -4.57
CA PRO A 9 3.61 9.22 -3.82
C PRO A 9 4.86 9.34 -4.70
N THR A 10 5.79 10.15 -4.25
CA THR A 10 7.04 10.33 -4.95
C THR A 10 7.97 9.14 -4.73
N GLU A 11 9.07 9.09 -5.48
CA GLU A 11 10.00 7.96 -5.44
C GLU A 11 10.47 7.65 -4.01
N ASP A 12 10.85 8.69 -3.28
CA ASP A 12 11.34 8.52 -1.92
C ASP A 12 10.21 8.13 -0.98
N GLN A 13 9.00 8.58 -1.30
CA GLN A 13 7.84 8.25 -0.50
C GLN A 13 7.42 6.79 -0.73
N VAL A 14 7.53 6.35 -1.97
CA VAL A 14 7.25 4.97 -2.34
C VAL A 14 8.26 4.04 -1.66
N GLU A 15 9.44 4.57 -1.41
CA GLU A 15 10.49 3.84 -0.71
C GLU A 15 10.02 3.47 0.70
N ILE A 16 9.50 4.46 1.41
CA ILE A 16 8.97 4.27 2.74
C ILE A 16 7.68 3.44 2.69
N LEU A 17 6.92 3.63 1.62
CA LEU A 17 5.64 2.95 1.44
C LEU A 17 5.84 1.45 1.20
N GLU A 18 6.72 1.12 0.27
CA GLU A 18 6.96 -0.28 -0.10
C GLU A 18 7.49 -1.05 1.11
N TYR A 19 8.38 -0.43 1.87
CA TYR A 19 8.92 -1.05 3.07
C TYR A 19 7.81 -1.31 4.07
N ASN A 20 6.86 -0.37 4.18
CA ASN A 20 5.79 -0.48 5.15
C ASN A 20 4.80 -1.57 4.77
N PHE A 21 4.25 -1.50 3.56
CA PHE A 21 3.25 -2.48 3.11
C PHE A 21 3.81 -3.90 3.19
N ASN A 22 5.11 -4.04 2.97
CA ASN A 22 5.76 -5.35 3.03
C ASN A 22 6.05 -5.75 4.47
N LYS A 23 5.91 -4.82 5.39
CA LYS A 23 6.24 -5.04 6.79
C LYS A 23 4.98 -5.20 7.65
N VAL A 24 4.09 -4.23 7.59
CA VAL A 24 2.90 -4.23 8.44
C VAL A 24 1.86 -5.24 7.96
N ASN A 25 1.29 -4.99 6.80
CA ASN A 25 0.12 -5.73 6.36
C ASN A 25 -0.26 -5.30 4.95
N LYS A 26 -1.01 -6.15 4.27
CA LYS A 26 -1.45 -5.85 2.92
C LYS A 26 -2.82 -5.18 2.93
N HIS A 27 -3.12 -4.47 4.01
CA HIS A 27 -4.40 -3.80 4.15
C HIS A 27 -4.20 -2.44 4.78
N PRO A 28 -4.81 -1.39 4.21
CA PRO A 28 -4.74 -0.03 4.74
C PRO A 28 -5.59 0.12 5.99
N ASP A 29 -5.15 -0.49 7.08
CA ASP A 29 -5.86 -0.42 8.36
C ASP A 29 -5.88 1.02 8.85
N PRO A 30 -6.99 1.41 9.52
CA PRO A 30 -7.17 2.76 10.04
C PRO A 30 -6.05 3.15 11.00
N THR A 31 -5.63 2.20 11.81
CA THR A 31 -4.57 2.42 12.78
C THR A 31 -3.23 2.66 12.07
N THR A 32 -2.99 1.88 11.02
CA THR A 32 -1.74 1.95 10.30
C THR A 32 -1.64 3.22 9.44
N LEU A 33 -2.72 3.54 8.74
CA LEU A 33 -2.71 4.60 7.72
C LEU A 33 -2.23 5.94 8.29
N CYS A 34 -2.97 6.47 9.25
CA CYS A 34 -2.68 7.79 9.79
C CYS A 34 -1.39 7.81 10.60
N LEU A 35 -1.02 6.66 11.16
CA LEU A 35 0.18 6.60 12.00
C LEU A 35 1.44 6.55 11.15
N ILE A 36 1.45 5.68 10.14
CA ILE A 36 2.64 5.54 9.29
C ILE A 36 2.76 6.72 8.34
N ALA A 37 1.64 7.37 8.04
CA ALA A 37 1.64 8.56 7.18
C ALA A 37 2.45 9.67 7.84
N ALA A 38 2.37 9.75 9.16
CA ALA A 38 3.13 10.75 9.91
C ALA A 38 4.63 10.44 9.83
N GLU A 39 4.96 9.16 9.93
CA GLU A 39 6.34 8.70 9.87
C GLU A 39 6.93 8.91 8.47
N ALA A 40 6.08 8.76 7.46
CA ALA A 40 6.52 8.88 6.08
C ALA A 40 6.46 10.33 5.59
N GLY A 41 5.64 11.14 6.24
CA GLY A 41 5.46 12.51 5.82
C GLY A 41 4.44 12.64 4.70
N LEU A 42 3.40 11.81 4.76
CA LEU A 42 2.38 11.79 3.73
C LEU A 42 1.01 12.03 4.34
N THR A 43 -0.02 12.02 3.52
CA THR A 43 -1.38 12.18 3.99
C THR A 43 -2.15 10.87 3.84
N GLU A 44 -3.29 10.77 4.51
CA GLU A 44 -4.09 9.55 4.52
C GLU A 44 -4.49 9.11 3.10
N GLU A 45 -5.01 10.03 2.32
CA GLU A 45 -5.53 9.73 0.98
C GLU A 45 -4.45 9.09 0.10
N GLN A 46 -3.29 9.72 0.06
CA GLN A 46 -2.19 9.25 -0.78
C GLN A 46 -1.73 7.85 -0.36
N THR A 47 -1.59 7.65 0.95
CA THR A 47 -1.12 6.38 1.48
C THR A 47 -2.15 5.28 1.28
N GLN A 48 -3.43 5.62 1.46
CA GLN A 48 -4.51 4.65 1.35
C GLN A 48 -4.62 4.11 -0.09
N LYS A 49 -4.58 5.03 -1.06
CA LYS A 49 -4.69 4.64 -2.47
C LYS A 49 -3.53 3.74 -2.88
N TRP A 50 -2.34 4.08 -2.41
CA TRP A 50 -1.14 3.33 -2.74
C TRP A 50 -1.20 1.92 -2.18
N PHE A 51 -1.51 1.81 -0.89
CA PHE A 51 -1.59 0.50 -0.22
C PHE A 51 -2.60 -0.40 -0.93
N LYS A 52 -3.74 0.19 -1.28
CA LYS A 52 -4.80 -0.55 -1.97
C LYS A 52 -4.33 -1.02 -3.35
N GLN A 53 -3.49 -0.23 -4.01
CA GLN A 53 -2.97 -0.58 -5.32
C GLN A 53 -2.00 -1.76 -5.22
N ARG A 54 -1.30 -1.86 -4.09
CA ARG A 54 -0.40 -2.98 -3.87
C ARG A 54 -1.19 -4.22 -3.46
N LEU A 55 -2.34 -3.99 -2.86
CA LEU A 55 -3.23 -5.06 -2.46
C LEU A 55 -3.71 -5.85 -3.68
N ALA A 56 -3.81 -5.15 -4.81
CA ALA A 56 -4.16 -5.80 -6.07
C ALA A 56 -3.00 -6.68 -6.55
N GLU A 57 -1.78 -6.22 -6.26
CA GLU A 57 -0.57 -6.93 -6.68
C GLU A 57 -0.30 -8.13 -5.75
N TRP A 58 -0.80 -8.05 -4.52
CA TRP A 58 -0.61 -9.11 -3.53
C TRP A 58 -1.10 -10.45 -4.08
N ARG A 59 -2.18 -10.38 -4.85
CA ARG A 59 -2.82 -11.58 -5.39
C ARG A 59 -1.89 -12.33 -6.33
N ARG A 60 -0.90 -11.64 -6.87
CA ARG A 60 0.05 -12.27 -7.77
C ARG A 60 1.14 -13.00 -7.01
N SER A 61 1.63 -12.36 -5.96
CA SER A 61 2.73 -12.91 -5.17
C SER A 61 2.23 -13.88 -4.09
N GLU A 62 1.51 -13.35 -3.10
CA GLU A 62 1.18 -14.11 -1.91
C GLU A 62 -0.32 -14.42 -1.77
N GLY A 63 -1.03 -14.56 -2.90
CA GLY A 63 -2.46 -14.72 -2.81
C GLY A 63 -3.02 -15.77 -3.75
N LEU A 64 -3.21 -15.39 -5.02
CA LEU A 64 -3.95 -16.20 -5.97
C LEU A 64 -3.01 -16.82 -7.00
N PRO A 65 -3.47 -17.87 -7.71
CA PRO A 65 -2.67 -18.54 -8.74
C PRO A 65 -2.40 -17.66 -9.95
N SER A 66 -1.34 -16.86 -9.88
CA SER A 66 -0.86 -16.11 -11.03
C SER A 66 0.36 -16.83 -11.61
N GLU A 67 0.60 -18.03 -11.11
CA GLU A 67 1.71 -18.85 -11.57
C GLU A 67 1.23 -19.86 -12.60
N CYS A 68 1.82 -21.05 -12.59
CA CYS A 68 1.49 -22.09 -13.55
C CYS A 68 0.27 -22.89 -13.10
N ARG A 69 -0.71 -22.21 -12.54
CA ARG A 69 -1.95 -22.85 -12.09
C ARG A 69 -3.14 -22.27 -12.84
N SER A 70 -4.30 -22.88 -12.65
CA SER A 70 -5.54 -22.35 -13.20
C SER A 70 -5.81 -20.96 -12.61
N VAL A 71 -5.59 -19.94 -13.44
CA VAL A 71 -5.66 -18.55 -13.00
C VAL A 71 -7.00 -18.20 -12.34
N THR A 72 -6.92 -17.69 -11.13
CA THR A 72 -8.09 -17.24 -10.40
C THR A 72 -8.11 -15.71 -10.32
N ASP A 73 -9.29 -15.13 -10.49
CA ASP A 73 -9.43 -13.69 -10.45
C ASP A 73 -10.53 -13.29 -9.47
N MET A 1 14.59 5.51 -12.40
CA MET A 1 13.36 5.23 -13.15
C MET A 1 12.81 6.51 -13.77
N SER A 2 12.44 6.43 -15.05
CA SER A 2 11.84 7.55 -15.75
C SER A 2 10.36 7.29 -15.97
N ALA A 3 9.61 8.35 -16.33
CA ALA A 3 8.16 8.27 -16.54
C ALA A 3 7.47 7.55 -15.37
N GLN A 4 7.62 8.12 -14.18
CA GLN A 4 7.08 7.50 -12.97
C GLN A 4 5.87 8.29 -12.46
N THR A 5 5.45 7.98 -11.24
CA THR A 5 4.32 8.65 -10.63
C THR A 5 4.69 10.08 -10.20
N VAL A 6 4.69 11.00 -11.16
CA VAL A 6 5.05 12.39 -10.90
C VAL A 6 3.99 13.04 -10.00
N SER A 7 2.74 12.69 -10.21
CA SER A 7 1.65 13.25 -9.41
C SER A 7 1.18 12.24 -8.37
N GLY A 8 2.00 11.24 -8.10
CA GLY A 8 1.68 10.23 -7.11
C GLY A 8 2.85 9.96 -6.20
N PRO A 9 2.93 8.75 -5.63
CA PRO A 9 4.03 8.36 -4.75
C PRO A 9 5.34 8.19 -5.52
N THR A 10 6.35 8.94 -5.14
CA THR A 10 7.65 8.86 -5.76
C THR A 10 8.44 7.67 -5.24
N GLU A 11 9.61 7.43 -5.83
CA GLU A 11 10.44 6.28 -5.48
C GLU A 11 10.77 6.27 -3.98
N ASP A 12 11.17 7.43 -3.46
CA ASP A 12 11.52 7.56 -2.05
C ASP A 12 10.31 7.28 -1.16
N GLN A 13 9.13 7.70 -1.60
CA GLN A 13 7.92 7.46 -0.84
C GLN A 13 7.54 6.00 -0.89
N VAL A 14 7.69 5.40 -2.07
CA VAL A 14 7.42 3.99 -2.26
C VAL A 14 8.32 3.15 -1.35
N GLU A 15 9.56 3.60 -1.20
CA GLU A 15 10.51 2.95 -0.30
C GLU A 15 9.96 2.88 1.12
N ILE A 16 9.50 4.03 1.62
CA ILE A 16 8.94 4.13 2.96
C ILE A 16 7.63 3.33 3.05
N LEU A 17 6.83 3.40 2.00
CA LEU A 17 5.53 2.75 1.97
C LEU A 17 5.67 1.23 1.92
N GLU A 18 6.52 0.74 1.02
CA GLU A 18 6.72 -0.69 0.83
C GLU A 18 7.12 -1.38 2.14
N TYR A 19 8.10 -0.78 2.81
CA TYR A 19 8.58 -1.29 4.07
C TYR A 19 7.43 -1.43 5.08
N ASN A 20 6.55 -0.44 5.09
CA ASN A 20 5.44 -0.42 6.03
C ASN A 20 4.36 -1.42 5.62
N PHE A 21 4.00 -1.42 4.34
CA PHE A 21 2.96 -2.29 3.80
C PHE A 21 3.28 -3.77 4.04
N ASN A 22 4.54 -4.12 3.88
CA ASN A 22 4.95 -5.52 4.01
C ASN A 22 5.23 -5.87 5.46
N LYS A 23 5.25 -4.87 6.32
CA LYS A 23 5.56 -5.10 7.74
C LYS A 23 4.33 -4.90 8.63
N VAL A 24 3.17 -4.73 8.01
CA VAL A 24 1.93 -4.64 8.78
C VAL A 24 1.21 -5.98 8.75
N ASN A 25 0.23 -6.11 7.87
CA ASN A 25 -0.50 -7.35 7.67
C ASN A 25 -0.98 -7.42 6.24
N LYS A 26 -0.23 -6.73 5.35
CA LYS A 26 -0.64 -6.50 3.97
C LYS A 26 -1.85 -5.55 3.92
N HIS A 27 -2.92 -5.93 4.60
CA HIS A 27 -4.07 -5.07 4.76
C HIS A 27 -3.75 -4.00 5.81
N PRO A 28 -3.77 -2.72 5.42
CA PRO A 28 -3.42 -1.61 6.31
C PRO A 28 -4.40 -1.42 7.45
N ASP A 29 -3.88 -1.13 8.63
CA ASP A 29 -4.71 -0.87 9.80
C ASP A 29 -5.13 0.60 9.81
N PRO A 30 -6.17 0.94 10.58
CA PRO A 30 -6.54 2.34 10.82
C PRO A 30 -5.39 3.09 11.51
N THR A 31 -4.62 2.37 12.30
CA THR A 31 -3.48 2.93 13.00
C THR A 31 -2.39 3.32 12.01
N THR A 32 -2.15 2.49 11.02
CA THR A 32 -1.11 2.73 10.03
C THR A 32 -1.38 4.01 9.26
N LEU A 33 -2.61 4.16 8.78
CA LEU A 33 -2.98 5.32 7.98
C LEU A 33 -2.74 6.62 8.76
N CYS A 34 -3.02 6.59 10.06
CA CYS A 34 -2.82 7.76 10.89
C CYS A 34 -1.34 8.01 11.19
N LEU A 35 -0.66 6.98 11.69
CA LEU A 35 0.70 7.16 12.20
C LEU A 35 1.75 7.24 11.07
N ILE A 36 1.73 6.31 10.12
CA ILE A 36 2.82 6.23 9.14
C ILE A 36 2.69 7.30 8.06
N ALA A 37 1.48 7.78 7.82
CA ALA A 37 1.27 8.85 6.85
C ALA A 37 1.99 10.11 7.31
N ALA A 38 1.90 10.37 8.61
CA ALA A 38 2.55 11.54 9.20
C ALA A 38 4.07 11.36 9.20
N GLU A 39 4.51 10.11 9.27
CA GLU A 39 5.93 9.79 9.27
C GLU A 39 6.51 9.93 7.87
N ALA A 40 5.73 9.56 6.86
CA ALA A 40 6.18 9.62 5.48
C ALA A 40 5.90 10.98 4.86
N GLY A 41 5.12 11.79 5.56
CA GLY A 41 4.76 13.10 5.04
C GLY A 41 3.72 13.01 3.92
N LEU A 42 2.93 11.95 3.96
CA LEU A 42 1.95 11.69 2.92
C LEU A 42 0.55 12.01 3.41
N THR A 43 -0.30 12.48 2.51
CA THR A 43 -1.66 12.84 2.85
C THR A 43 -2.57 11.61 2.84
N GLU A 44 -3.80 11.79 3.34
CA GLU A 44 -4.75 10.69 3.51
C GLU A 44 -4.96 9.90 2.23
N GLU A 45 -5.10 10.62 1.11
CA GLU A 45 -5.37 9.97 -0.18
C GLU A 45 -4.19 9.11 -0.62
N GLN A 46 -2.98 9.62 -0.45
CA GLN A 46 -1.78 8.94 -0.92
C GLN A 46 -1.61 7.58 -0.26
N THR A 47 -1.69 7.57 1.08
CA THR A 47 -1.47 6.35 1.83
C THR A 47 -2.54 5.31 1.52
N GLN A 48 -3.80 5.72 1.52
CA GLN A 48 -4.91 4.81 1.27
C GLN A 48 -4.83 4.22 -0.13
N LYS A 49 -4.64 5.10 -1.10
CA LYS A 49 -4.62 4.69 -2.51
C LYS A 49 -3.50 3.67 -2.77
N TRP A 50 -2.31 3.97 -2.28
CA TRP A 50 -1.16 3.11 -2.52
C TRP A 50 -1.33 1.75 -1.81
N PHE A 51 -1.63 1.78 -0.51
CA PHE A 51 -1.77 0.53 0.26
C PHE A 51 -2.80 -0.39 -0.38
N LYS A 52 -3.93 0.19 -0.76
CA LYS A 52 -5.02 -0.57 -1.38
C LYS A 52 -4.63 -1.05 -2.78
N GLN A 53 -3.80 -0.27 -3.48
CA GLN A 53 -3.37 -0.61 -4.83
C GLN A 53 -2.43 -1.81 -4.79
N ARG A 54 -1.58 -1.87 -3.77
CA ARG A 54 -0.63 -2.96 -3.63
C ARG A 54 -1.34 -4.24 -3.21
N LEU A 55 -2.45 -4.10 -2.50
CA LEU A 55 -3.25 -5.25 -2.11
C LEU A 55 -3.80 -5.94 -3.35
N ALA A 56 -4.13 -5.15 -4.36
CA ALA A 56 -4.60 -5.67 -5.63
C ALA A 56 -3.47 -6.28 -6.44
N GLU A 57 -2.35 -5.57 -6.49
CA GLU A 57 -1.19 -5.99 -7.27
C GLU A 57 -0.52 -7.23 -6.68
N TRP A 58 -0.48 -7.29 -5.36
CA TRP A 58 0.21 -8.37 -4.64
C TRP A 58 -0.30 -9.74 -5.07
N ARG A 59 -1.60 -9.83 -5.34
CA ARG A 59 -2.21 -11.09 -5.75
C ARG A 59 -1.59 -11.60 -7.04
N ARG A 60 -1.19 -10.67 -7.91
CA ARG A 60 -0.61 -11.03 -9.19
C ARG A 60 0.87 -11.35 -9.04
N SER A 61 1.53 -10.67 -8.13
CA SER A 61 2.96 -10.87 -7.91
C SER A 61 3.25 -12.17 -7.15
N GLU A 62 2.74 -12.27 -5.92
CA GLU A 62 3.05 -13.39 -5.06
C GLU A 62 2.37 -14.66 -5.53
N GLY A 63 1.14 -14.53 -6.02
CA GLY A 63 0.38 -15.69 -6.44
C GLY A 63 -0.03 -16.56 -5.26
N LEU A 64 -1.24 -16.35 -4.76
CA LEU A 64 -1.74 -17.11 -3.62
C LEU A 64 -2.08 -18.53 -4.04
N PRO A 65 -1.57 -19.54 -3.31
CA PRO A 65 -1.71 -20.96 -3.67
C PRO A 65 -3.12 -21.51 -3.45
N SER A 66 -4.12 -20.64 -3.51
CA SER A 66 -5.50 -21.07 -3.37
C SER A 66 -6.37 -20.45 -4.47
N GLU A 67 -5.73 -19.71 -5.37
CA GLU A 67 -6.42 -19.13 -6.51
C GLU A 67 -6.08 -19.90 -7.77
N CYS A 68 -6.74 -21.04 -7.96
CA CYS A 68 -6.42 -21.96 -9.05
C CYS A 68 -4.97 -22.42 -8.92
N ARG A 69 -4.34 -22.80 -10.03
CA ARG A 69 -2.94 -23.17 -9.98
C ARG A 69 -2.07 -21.91 -9.99
N SER A 70 -1.79 -21.39 -8.82
CA SER A 70 -0.92 -20.24 -8.66
C SER A 70 -0.08 -20.42 -7.41
N VAL A 71 1.12 -20.95 -7.58
CA VAL A 71 1.96 -21.28 -6.45
C VAL A 71 3.03 -20.22 -6.24
N THR A 72 3.23 -19.83 -5.00
CA THR A 72 4.33 -18.95 -4.65
C THR A 72 5.64 -19.74 -4.65
N ASP A 73 6.12 -20.03 -5.86
CA ASP A 73 7.32 -20.85 -6.04
C ASP A 73 8.56 -20.06 -5.65
N MET A 1 2.46 24.60 -3.92
CA MET A 1 1.69 23.42 -4.27
C MET A 1 2.24 22.76 -5.54
N SER A 2 2.65 23.58 -6.49
CA SER A 2 3.14 23.10 -7.77
C SER A 2 4.65 22.89 -7.74
N ALA A 3 5.18 22.53 -6.57
CA ALA A 3 6.60 22.28 -6.42
C ALA A 3 6.90 20.79 -6.60
N GLN A 4 6.49 19.99 -5.62
CA GLN A 4 6.61 18.55 -5.70
C GLN A 4 5.27 17.96 -6.13
N THR A 5 5.06 17.85 -7.42
CA THR A 5 3.81 17.34 -7.96
C THR A 5 4.06 16.25 -8.99
N VAL A 6 5.03 15.38 -8.71
CA VAL A 6 5.38 14.31 -9.63
C VAL A 6 4.76 12.99 -9.20
N SER A 7 3.62 12.66 -9.82
CA SER A 7 2.93 11.37 -9.60
C SER A 7 2.29 11.26 -8.21
N GLY A 8 2.71 12.11 -7.30
CA GLY A 8 2.23 12.05 -5.93
C GLY A 8 3.31 11.55 -5.00
N PRO A 9 3.35 10.24 -4.72
CA PRO A 9 4.44 9.63 -3.96
C PRO A 9 5.70 9.50 -4.81
N THR A 10 6.69 10.33 -4.49
CA THR A 10 7.94 10.35 -5.22
C THR A 10 8.80 9.12 -4.89
N GLU A 11 9.98 9.05 -5.48
CA GLU A 11 10.90 7.93 -5.27
C GLU A 11 11.23 7.77 -3.78
N ASP A 12 11.45 8.89 -3.11
CA ASP A 12 11.75 8.89 -1.68
C ASP A 12 10.53 8.44 -0.89
N GLN A 13 9.36 8.80 -1.37
CA GLN A 13 8.11 8.43 -0.69
C GLN A 13 7.83 6.95 -0.87
N VAL A 14 8.04 6.46 -2.08
CA VAL A 14 7.83 5.06 -2.41
C VAL A 14 8.76 4.19 -1.57
N GLU A 15 9.91 4.75 -1.19
CA GLU A 15 10.88 4.03 -0.38
C GLU A 15 10.28 3.67 0.97
N ILE A 16 9.65 4.65 1.59
CA ILE A 16 8.98 4.45 2.87
C ILE A 16 7.74 3.57 2.69
N LEU A 17 6.96 3.91 1.66
CA LEU A 17 5.70 3.22 1.40
C LEU A 17 5.90 1.73 1.13
N GLU A 18 6.84 1.42 0.24
CA GLU A 18 7.10 0.04 -0.13
C GLU A 18 7.55 -0.76 1.07
N TYR A 19 8.38 -0.15 1.91
CA TYR A 19 8.83 -0.79 3.14
C TYR A 19 7.64 -1.02 4.06
N ASN A 20 6.85 0.02 4.27
CA ASN A 20 5.68 -0.06 5.15
C ASN A 20 4.77 -1.20 4.76
N PHE A 21 4.24 -1.15 3.53
CA PHE A 21 3.24 -2.11 3.06
C PHE A 21 3.76 -3.55 3.19
N ASN A 22 5.00 -3.75 2.79
CA ASN A 22 5.57 -5.09 2.72
C ASN A 22 5.89 -5.64 4.11
N LYS A 23 6.02 -4.74 5.09
CA LYS A 23 6.45 -5.15 6.42
C LYS A 23 5.48 -4.71 7.51
N VAL A 24 4.20 -4.63 7.17
CA VAL A 24 3.18 -4.39 8.18
C VAL A 24 2.22 -5.59 8.24
N ASN A 25 1.25 -5.65 7.33
CA ASN A 25 0.37 -6.80 7.19
C ASN A 25 -0.30 -6.78 5.81
N LYS A 26 0.33 -6.05 4.88
CA LYS A 26 -0.17 -5.87 3.53
C LYS A 26 -1.45 -5.03 3.51
N HIS A 27 -2.52 -5.58 4.07
CA HIS A 27 -3.78 -4.86 4.15
C HIS A 27 -4.04 -4.40 5.58
N PRO A 28 -3.70 -3.14 5.88
CA PRO A 28 -3.83 -2.60 7.22
C PRO A 28 -5.21 -2.01 7.49
N ASP A 29 -5.33 -1.31 8.59
CA ASP A 29 -6.57 -0.65 8.95
C ASP A 29 -6.36 0.86 9.03
N PRO A 30 -7.43 1.65 9.18
CA PRO A 30 -7.34 3.11 9.28
C PRO A 30 -6.35 3.57 10.35
N THR A 31 -6.33 2.85 11.48
CA THR A 31 -5.43 3.17 12.57
C THR A 31 -3.98 3.11 12.11
N THR A 32 -3.62 2.02 11.44
CA THR A 32 -2.28 1.82 10.91
C THR A 32 -1.93 2.89 9.88
N LEU A 33 -2.88 3.18 8.99
CA LEU A 33 -2.64 4.08 7.87
C LEU A 33 -2.32 5.49 8.35
N CYS A 34 -2.97 5.93 9.42
CA CYS A 34 -2.77 7.28 9.92
C CYS A 34 -1.37 7.50 10.49
N LEU A 35 -0.87 6.54 11.27
CA LEU A 35 0.43 6.70 11.90
C LEU A 35 1.57 6.59 10.88
N ILE A 36 1.42 5.71 9.90
CA ILE A 36 2.45 5.53 8.88
C ILE A 36 2.50 6.74 7.95
N ALA A 37 1.33 7.29 7.63
CA ALA A 37 1.25 8.48 6.80
C ALA A 37 1.92 9.65 7.50
N ALA A 38 1.63 9.79 8.79
CA ALA A 38 2.22 10.84 9.62
C ALA A 38 3.73 10.68 9.69
N GLU A 39 4.20 9.43 9.75
CA GLU A 39 5.61 9.14 9.82
C GLU A 39 6.30 9.42 8.49
N ALA A 40 5.63 9.07 7.40
CA ALA A 40 6.16 9.30 6.06
C ALA A 40 6.11 10.77 5.69
N GLY A 41 5.23 11.51 6.35
CA GLY A 41 5.09 12.92 6.07
C GLY A 41 4.28 13.17 4.82
N LEU A 42 3.33 12.29 4.57
CA LEU A 42 2.51 12.37 3.40
C LEU A 42 1.04 12.23 3.82
N THR A 43 0.12 12.72 3.00
CA THR A 43 -1.28 12.73 3.38
C THR A 43 -1.87 11.32 3.32
N GLU A 44 -2.78 11.05 4.27
CA GLU A 44 -3.39 9.74 4.44
C GLU A 44 -3.96 9.18 3.14
N GLU A 45 -4.65 10.05 2.39
CA GLU A 45 -5.30 9.65 1.15
C GLU A 45 -4.30 8.98 0.19
N GLN A 46 -3.13 9.59 0.04
CA GLN A 46 -2.13 9.07 -0.87
C GLN A 46 -1.60 7.73 -0.37
N THR A 47 -1.37 7.64 0.93
CA THR A 47 -0.92 6.40 1.55
C THR A 47 -1.94 5.28 1.33
N GLN A 48 -3.20 5.60 1.62
CA GLN A 48 -4.28 4.64 1.49
C GLN A 48 -4.46 4.20 0.03
N LYS A 49 -4.41 5.17 -0.88
CA LYS A 49 -4.56 4.89 -2.31
C LYS A 49 -3.43 4.00 -2.79
N TRP A 50 -2.21 4.33 -2.38
CA TRP A 50 -1.04 3.57 -2.77
C TRP A 50 -1.10 2.15 -2.23
N PHE A 51 -1.43 2.02 -0.93
CA PHE A 51 -1.54 0.70 -0.29
C PHE A 51 -2.61 -0.13 -1.00
N LYS A 52 -3.69 0.53 -1.39
CA LYS A 52 -4.80 -0.14 -2.07
C LYS A 52 -4.38 -0.62 -3.46
N GLN A 53 -3.45 0.07 -4.09
CA GLN A 53 -2.98 -0.29 -5.43
C GLN A 53 -2.20 -1.61 -5.37
N ARG A 54 -1.43 -1.79 -4.29
CA ARG A 54 -0.60 -3.00 -4.14
C ARG A 54 -1.46 -4.18 -3.73
N LEU A 55 -2.65 -3.89 -3.21
CA LEU A 55 -3.59 -4.93 -2.76
C LEU A 55 -3.94 -5.88 -3.90
N ALA A 56 -4.02 -5.35 -5.12
CA ALA A 56 -4.31 -6.17 -6.29
C ALA A 56 -3.10 -7.00 -6.67
N GLU A 57 -1.91 -6.42 -6.52
CA GLU A 57 -0.67 -7.09 -6.90
C GLU A 57 -0.34 -8.21 -5.93
N TRP A 58 -0.56 -7.97 -4.64
CA TRP A 58 -0.32 -8.96 -3.60
C TRP A 58 -1.10 -10.24 -3.88
N ARG A 59 -2.31 -10.09 -4.37
CA ARG A 59 -3.19 -11.22 -4.65
C ARG A 59 -2.64 -12.08 -5.80
N ARG A 60 -1.78 -11.50 -6.61
CA ARG A 60 -1.13 -12.23 -7.69
C ARG A 60 -0.04 -13.14 -7.15
N SER A 61 0.81 -12.56 -6.30
CA SER A 61 1.95 -13.27 -5.74
C SER A 61 1.53 -14.49 -4.93
N GLU A 62 0.84 -14.26 -3.82
CA GLU A 62 0.43 -15.36 -2.95
C GLU A 62 -1.08 -15.58 -3.02
N GLY A 63 -1.83 -14.50 -3.16
CA GLY A 63 -3.26 -14.60 -3.19
C GLY A 63 -3.84 -14.64 -1.79
N LEU A 64 -4.68 -15.62 -1.54
CA LEU A 64 -5.31 -15.76 -0.25
C LEU A 64 -4.95 -17.11 0.38
N PRO A 65 -4.41 -17.11 1.61
CA PRO A 65 -4.04 -18.34 2.34
C PRO A 65 -5.25 -19.14 2.80
N SER A 66 -6.20 -19.35 1.90
CA SER A 66 -7.41 -20.10 2.18
C SER A 66 -8.16 -20.38 0.89
N GLU A 67 -8.93 -19.39 0.45
CA GLU A 67 -9.70 -19.48 -0.79
C GLU A 67 -10.29 -18.11 -1.10
N CYS A 68 -11.52 -17.90 -0.64
CA CYS A 68 -12.16 -16.60 -0.76
C CYS A 68 -12.26 -15.94 0.62
N ARG A 69 -11.26 -16.22 1.45
CA ARG A 69 -11.21 -15.69 2.80
C ARG A 69 -9.98 -14.81 2.99
N SER A 70 -9.86 -14.20 4.16
CA SER A 70 -8.72 -13.36 4.48
C SER A 70 -7.49 -14.22 4.81
N VAL A 71 -6.41 -13.57 5.24
CA VAL A 71 -5.19 -14.27 5.63
C VAL A 71 -5.44 -15.04 6.93
N THR A 72 -5.59 -16.34 6.80
CA THR A 72 -5.85 -17.21 7.93
C THR A 72 -4.63 -17.29 8.85
N ASP A 73 -4.89 -17.45 10.15
CA ASP A 73 -3.85 -17.55 11.17
C ASP A 73 -2.99 -16.29 11.20
N MET A 1 7.88 -1.23 -18.14
CA MET A 1 6.84 -0.22 -18.08
C MET A 1 7.46 1.16 -18.11
N SER A 2 8.07 1.55 -16.99
CA SER A 2 8.74 2.83 -16.85
C SER A 2 7.79 4.00 -17.09
N ALA A 3 7.66 4.43 -18.35
CA ALA A 3 6.89 5.61 -18.70
C ALA A 3 7.37 6.81 -17.89
N GLN A 4 6.45 7.50 -17.24
CA GLN A 4 6.81 8.60 -16.37
C GLN A 4 5.89 8.64 -15.16
N THR A 5 6.26 7.92 -14.11
CA THR A 5 5.45 7.85 -12.91
C THR A 5 5.76 9.01 -11.97
N VAL A 6 5.48 10.22 -12.41
CA VAL A 6 5.66 11.40 -11.58
C VAL A 6 4.33 11.77 -10.92
N SER A 7 3.28 11.11 -11.37
CA SER A 7 1.96 11.31 -10.81
C SER A 7 1.78 10.49 -9.54
N GLY A 8 1.77 11.17 -8.40
CA GLY A 8 1.62 10.49 -7.14
C GLY A 8 2.88 10.54 -6.30
N PRO A 9 3.14 9.51 -5.47
CA PRO A 9 4.30 9.47 -4.59
C PRO A 9 5.61 9.35 -5.37
N THR A 10 6.68 9.93 -4.82
CA THR A 10 7.99 9.83 -5.43
C THR A 10 8.61 8.46 -5.17
N GLU A 11 9.72 8.16 -5.84
CA GLU A 11 10.43 6.90 -5.65
C GLU A 11 10.80 6.70 -4.19
N ASP A 12 11.30 7.76 -3.56
CA ASP A 12 11.68 7.71 -2.15
C ASP A 12 10.46 7.47 -1.27
N GLN A 13 9.33 8.04 -1.67
CA GLN A 13 8.10 7.90 -0.93
C GLN A 13 7.54 6.49 -1.08
N VAL A 14 7.61 5.97 -2.31
CA VAL A 14 7.17 4.62 -2.60
C VAL A 14 8.01 3.61 -1.83
N GLU A 15 9.29 3.92 -1.66
CA GLU A 15 10.19 3.06 -0.89
C GLU A 15 9.67 2.89 0.53
N ILE A 16 9.37 4.00 1.20
CA ILE A 16 8.81 3.96 2.54
C ILE A 16 7.45 3.28 2.53
N LEU A 17 6.68 3.55 1.48
CA LEU A 17 5.34 3.00 1.35
C LEU A 17 5.38 1.47 1.25
N GLU A 18 6.22 0.96 0.37
CA GLU A 18 6.31 -0.48 0.15
C GLU A 18 6.90 -1.18 1.37
N TYR A 19 7.87 -0.53 2.01
CA TYR A 19 8.46 -1.05 3.22
C TYR A 19 7.42 -1.11 4.33
N ASN A 20 6.61 -0.05 4.43
CA ASN A 20 5.56 0.00 5.43
C ASN A 20 4.47 -1.02 5.15
N PHE A 21 4.06 -1.10 3.88
CA PHE A 21 3.05 -2.07 3.45
C PHE A 21 3.46 -3.48 3.84
N ASN A 22 4.73 -3.81 3.62
CA ASN A 22 5.26 -5.14 3.93
C ASN A 22 5.43 -5.32 5.43
N LYS A 23 5.77 -4.24 6.13
CA LYS A 23 6.06 -4.32 7.56
C LYS A 23 4.78 -4.35 8.40
N VAL A 24 3.79 -3.56 8.01
CA VAL A 24 2.55 -3.45 8.78
C VAL A 24 1.77 -4.76 8.78
N ASN A 25 1.10 -5.07 7.68
CA ASN A 25 0.22 -6.22 7.61
C ASN A 25 -0.13 -6.56 6.17
N LYS A 26 0.48 -5.82 5.23
CA LYS A 26 0.11 -5.89 3.82
C LYS A 26 -1.34 -5.45 3.64
N HIS A 27 -1.85 -4.72 4.63
CA HIS A 27 -3.21 -4.20 4.60
C HIS A 27 -3.23 -2.80 5.20
N PRO A 28 -3.99 -1.87 4.60
CA PRO A 28 -4.09 -0.50 5.09
C PRO A 28 -5.17 -0.33 6.15
N ASP A 29 -4.83 -0.66 7.40
CA ASP A 29 -5.74 -0.44 8.51
C ASP A 29 -5.96 1.05 8.70
N PRO A 30 -7.21 1.48 8.94
CA PRO A 30 -7.56 2.89 9.08
C PRO A 30 -6.75 3.58 10.17
N THR A 31 -6.59 2.91 11.30
CA THR A 31 -5.82 3.44 12.41
C THR A 31 -4.35 3.56 12.03
N THR A 32 -3.84 2.53 11.37
CA THR A 32 -2.45 2.49 10.94
C THR A 32 -2.13 3.61 9.95
N LEU A 33 -3.10 3.92 9.09
CA LEU A 33 -2.91 4.88 8.00
C LEU A 33 -2.43 6.23 8.53
N CYS A 34 -3.07 6.73 9.58
CA CYS A 34 -2.74 8.04 10.12
C CYS A 34 -1.30 8.11 10.61
N LEU A 35 -0.87 7.11 11.39
CA LEU A 35 0.45 7.14 12.00
C LEU A 35 1.56 6.91 10.96
N ILE A 36 1.36 5.95 10.06
CA ILE A 36 2.38 5.64 9.06
C ILE A 36 2.53 6.77 8.05
N ALA A 37 1.44 7.49 7.81
CA ALA A 37 1.47 8.65 6.94
C ALA A 37 2.34 9.74 7.53
N ALA A 38 2.20 9.96 8.84
CA ALA A 38 3.02 10.93 9.55
C ALA A 38 4.46 10.45 9.63
N GLU A 39 4.65 9.14 9.75
CA GLU A 39 5.97 8.54 9.82
C GLU A 39 6.68 8.62 8.47
N ALA A 40 5.91 8.62 7.39
CA ALA A 40 6.45 8.69 6.04
C ALA A 40 6.43 10.12 5.50
N GLY A 41 5.93 11.05 6.32
CA GLY A 41 5.87 12.45 5.94
C GLY A 41 4.99 12.69 4.74
N LEU A 42 3.85 12.02 4.70
CA LEU A 42 2.95 12.12 3.57
C LEU A 42 1.50 12.13 4.07
N THR A 43 0.54 12.36 3.17
CA THR A 43 -0.85 12.49 3.58
C THR A 43 -1.57 11.13 3.62
N GLU A 44 -2.58 11.05 4.48
CA GLU A 44 -3.32 9.80 4.73
C GLU A 44 -3.99 9.27 3.47
N GLU A 45 -4.66 10.16 2.74
CA GLU A 45 -5.41 9.78 1.55
C GLU A 45 -4.51 9.07 0.53
N GLN A 46 -3.27 9.54 0.41
CA GLN A 46 -2.34 8.96 -0.54
C GLN A 46 -1.87 7.59 -0.06
N THR A 47 -1.70 7.45 1.25
CA THR A 47 -1.28 6.17 1.83
C THR A 47 -2.35 5.11 1.59
N GLN A 48 -3.58 5.45 1.93
CA GLN A 48 -4.70 4.53 1.79
C GLN A 48 -4.88 4.12 0.33
N LYS A 49 -4.87 5.10 -0.57
CA LYS A 49 -5.08 4.86 -1.99
C LYS A 49 -3.98 3.96 -2.56
N TRP A 50 -2.75 4.15 -2.10
CA TRP A 50 -1.62 3.37 -2.58
C TRP A 50 -1.65 1.96 -2.02
N PHE A 51 -1.81 1.85 -0.70
CA PHE A 51 -1.80 0.54 -0.02
C PHE A 51 -2.88 -0.37 -0.61
N LYS A 52 -4.05 0.21 -0.85
CA LYS A 52 -5.19 -0.53 -1.38
C LYS A 52 -4.88 -1.08 -2.78
N GLN A 53 -4.07 -0.36 -3.53
CA GLN A 53 -3.75 -0.76 -4.90
C GLN A 53 -2.83 -1.98 -4.89
N ARG A 54 -1.95 -2.06 -3.91
CA ARG A 54 -0.99 -3.18 -3.82
C ARG A 54 -1.70 -4.47 -3.44
N LEU A 55 -2.81 -4.33 -2.73
CA LEU A 55 -3.59 -5.48 -2.27
C LEU A 55 -3.96 -6.41 -3.43
N ALA A 56 -4.39 -5.82 -4.54
CA ALA A 56 -4.81 -6.59 -5.70
C ALA A 56 -3.62 -7.17 -6.45
N GLU A 57 -2.50 -6.45 -6.42
CA GLU A 57 -1.32 -6.85 -7.18
C GLU A 57 -0.51 -7.91 -6.45
N TRP A 58 -0.34 -7.73 -5.15
CA TRP A 58 0.53 -8.57 -4.33
C TRP A 58 0.15 -10.05 -4.45
N ARG A 59 -1.15 -10.33 -4.46
CA ARG A 59 -1.62 -11.71 -4.52
C ARG A 59 -1.23 -12.38 -5.84
N ARG A 60 -1.10 -11.58 -6.88
CA ARG A 60 -0.78 -12.11 -8.22
C ARG A 60 0.72 -12.40 -8.34
N SER A 61 1.54 -11.51 -7.78
CA SER A 61 2.98 -11.70 -7.80
C SER A 61 3.38 -12.90 -6.97
N GLU A 62 2.72 -13.07 -5.83
CA GLU A 62 2.97 -14.21 -4.96
C GLU A 62 2.47 -15.49 -5.60
N GLY A 63 1.36 -15.39 -6.32
CA GLY A 63 0.77 -16.56 -6.98
C GLY A 63 0.24 -17.56 -5.99
N LEU A 64 -0.35 -17.06 -4.91
CA LEU A 64 -0.87 -17.92 -3.87
C LEU A 64 -2.30 -18.36 -4.19
N PRO A 65 -2.50 -19.67 -4.40
CA PRO A 65 -3.81 -20.22 -4.73
C PRO A 65 -4.75 -20.18 -3.53
N SER A 66 -5.63 -19.19 -3.50
CA SER A 66 -6.55 -19.00 -2.40
C SER A 66 -7.98 -19.22 -2.85
N GLU A 67 -8.49 -18.26 -3.61
CA GLU A 67 -9.81 -18.35 -4.19
C GLU A 67 -9.82 -17.58 -5.50
N CYS A 68 -10.90 -17.71 -6.27
CA CYS A 68 -10.97 -17.12 -7.60
C CYS A 68 -9.86 -17.69 -8.49
N ARG A 69 -9.40 -16.92 -9.45
CA ARG A 69 -8.35 -17.38 -10.34
C ARG A 69 -6.97 -17.07 -9.77
N SER A 70 -6.44 -18.00 -9.00
CA SER A 70 -5.07 -17.91 -8.51
C SER A 70 -4.24 -19.01 -9.16
N VAL A 71 -3.58 -18.65 -10.25
CA VAL A 71 -2.91 -19.63 -11.08
C VAL A 71 -1.52 -19.99 -10.56
N THR A 72 -1.43 -21.18 -9.95
CA THR A 72 -0.14 -21.74 -9.55
C THR A 72 0.80 -21.83 -10.75
N ASP A 73 1.93 -21.16 -10.65
CA ASP A 73 2.90 -21.12 -11.74
C ASP A 73 3.61 -22.47 -11.90
N MET A 1 -12.91 15.75 -1.88
CA MET A 1 -13.22 17.17 -2.11
C MET A 1 -12.10 17.84 -2.92
N SER A 2 -10.86 17.60 -2.52
CA SER A 2 -9.71 18.12 -3.24
C SER A 2 -9.54 17.40 -4.58
N ALA A 3 -8.95 18.09 -5.55
CA ALA A 3 -8.79 17.54 -6.89
C ALA A 3 -7.80 16.38 -6.88
N GLN A 4 -8.01 15.42 -7.77
CA GLN A 4 -7.16 14.24 -7.84
C GLN A 4 -6.70 13.99 -9.26
N THR A 5 -5.41 13.73 -9.41
CA THR A 5 -4.83 13.43 -10.71
C THR A 5 -4.03 12.13 -10.65
N VAL A 6 -2.90 12.08 -11.34
CA VAL A 6 -2.02 10.93 -11.27
C VAL A 6 -0.91 11.19 -10.26
N SER A 7 -0.91 12.41 -9.72
CA SER A 7 0.05 12.82 -8.72
C SER A 7 -0.15 12.06 -7.40
N GLY A 8 0.86 12.12 -6.55
CA GLY A 8 0.81 11.41 -5.28
C GLY A 8 2.15 11.36 -4.61
N PRO A 9 2.55 10.20 -4.08
CA PRO A 9 3.84 10.06 -3.39
C PRO A 9 5.03 10.11 -4.35
N THR A 10 6.04 10.85 -3.96
CA THR A 10 7.25 10.99 -4.75
C THR A 10 8.18 9.79 -4.53
N GLU A 11 9.34 9.80 -5.18
CA GLU A 11 10.27 8.66 -5.14
C GLU A 11 10.64 8.26 -3.72
N ASP A 12 11.04 9.23 -2.90
CA ASP A 12 11.48 8.95 -1.54
C ASP A 12 10.30 8.48 -0.69
N GLN A 13 9.13 9.02 -0.98
CA GLN A 13 7.91 8.62 -0.28
C GLN A 13 7.53 7.20 -0.65
N VAL A 14 7.68 6.88 -1.93
CA VAL A 14 7.42 5.51 -2.41
C VAL A 14 8.41 4.55 -1.76
N GLU A 15 9.64 5.01 -1.58
CA GLU A 15 10.67 4.23 -0.91
C GLU A 15 10.23 3.88 0.51
N ILE A 16 9.75 4.89 1.22
CA ILE A 16 9.22 4.71 2.57
C ILE A 16 7.99 3.81 2.55
N LEU A 17 7.19 3.97 1.51
CA LEU A 17 5.96 3.22 1.35
C LEU A 17 6.24 1.74 1.15
N GLU A 18 7.12 1.43 0.20
CA GLU A 18 7.47 0.05 -0.12
C GLU A 18 8.05 -0.65 1.10
N TYR A 19 8.96 0.02 1.80
CA TYR A 19 9.54 -0.51 3.02
C TYR A 19 8.45 -0.80 4.05
N ASN A 20 7.56 0.16 4.23
CA ASN A 20 6.52 0.05 5.24
C ASN A 20 5.55 -1.07 4.91
N PHE A 21 5.06 -1.10 3.67
CA PHE A 21 4.12 -2.15 3.25
C PHE A 21 4.75 -3.53 3.43
N ASN A 22 6.02 -3.65 3.04
CA ASN A 22 6.73 -4.91 3.14
C ASN A 22 6.87 -5.34 4.60
N LYS A 23 6.87 -4.37 5.50
CA LYS A 23 7.06 -4.63 6.92
C LYS A 23 5.72 -4.93 7.61
N VAL A 24 4.64 -4.40 7.07
CA VAL A 24 3.32 -4.59 7.68
C VAL A 24 2.52 -5.72 7.02
N ASN A 25 2.41 -5.66 5.69
CA ASN A 25 1.58 -6.60 4.94
C ASN A 25 0.16 -6.59 5.51
N LYS A 26 -0.53 -5.47 5.34
CA LYS A 26 -1.81 -5.25 5.98
C LYS A 26 -2.96 -5.64 5.06
N HIS A 27 -4.10 -5.01 5.29
CA HIS A 27 -5.33 -5.31 4.58
C HIS A 27 -6.06 -3.99 4.28
N PRO A 28 -7.34 -4.01 3.85
CA PRO A 28 -8.14 -2.78 3.72
C PRO A 28 -8.45 -2.11 5.07
N ASP A 29 -7.39 -1.82 5.82
CA ASP A 29 -7.52 -1.19 7.13
C ASP A 29 -7.02 0.26 7.09
N PRO A 30 -7.73 1.17 7.75
CA PRO A 30 -7.32 2.57 7.91
C PRO A 30 -6.26 2.74 8.98
N THR A 31 -6.21 1.79 9.91
CA THR A 31 -5.37 1.89 11.11
C THR A 31 -3.89 2.07 10.78
N THR A 32 -3.37 1.23 9.90
CA THR A 32 -1.96 1.27 9.55
C THR A 32 -1.62 2.52 8.74
N LEU A 33 -2.59 3.02 8.01
CA LEU A 33 -2.36 4.18 7.13
C LEU A 33 -1.99 5.42 7.93
N CYS A 34 -2.65 5.62 9.06
CA CYS A 34 -2.43 6.79 9.89
C CYS A 34 -0.98 6.88 10.37
N LEU A 35 -0.46 5.79 10.94
CA LEU A 35 0.88 5.80 11.51
C LEU A 35 1.94 5.97 10.40
N ILE A 36 1.71 5.32 9.27
CA ILE A 36 2.66 5.38 8.16
C ILE A 36 2.66 6.78 7.53
N ALA A 37 1.48 7.37 7.40
CA ALA A 37 1.35 8.72 6.86
C ALA A 37 2.16 9.70 7.70
N ALA A 38 1.96 9.63 9.02
CA ALA A 38 2.69 10.49 9.94
C ALA A 38 4.19 10.23 9.87
N GLU A 39 4.57 8.96 9.83
CA GLU A 39 5.96 8.55 9.77
C GLU A 39 6.63 9.06 8.50
N ALA A 40 5.96 8.89 7.37
CA ALA A 40 6.51 9.27 6.08
C ALA A 40 6.39 10.76 5.83
N GLY A 41 5.58 11.44 6.64
CA GLY A 41 5.38 12.86 6.47
C GLY A 41 4.49 13.19 5.29
N LEU A 42 3.59 12.27 4.98
CA LEU A 42 2.70 12.42 3.84
C LEU A 42 1.26 12.28 4.30
N THR A 43 0.32 12.63 3.43
CA THR A 43 -1.08 12.64 3.82
C THR A 43 -1.73 11.29 3.57
N GLU A 44 -2.63 10.93 4.49
CA GLU A 44 -3.30 9.62 4.48
C GLU A 44 -3.91 9.29 3.12
N GLU A 45 -4.50 10.30 2.47
CA GLU A 45 -5.17 10.10 1.19
C GLU A 45 -4.25 9.43 0.17
N GLN A 46 -3.03 9.93 0.05
CA GLN A 46 -2.07 9.37 -0.89
C GLN A 46 -1.55 8.02 -0.40
N THR A 47 -1.43 7.88 0.91
CA THR A 47 -0.94 6.64 1.51
C THR A 47 -1.94 5.50 1.26
N GLN A 48 -3.21 5.79 1.51
CA GLN A 48 -4.27 4.80 1.31
C GLN A 48 -4.32 4.33 -0.13
N LYS A 49 -4.22 5.29 -1.05
CA LYS A 49 -4.26 5.01 -2.48
C LYS A 49 -3.16 4.03 -2.88
N TRP A 50 -1.96 4.26 -2.36
CA TRP A 50 -0.81 3.45 -2.70
C TRP A 50 -0.89 2.06 -2.08
N PHE A 51 -1.16 2.01 -0.78
CA PHE A 51 -1.20 0.73 -0.06
C PHE A 51 -2.31 -0.15 -0.61
N LYS A 52 -3.36 0.49 -1.14
CA LYS A 52 -4.49 -0.22 -1.73
C LYS A 52 -4.06 -0.97 -2.99
N GLN A 53 -3.24 -0.33 -3.81
CA GLN A 53 -2.80 -0.93 -5.07
C GLN A 53 -1.85 -2.09 -4.81
N ARG A 54 -1.14 -2.03 -3.69
CA ARG A 54 -0.22 -3.10 -3.33
C ARG A 54 -1.00 -4.28 -2.75
N LEU A 55 -2.06 -3.97 -2.02
CA LEU A 55 -2.95 -5.00 -1.44
C LEU A 55 -3.47 -5.91 -2.54
N ALA A 56 -3.83 -5.31 -3.67
CA ALA A 56 -4.30 -6.07 -4.82
C ALA A 56 -3.21 -6.98 -5.36
N GLU A 57 -2.06 -6.41 -5.66
CA GLU A 57 -0.94 -7.15 -6.24
C GLU A 57 -0.48 -8.27 -5.34
N TRP A 58 -0.37 -7.98 -4.04
CA TRP A 58 0.09 -8.96 -3.06
C TRP A 58 -0.87 -10.15 -3.03
N ARG A 59 -2.16 -9.86 -2.99
CA ARG A 59 -3.18 -10.90 -2.90
C ARG A 59 -3.25 -11.73 -4.18
N ARG A 60 -2.74 -11.18 -5.27
CA ARG A 60 -2.66 -11.91 -6.53
C ARG A 60 -1.52 -12.94 -6.48
N SER A 61 -0.32 -12.45 -6.25
CA SER A 61 0.88 -13.28 -6.28
C SER A 61 1.00 -14.17 -5.04
N GLU A 62 0.82 -13.59 -3.86
CA GLU A 62 0.99 -14.34 -2.62
C GLU A 62 -0.34 -14.94 -2.16
N GLY A 63 -1.42 -14.20 -2.38
CA GLY A 63 -2.73 -14.67 -1.99
C GLY A 63 -3.02 -14.39 -0.53
N LEU A 64 -3.64 -15.33 0.15
CA LEU A 64 -3.93 -15.20 1.57
C LEU A 64 -3.21 -16.27 2.37
N PRO A 65 -2.49 -15.88 3.42
CA PRO A 65 -1.70 -16.81 4.24
C PRO A 65 -2.57 -17.76 5.09
N SER A 66 -3.62 -17.22 5.69
CA SER A 66 -4.48 -18.00 6.57
C SER A 66 -5.42 -18.90 5.77
N GLU A 67 -4.97 -20.12 5.51
CA GLU A 67 -5.78 -21.10 4.81
C GLU A 67 -6.68 -21.86 5.79
N CYS A 68 -6.14 -22.92 6.38
CA CYS A 68 -6.88 -23.72 7.34
C CYS A 68 -6.52 -23.30 8.76
N ARG A 69 -5.23 -23.16 9.01
CA ARG A 69 -4.73 -22.71 10.30
C ARG A 69 -4.38 -21.22 10.21
N SER A 70 -4.21 -20.58 11.35
CA SER A 70 -3.86 -19.16 11.37
C SER A 70 -2.42 -18.93 10.94
N VAL A 71 -2.20 -18.88 9.64
CA VAL A 71 -0.89 -18.56 9.09
C VAL A 71 -0.84 -17.09 8.72
N THR A 72 0.33 -16.49 8.88
CA THR A 72 0.48 -15.06 8.65
C THR A 72 1.51 -14.81 7.56
N ASP A 73 1.35 -13.69 6.87
CA ASP A 73 2.33 -13.25 5.90
C ASP A 73 2.72 -11.82 6.21
N MET A 1 -12.15 19.02 -11.91
CA MET A 1 -11.47 20.12 -11.23
C MET A 1 -10.03 20.25 -11.73
N SER A 2 -9.53 21.47 -11.78
CA SER A 2 -8.18 21.73 -12.26
C SER A 2 -7.13 21.07 -11.38
N ALA A 3 -7.49 20.83 -10.12
CA ALA A 3 -6.57 20.24 -9.16
C ALA A 3 -6.92 18.78 -8.89
N GLN A 4 -6.25 17.89 -9.58
CA GLN A 4 -6.44 16.46 -9.38
C GLN A 4 -5.25 15.87 -8.66
N THR A 5 -5.29 15.90 -7.34
CA THR A 5 -4.20 15.41 -6.52
C THR A 5 -4.63 14.15 -5.78
N VAL A 6 -4.83 13.07 -6.53
CA VAL A 6 -5.22 11.79 -5.94
C VAL A 6 -4.03 11.17 -5.22
N SER A 7 -2.91 11.06 -5.93
CA SER A 7 -1.69 10.49 -5.37
C SER A 7 -0.48 10.90 -6.19
N GLY A 8 0.57 11.33 -5.52
CA GLY A 8 1.81 11.64 -6.19
C GLY A 8 3.02 11.23 -5.37
N PRO A 9 3.21 9.93 -5.13
CA PRO A 9 4.31 9.42 -4.32
C PRO A 9 5.55 9.11 -5.16
N THR A 10 6.59 9.90 -4.96
CA THR A 10 7.85 9.69 -5.65
C THR A 10 8.64 8.57 -4.98
N GLU A 11 9.69 8.09 -5.64
CA GLU A 11 10.46 6.94 -5.15
C GLU A 11 11.01 7.15 -3.74
N ASP A 12 11.40 8.38 -3.43
CA ASP A 12 11.92 8.70 -2.11
C ASP A 12 10.83 8.55 -1.04
N GLN A 13 9.62 8.95 -1.41
CA GLN A 13 8.46 8.80 -0.55
C GLN A 13 8.03 7.33 -0.50
N VAL A 14 8.16 6.66 -1.63
CA VAL A 14 7.80 5.25 -1.76
C VAL A 14 8.68 4.37 -0.89
N GLU A 15 9.91 4.82 -0.65
CA GLU A 15 10.85 4.12 0.22
C GLU A 15 10.21 3.80 1.56
N ILE A 16 9.60 4.82 2.17
CA ILE A 16 8.91 4.64 3.44
C ILE A 16 7.65 3.79 3.24
N LEU A 17 6.95 4.05 2.15
CA LEU A 17 5.71 3.35 1.85
C LEU A 17 5.91 1.84 1.76
N GLU A 18 6.93 1.43 0.99
CA GLU A 18 7.25 0.02 0.82
C GLU A 18 7.61 -0.60 2.16
N TYR A 19 8.33 0.15 2.98
CA TYR A 19 8.70 -0.30 4.31
C TYR A 19 7.44 -0.53 5.15
N ASN A 20 6.53 0.43 5.12
CA ASN A 20 5.26 0.33 5.83
C ASN A 20 4.47 -0.90 5.38
N PHE A 21 4.26 -1.03 4.07
CA PHE A 21 3.48 -2.13 3.51
C PHE A 21 4.13 -3.48 3.82
N ASN A 22 5.44 -3.55 3.69
CA ASN A 22 6.16 -4.80 3.92
C ASN A 22 6.15 -5.18 5.39
N LYS A 23 6.29 -4.18 6.26
CA LYS A 23 6.36 -4.42 7.70
C LYS A 23 4.97 -4.56 8.32
N VAL A 24 3.96 -4.07 7.63
CA VAL A 24 2.58 -4.17 8.10
C VAL A 24 2.02 -5.56 7.84
N ASN A 25 2.81 -6.34 7.13
CA ASN A 25 2.47 -7.72 6.78
C ASN A 25 1.43 -7.73 5.66
N LYS A 26 1.73 -6.93 4.62
CA LYS A 26 0.91 -6.86 3.40
C LYS A 26 -0.40 -6.10 3.65
N HIS A 27 -1.19 -6.55 4.62
CA HIS A 27 -2.49 -5.94 4.88
C HIS A 27 -2.39 -4.78 5.86
N PRO A 28 -2.61 -3.55 5.38
CA PRO A 28 -2.58 -2.37 6.23
C PRO A 28 -3.90 -2.17 6.97
N ASP A 29 -3.85 -1.46 8.09
CA ASP A 29 -5.04 -1.20 8.88
C ASP A 29 -5.35 0.30 8.86
N PRO A 30 -6.59 0.69 9.18
CA PRO A 30 -6.97 2.11 9.28
C PRO A 30 -6.07 2.86 10.27
N THR A 31 -5.70 2.16 11.34
CA THR A 31 -4.78 2.70 12.33
C THR A 31 -3.40 2.94 11.72
N THR A 32 -2.95 1.99 10.90
CA THR A 32 -1.66 2.10 10.24
C THR A 32 -1.62 3.31 9.33
N LEU A 33 -2.67 3.46 8.51
CA LEU A 33 -2.72 4.52 7.51
C LEU A 33 -2.51 5.89 8.14
N CYS A 34 -3.08 6.09 9.32
CA CYS A 34 -2.94 7.34 10.02
C CYS A 34 -1.51 7.56 10.51
N LEU A 35 -0.98 6.56 11.22
CA LEU A 35 0.34 6.71 11.85
C LEU A 35 1.46 6.75 10.83
N ILE A 36 1.33 5.98 9.75
CA ILE A 36 2.38 5.93 8.73
C ILE A 36 2.33 7.18 7.86
N ALA A 37 1.13 7.70 7.61
CA ALA A 37 0.99 8.91 6.82
C ALA A 37 1.60 10.10 7.55
N ALA A 38 1.33 10.17 8.85
CA ALA A 38 1.89 11.22 9.69
C ALA A 38 3.42 11.11 9.75
N GLU A 39 3.91 9.90 9.98
CA GLU A 39 5.35 9.66 10.10
C GLU A 39 6.08 9.94 8.79
N ALA A 40 5.44 9.58 7.68
CA ALA A 40 6.05 9.77 6.37
C ALA A 40 5.88 11.20 5.86
N GLY A 41 4.88 11.90 6.40
CA GLY A 41 4.58 13.25 5.95
C GLY A 41 3.77 13.25 4.68
N LEU A 42 2.89 12.27 4.56
CA LEU A 42 2.10 12.07 3.38
C LEU A 42 0.63 12.01 3.76
N THR A 43 -0.27 12.37 2.85
CA THR A 43 -1.68 12.44 3.18
C THR A 43 -2.38 11.08 3.00
N GLU A 44 -3.45 10.90 3.77
CA GLU A 44 -4.21 9.66 3.84
C GLU A 44 -4.61 9.13 2.46
N GLU A 45 -5.13 10.03 1.62
CA GLU A 45 -5.62 9.65 0.29
C GLU A 45 -4.54 8.95 -0.52
N GLN A 46 -3.33 9.46 -0.43
CA GLN A 46 -2.21 8.92 -1.20
C GLN A 46 -1.77 7.58 -0.63
N THR A 47 -1.68 7.49 0.70
CA THR A 47 -1.28 6.25 1.36
C THR A 47 -2.25 5.12 1.01
N GLN A 48 -3.54 5.41 1.13
CA GLN A 48 -4.56 4.41 0.87
C GLN A 48 -4.54 3.94 -0.58
N LYS A 49 -4.27 4.86 -1.50
CA LYS A 49 -4.24 4.54 -2.93
C LYS A 49 -3.03 3.68 -3.26
N TRP A 50 -1.87 4.08 -2.77
CA TRP A 50 -0.63 3.35 -3.04
C TRP A 50 -0.69 1.96 -2.42
N PHE A 51 -1.11 1.88 -1.17
CA PHE A 51 -1.19 0.59 -0.47
C PHE A 51 -2.18 -0.32 -1.19
N LYS A 52 -3.27 0.27 -1.69
CA LYS A 52 -4.28 -0.49 -2.42
C LYS A 52 -3.71 -1.07 -3.71
N GLN A 53 -2.84 -0.30 -4.37
CA GLN A 53 -2.19 -0.75 -5.59
C GLN A 53 -1.36 -2.01 -5.32
N ARG A 54 -0.64 -2.00 -4.19
CA ARG A 54 0.18 -3.13 -3.81
C ARG A 54 -0.69 -4.28 -3.31
N LEU A 55 -1.82 -3.93 -2.70
CA LEU A 55 -2.78 -4.94 -2.26
C LEU A 55 -3.36 -5.68 -3.46
N ALA A 56 -3.58 -4.94 -4.55
CA ALA A 56 -4.03 -5.52 -5.79
C ALA A 56 -3.01 -6.55 -6.29
N GLU A 57 -1.74 -6.16 -6.26
CA GLU A 57 -0.67 -7.07 -6.64
C GLU A 57 -0.65 -8.31 -5.76
N TRP A 58 -0.79 -8.10 -4.45
CA TRP A 58 -0.85 -9.19 -3.48
C TRP A 58 -1.99 -10.15 -3.83
N ARG A 59 -3.17 -9.59 -4.08
CA ARG A 59 -4.35 -10.39 -4.42
C ARG A 59 -4.14 -11.13 -5.73
N ARG A 60 -3.51 -10.47 -6.69
CA ARG A 60 -3.24 -11.06 -8.01
C ARG A 60 -2.30 -12.25 -7.87
N SER A 61 -1.15 -12.00 -7.26
CA SER A 61 -0.12 -13.02 -7.11
C SER A 61 -0.62 -14.24 -6.34
N GLU A 62 -1.26 -14.01 -5.21
CA GLU A 62 -1.76 -15.08 -4.37
C GLU A 62 -2.97 -15.76 -5.00
N GLY A 63 -3.77 -14.97 -5.71
CA GLY A 63 -4.98 -15.50 -6.31
C GLY A 63 -6.04 -15.76 -5.27
N LEU A 64 -6.31 -14.76 -4.45
CA LEU A 64 -7.28 -14.89 -3.37
C LEU A 64 -8.42 -13.89 -3.54
N PRO A 65 -9.64 -14.28 -3.16
CA PRO A 65 -10.81 -13.41 -3.22
C PRO A 65 -10.99 -12.59 -1.94
N SER A 66 -12.23 -12.27 -1.63
CA SER A 66 -12.57 -11.56 -0.42
C SER A 66 -13.40 -12.45 0.49
N GLU A 67 -14.66 -12.66 0.12
CA GLU A 67 -15.52 -13.59 0.82
C GLU A 67 -15.37 -14.98 0.22
N CYS A 68 -16.05 -15.97 0.79
CA CYS A 68 -15.95 -17.35 0.34
C CYS A 68 -16.76 -17.57 -0.94
N ARG A 69 -16.34 -16.92 -2.01
CA ARG A 69 -16.98 -17.05 -3.31
C ARG A 69 -15.97 -17.62 -4.31
N SER A 70 -16.36 -17.68 -5.57
CA SER A 70 -15.47 -18.10 -6.64
C SER A 70 -14.24 -17.20 -6.67
N VAL A 71 -13.11 -17.76 -7.08
CA VAL A 71 -11.85 -17.04 -7.05
C VAL A 71 -11.87 -15.82 -7.99
N THR A 72 -11.30 -14.73 -7.51
CA THR A 72 -11.24 -13.49 -8.27
C THR A 72 -10.08 -13.51 -9.27
N ASP A 73 -9.92 -12.42 -10.01
CA ASP A 73 -8.84 -12.23 -10.96
C ASP A 73 -9.05 -13.07 -12.22
N MET A 1 -9.19 6.59 -11.55
CA MET A 1 -9.56 8.01 -11.68
C MET A 1 -10.30 8.53 -10.44
N SER A 2 -10.44 7.68 -9.44
CA SER A 2 -11.12 8.06 -8.21
C SER A 2 -10.22 8.96 -7.37
N ALA A 3 -10.84 10.00 -6.79
CA ALA A 3 -10.11 11.04 -6.05
C ALA A 3 -9.27 11.88 -7.00
N GLN A 4 -8.08 11.40 -7.32
CA GLN A 4 -7.18 12.09 -8.24
C GLN A 4 -6.58 11.09 -9.22
N THR A 5 -6.31 11.54 -10.42
CA THR A 5 -5.67 10.70 -11.42
C THR A 5 -4.28 10.29 -10.96
N VAL A 6 -3.55 11.26 -10.43
CA VAL A 6 -2.23 11.01 -9.88
C VAL A 6 -2.29 11.10 -8.36
N SER A 7 -2.88 10.09 -7.73
CA SER A 7 -2.97 10.04 -6.28
C SER A 7 -1.77 9.30 -5.70
N GLY A 8 -0.83 8.96 -6.56
CA GLY A 8 0.35 8.23 -6.14
C GLY A 8 1.44 9.16 -5.62
N PRO A 9 2.08 8.78 -4.53
CA PRO A 9 3.18 9.55 -3.94
C PRO A 9 4.44 9.52 -4.82
N THR A 10 5.35 10.43 -4.56
CA THR A 10 6.56 10.55 -5.35
C THR A 10 7.56 9.45 -5.02
N GLU A 11 8.63 9.37 -5.81
CA GLU A 11 9.65 8.32 -5.68
C GLU A 11 10.19 8.24 -4.26
N ASP A 12 10.45 9.41 -3.68
CA ASP A 12 10.97 9.50 -2.31
C ASP A 12 10.04 8.81 -1.33
N GLN A 13 8.75 9.06 -1.48
CA GLN A 13 7.74 8.52 -0.58
C GLN A 13 7.54 7.03 -0.84
N VAL A 14 7.64 6.64 -2.11
CA VAL A 14 7.51 5.25 -2.50
C VAL A 14 8.52 4.38 -1.76
N GLU A 15 9.70 4.94 -1.51
CA GLU A 15 10.75 4.23 -0.79
C GLU A 15 10.33 3.95 0.65
N ILE A 16 9.78 4.98 1.29
CA ILE A 16 9.29 4.86 2.66
C ILE A 16 8.07 3.95 2.71
N LEU A 17 7.27 4.01 1.65
CA LEU A 17 6.03 3.26 1.56
C LEU A 17 6.28 1.76 1.40
N GLU A 18 7.15 1.42 0.44
CA GLU A 18 7.42 0.02 0.12
C GLU A 18 7.97 -0.72 1.33
N TYR A 19 8.85 -0.07 2.08
CA TYR A 19 9.40 -0.68 3.30
C TYR A 19 8.28 -0.96 4.29
N ASN A 20 7.34 -0.01 4.42
CA ASN A 20 6.26 -0.15 5.37
C ASN A 20 5.32 -1.28 4.97
N PHE A 21 4.86 -1.26 3.72
CA PHE A 21 3.95 -2.29 3.24
C PHE A 21 4.59 -3.67 3.37
N ASN A 22 5.87 -3.75 3.05
CA ASN A 22 6.61 -5.01 3.12
C ASN A 22 6.62 -5.56 4.54
N LYS A 23 6.84 -4.67 5.50
CA LYS A 23 6.91 -5.05 6.91
C LYS A 23 5.53 -5.08 7.56
N VAL A 24 4.50 -4.82 6.76
CA VAL A 24 3.14 -4.73 7.28
C VAL A 24 2.25 -5.84 6.74
N ASN A 25 1.90 -5.76 5.45
CA ASN A 25 0.94 -6.68 4.82
C ASN A 25 -0.41 -6.59 5.51
N LYS A 26 -1.32 -5.79 4.95
CA LYS A 26 -2.57 -5.48 5.61
C LYS A 26 -3.75 -5.64 4.66
N HIS A 27 -4.81 -4.97 5.03
CA HIS A 27 -6.06 -4.92 4.27
C HIS A 27 -6.57 -3.48 4.35
N PRO A 28 -7.73 -3.16 3.75
CA PRO A 28 -8.38 -1.86 3.99
C PRO A 28 -8.55 -1.59 5.49
N ASP A 29 -7.67 -0.77 6.04
CA ASP A 29 -7.66 -0.52 7.48
C ASP A 29 -7.11 0.87 7.78
N PRO A 30 -7.77 1.59 8.68
CA PRO A 30 -7.40 2.92 9.10
C PRO A 30 -6.25 2.93 10.11
N THR A 31 -6.25 1.94 11.00
CA THR A 31 -5.35 1.90 12.15
C THR A 31 -3.89 2.04 11.74
N THR A 32 -3.46 1.24 10.77
CA THR A 32 -2.08 1.26 10.33
C THR A 32 -1.73 2.56 9.61
N LEU A 33 -2.73 3.16 8.97
CA LEU A 33 -2.52 4.32 8.12
C LEU A 33 -2.07 5.54 8.90
N CYS A 34 -2.70 5.79 10.05
CA CYS A 34 -2.43 6.99 10.84
C CYS A 34 -0.94 7.14 11.16
N LEU A 35 -0.32 6.05 11.60
CA LEU A 35 1.07 6.11 12.02
C LEU A 35 2.02 6.15 10.81
N ILE A 36 1.77 5.31 9.82
CA ILE A 36 2.67 5.21 8.67
C ILE A 36 2.66 6.48 7.83
N ALA A 37 1.51 7.14 7.78
CA ALA A 37 1.39 8.41 7.05
C ALA A 37 2.23 9.48 7.73
N ALA A 38 2.18 9.50 9.06
CA ALA A 38 2.96 10.44 9.84
C ALA A 38 4.45 10.12 9.73
N GLU A 39 4.78 8.84 9.76
CA GLU A 39 6.16 8.40 9.65
C GLU A 39 6.75 8.69 8.27
N ALA A 40 5.88 8.69 7.26
CA ALA A 40 6.30 9.02 5.90
C ALA A 40 6.28 10.53 5.68
N GLY A 41 5.50 11.23 6.49
CA GLY A 41 5.40 12.67 6.38
C GLY A 41 4.59 13.09 5.17
N LEU A 42 3.61 12.28 4.81
CA LEU A 42 2.82 12.53 3.62
C LEU A 42 1.33 12.31 3.94
N THR A 43 0.46 12.78 3.06
CA THR A 43 -0.97 12.78 3.35
C THR A 43 -1.57 11.38 3.26
N GLU A 44 -2.65 11.18 4.01
CA GLU A 44 -3.31 9.89 4.13
C GLU A 44 -3.81 9.37 2.77
N GLU A 45 -4.42 10.25 2.00
CA GLU A 45 -5.03 9.88 0.72
C GLU A 45 -4.05 9.12 -0.18
N GLN A 46 -2.86 9.67 -0.35
CA GLN A 46 -1.84 9.06 -1.19
C GLN A 46 -1.38 7.73 -0.60
N THR A 47 -1.11 7.75 0.70
CA THR A 47 -0.68 6.56 1.42
C THR A 47 -1.72 5.45 1.31
N GLN A 48 -2.98 5.80 1.50
CA GLN A 48 -4.07 4.84 1.48
C GLN A 48 -4.24 4.25 0.09
N LYS A 49 -4.21 5.11 -0.92
CA LYS A 49 -4.34 4.68 -2.30
C LYS A 49 -3.19 3.77 -2.70
N TRP A 50 -1.98 4.16 -2.31
CA TRP A 50 -0.79 3.39 -2.63
C TRP A 50 -0.82 2.02 -1.98
N PHE A 51 -1.13 1.98 -0.68
CA PHE A 51 -1.15 0.72 0.06
C PHE A 51 -2.25 -0.20 -0.48
N LYS A 52 -3.29 0.39 -1.04
CA LYS A 52 -4.36 -0.38 -1.67
C LYS A 52 -3.92 -0.88 -3.04
N GLN A 53 -3.09 -0.09 -3.71
CA GLN A 53 -2.57 -0.45 -5.02
C GLN A 53 -1.70 -1.70 -4.92
N ARG A 54 -0.77 -1.70 -3.96
CA ARG A 54 0.13 -2.83 -3.77
C ARG A 54 -0.64 -4.05 -3.30
N LEU A 55 -1.78 -3.80 -2.66
CA LEU A 55 -2.63 -4.87 -2.15
C LEU A 55 -3.18 -5.73 -3.29
N ALA A 56 -3.52 -5.07 -4.40
CA ALA A 56 -4.06 -5.75 -5.56
C ALA A 56 -3.04 -6.71 -6.17
N GLU A 57 -1.77 -6.32 -6.13
CA GLU A 57 -0.70 -7.14 -6.66
C GLU A 57 -0.30 -8.21 -5.64
N TRP A 58 -0.21 -7.79 -4.37
CA TRP A 58 0.21 -8.66 -3.29
C TRP A 58 -0.65 -9.92 -3.22
N ARG A 59 -1.96 -9.74 -3.33
CA ARG A 59 -2.88 -10.86 -3.21
C ARG A 59 -2.71 -11.87 -4.34
N ARG A 60 -2.11 -11.42 -5.44
CA ARG A 60 -1.86 -12.31 -6.58
C ARG A 60 -0.63 -13.16 -6.33
N SER A 61 0.50 -12.50 -6.08
CA SER A 61 1.78 -13.17 -5.95
C SER A 61 1.84 -14.07 -4.71
N GLU A 62 1.07 -13.73 -3.69
CA GLU A 62 1.06 -14.51 -2.46
C GLU A 62 0.19 -15.76 -2.60
N GLY A 63 -0.32 -15.99 -3.81
CA GLY A 63 -1.09 -17.19 -4.08
C GLY A 63 -2.44 -17.19 -3.40
N LEU A 64 -3.04 -16.01 -3.31
CA LEU A 64 -4.35 -15.89 -2.71
C LEU A 64 -5.41 -15.76 -3.79
N PRO A 65 -6.51 -16.52 -3.68
CA PRO A 65 -7.60 -16.52 -4.67
C PRO A 65 -8.10 -15.10 -4.97
N SER A 66 -7.80 -14.62 -6.16
CA SER A 66 -8.14 -13.26 -6.54
C SER A 66 -9.48 -13.20 -7.28
N GLU A 67 -10.41 -14.02 -6.82
CA GLU A 67 -11.74 -14.10 -7.41
C GLU A 67 -12.71 -14.70 -6.40
N CYS A 68 -12.82 -14.05 -5.25
CA CYS A 68 -13.59 -14.56 -4.13
C CYS A 68 -12.97 -15.86 -3.64
N ARG A 69 -13.74 -16.72 -2.98
CA ARG A 69 -13.20 -17.98 -2.51
C ARG A 69 -13.24 -19.02 -3.63
N SER A 70 -12.17 -19.06 -4.40
CA SER A 70 -12.05 -20.01 -5.49
C SER A 70 -10.75 -20.78 -5.36
N VAL A 71 -10.54 -21.74 -6.25
CA VAL A 71 -9.30 -22.50 -6.25
C VAL A 71 -8.43 -22.08 -7.42
N THR A 72 -7.39 -21.31 -7.13
CA THR A 72 -6.50 -20.81 -8.16
C THR A 72 -5.11 -21.38 -7.96
N ASP A 73 -4.65 -22.19 -8.91
CA ASP A 73 -3.32 -22.77 -8.87
C ASP A 73 -2.92 -23.27 -10.24
N MET A 1 -15.94 17.75 2.87
CA MET A 1 -14.81 18.30 2.15
C MET A 1 -14.24 17.28 1.17
N SER A 2 -13.91 17.75 -0.02
CA SER A 2 -13.31 16.90 -1.03
C SER A 2 -12.21 17.66 -1.76
N ALA A 3 -11.24 18.15 -0.99
CA ALA A 3 -10.20 19.02 -1.53
C ALA A 3 -8.90 18.25 -1.73
N GLN A 4 -8.97 16.93 -1.64
CA GLN A 4 -7.81 16.08 -1.90
C GLN A 4 -7.54 16.04 -3.40
N THR A 5 -6.63 16.88 -3.85
CA THR A 5 -6.39 17.09 -5.26
C THR A 5 -5.49 16.02 -5.88
N VAL A 6 -4.24 15.95 -5.43
CA VAL A 6 -3.27 15.06 -6.07
C VAL A 6 -2.90 13.87 -5.18
N SER A 7 -2.70 12.73 -5.80
CA SER A 7 -2.24 11.53 -5.12
C SER A 7 -1.22 10.80 -5.99
N GLY A 8 0.01 10.71 -5.50
CA GLY A 8 1.06 10.06 -6.26
C GLY A 8 2.37 10.05 -5.52
N PRO A 9 2.62 9.02 -4.71
CA PRO A 9 3.87 8.90 -3.94
C PRO A 9 5.09 8.77 -4.86
N THR A 10 6.08 9.62 -4.62
CA THR A 10 7.31 9.58 -5.38
C THR A 10 8.17 8.40 -4.97
N GLU A 11 9.25 8.13 -5.70
CA GLU A 11 10.17 7.05 -5.37
C GLU A 11 10.60 7.15 -3.92
N ASP A 12 10.92 8.37 -3.51
CA ASP A 12 11.30 8.67 -2.13
C ASP A 12 10.27 8.13 -1.14
N GLN A 13 9.01 8.47 -1.39
CA GLN A 13 7.92 8.09 -0.50
C GLN A 13 7.61 6.61 -0.63
N VAL A 14 7.74 6.09 -1.84
CA VAL A 14 7.46 4.70 -2.12
C VAL A 14 8.43 3.80 -1.36
N GLU A 15 9.63 4.30 -1.10
CA GLU A 15 10.61 3.55 -0.33
C GLU A 15 10.14 3.38 1.11
N ILE A 16 9.63 4.47 1.69
CA ILE A 16 9.06 4.44 3.03
C ILE A 16 7.81 3.58 3.06
N LEU A 17 7.09 3.60 1.95
CA LEU A 17 5.85 2.86 1.80
C LEU A 17 6.11 1.36 1.66
N GLU A 18 7.03 1.02 0.76
CA GLU A 18 7.37 -0.37 0.47
C GLU A 18 7.84 -1.10 1.72
N TYR A 19 8.67 -0.45 2.50
CA TYR A 19 9.14 -1.03 3.75
C TYR A 19 7.96 -1.27 4.68
N ASN A 20 7.03 -0.31 4.70
CA ASN A 20 5.91 -0.38 5.62
C ASN A 20 4.92 -1.48 5.24
N PHE A 21 4.41 -1.42 4.02
CA PHE A 21 3.36 -2.32 3.56
C PHE A 21 3.75 -3.79 3.74
N ASN A 22 5.02 -4.12 3.52
CA ASN A 22 5.49 -5.49 3.66
C ASN A 22 5.90 -5.82 5.10
N LYS A 23 5.92 -4.80 5.96
CA LYS A 23 6.36 -4.97 7.33
C LYS A 23 5.18 -5.09 8.30
N VAL A 24 4.31 -4.09 8.31
CA VAL A 24 3.19 -4.06 9.26
C VAL A 24 2.10 -5.05 8.86
N ASN A 25 1.53 -4.83 7.68
CA ASN A 25 0.42 -5.65 7.18
C ASN A 25 0.00 -5.16 5.81
N LYS A 26 -0.62 -6.04 5.02
CA LYS A 26 -0.92 -5.74 3.62
C LYS A 26 -2.19 -4.93 3.46
N HIS A 27 -3.07 -4.99 4.44
CA HIS A 27 -4.37 -4.32 4.35
C HIS A 27 -4.31 -2.93 4.96
N PRO A 28 -4.72 -1.91 4.19
CA PRO A 28 -4.76 -0.52 4.68
C PRO A 28 -5.67 -0.37 5.90
N ASP A 29 -5.09 -0.40 7.08
CA ASP A 29 -5.84 -0.31 8.32
C ASP A 29 -5.82 1.12 8.84
N PRO A 30 -6.90 1.53 9.54
CA PRO A 30 -7.01 2.87 10.12
C PRO A 30 -5.83 3.22 11.02
N THR A 31 -5.43 2.25 11.84
CA THR A 31 -4.34 2.42 12.79
C THR A 31 -3.03 2.72 12.07
N THR A 32 -2.74 1.98 11.01
CA THR A 32 -1.52 2.17 10.24
C THR A 32 -1.53 3.52 9.54
N LEU A 33 -2.63 3.81 8.85
CA LEU A 33 -2.72 4.97 7.99
C LEU A 33 -2.41 6.27 8.74
N CYS A 34 -3.09 6.49 9.86
CA CYS A 34 -2.90 7.71 10.62
C CYS A 34 -1.45 7.87 11.10
N LEU A 35 -0.86 6.77 11.56
CA LEU A 35 0.46 6.82 12.18
C LEU A 35 1.58 6.93 11.15
N ILE A 36 1.56 6.06 10.14
CA ILE A 36 2.68 5.95 9.22
C ILE A 36 2.65 7.04 8.15
N ALA A 37 1.46 7.46 7.72
CA ALA A 37 1.35 8.46 6.67
C ALA A 37 1.94 9.79 7.12
N ALA A 38 1.53 10.24 8.30
CA ALA A 38 1.99 11.51 8.85
C ALA A 38 3.51 11.51 8.99
N GLU A 39 4.06 10.42 9.52
CA GLU A 39 5.50 10.31 9.74
C GLU A 39 6.26 10.24 8.42
N ALA A 40 5.66 9.60 7.42
CA ALA A 40 6.29 9.46 6.11
C ALA A 40 6.29 10.79 5.37
N GLY A 41 5.37 11.67 5.75
CA GLY A 41 5.27 12.97 5.10
C GLY A 41 4.16 12.99 4.08
N LEU A 42 3.20 12.09 4.23
CA LEU A 42 2.07 12.02 3.31
C LEU A 42 0.77 12.10 4.08
N THR A 43 -0.35 11.99 3.38
CA THR A 43 -1.65 11.99 4.02
C THR A 43 -2.31 10.63 3.85
N GLU A 44 -3.40 10.41 4.58
CA GLU A 44 -4.07 9.11 4.60
C GLU A 44 -4.57 8.72 3.22
N GLU A 45 -5.19 9.65 2.52
CA GLU A 45 -5.80 9.37 1.22
C GLU A 45 -4.76 8.95 0.20
N GLN A 46 -3.58 9.54 0.28
CA GLN A 46 -2.48 9.20 -0.62
C GLN A 46 -1.94 7.82 -0.29
N THR A 47 -1.67 7.59 0.98
CA THR A 47 -1.06 6.34 1.44
C THR A 47 -2.03 5.15 1.29
N GLN A 48 -3.31 5.40 1.54
CA GLN A 48 -4.33 4.36 1.45
C GLN A 48 -4.40 3.83 0.02
N LYS A 49 -4.41 4.75 -0.94
CA LYS A 49 -4.47 4.39 -2.34
C LYS A 49 -3.28 3.55 -2.75
N TRP A 50 -2.11 3.93 -2.24
CA TRP A 50 -0.88 3.21 -2.56
C TRP A 50 -0.90 1.80 -1.99
N PHE A 51 -1.25 1.67 -0.71
CA PHE A 51 -1.29 0.36 -0.06
C PHE A 51 -2.20 -0.58 -0.84
N LYS A 52 -3.35 -0.07 -1.26
CA LYS A 52 -4.31 -0.86 -2.02
C LYS A 52 -3.73 -1.30 -3.36
N GLN A 53 -2.94 -0.44 -3.97
CA GLN A 53 -2.33 -0.72 -5.26
C GLN A 53 -1.42 -1.96 -5.17
N ARG A 54 -0.58 -1.99 -4.14
CA ARG A 54 0.33 -3.12 -3.96
C ARG A 54 -0.43 -4.34 -3.46
N LEU A 55 -1.51 -4.10 -2.74
CA LEU A 55 -2.35 -5.17 -2.21
C LEU A 55 -2.94 -6.01 -3.34
N ALA A 56 -3.48 -5.34 -4.35
CA ALA A 56 -4.04 -6.03 -5.50
C ALA A 56 -2.96 -6.81 -6.24
N GLU A 57 -1.78 -6.20 -6.36
CA GLU A 57 -0.66 -6.81 -7.05
C GLU A 57 -0.17 -8.05 -6.31
N TRP A 58 -0.06 -7.93 -4.99
CA TRP A 58 0.37 -9.05 -4.16
C TRP A 58 -0.53 -10.26 -4.38
N ARG A 59 -1.83 -10.02 -4.42
CA ARG A 59 -2.82 -11.07 -4.56
C ARG A 59 -2.63 -11.84 -5.87
N ARG A 60 -2.58 -11.10 -6.98
CA ARG A 60 -2.50 -11.72 -8.30
C ARG A 60 -1.17 -12.47 -8.50
N SER A 61 -0.12 -12.01 -7.82
CA SER A 61 1.17 -12.67 -7.89
C SER A 61 1.21 -13.88 -6.97
N GLU A 62 0.45 -13.84 -5.89
CA GLU A 62 0.42 -14.93 -4.92
C GLU A 62 -0.43 -16.09 -5.41
N GLY A 63 -1.22 -15.83 -6.45
CA GLY A 63 -2.02 -16.89 -7.03
C GLY A 63 -3.50 -16.69 -6.83
N LEU A 64 -3.86 -15.61 -6.14
CA LEU A 64 -5.27 -15.30 -5.90
C LEU A 64 -5.89 -14.75 -7.18
N PRO A 65 -6.99 -15.38 -7.64
CA PRO A 65 -7.64 -15.07 -8.92
C PRO A 65 -7.78 -13.57 -9.18
N SER A 66 -8.72 -12.94 -8.46
CA SER A 66 -9.00 -11.51 -8.61
C SER A 66 -9.41 -11.18 -10.06
N GLU A 67 -9.52 -9.89 -10.36
CA GLU A 67 -9.86 -9.40 -11.70
C GLU A 67 -11.28 -9.80 -12.11
N CYS A 68 -11.43 -11.05 -12.54
CA CYS A 68 -12.73 -11.57 -12.94
C CYS A 68 -12.95 -12.93 -12.29
N ARG A 69 -13.31 -13.93 -13.08
CA ARG A 69 -13.49 -15.28 -12.53
C ARG A 69 -12.49 -16.25 -13.13
N SER A 70 -11.35 -16.39 -12.45
CA SER A 70 -10.35 -17.35 -12.85
C SER A 70 -10.21 -18.40 -11.77
N VAL A 71 -10.93 -19.51 -11.92
CA VAL A 71 -10.94 -20.56 -10.91
C VAL A 71 -9.55 -21.14 -10.69
N THR A 72 -8.94 -20.75 -9.59
CA THR A 72 -7.64 -21.28 -9.20
C THR A 72 -7.84 -22.47 -8.27
N ASP A 73 -8.23 -23.59 -8.85
CA ASP A 73 -8.54 -24.78 -8.09
C ASP A 73 -7.27 -25.49 -7.67
N MET A 1 7.73 -2.54 -16.10
CA MET A 1 7.88 -1.79 -14.85
C MET A 1 7.38 -0.36 -15.00
N SER A 2 6.39 -0.01 -14.18
CA SER A 2 5.83 1.32 -14.18
C SER A 2 6.88 2.36 -13.75
N ALA A 3 6.88 3.50 -14.43
CA ALA A 3 7.84 4.55 -14.13
C ALA A 3 7.52 5.23 -12.80
N GLN A 4 6.48 6.05 -12.78
CA GLN A 4 6.09 6.76 -11.58
C GLN A 4 4.59 6.70 -11.38
N THR A 5 4.16 6.79 -10.14
CA THR A 5 2.75 6.84 -9.81
C THR A 5 2.16 8.18 -10.24
N VAL A 6 1.25 8.15 -11.20
CA VAL A 6 0.62 9.36 -11.72
C VAL A 6 -0.32 9.98 -10.69
N SER A 7 0.03 11.17 -10.22
CA SER A 7 -0.75 11.88 -9.21
C SER A 7 -0.84 11.04 -7.93
N GLY A 8 0.32 10.72 -7.38
CA GLY A 8 0.39 9.93 -6.17
C GLY A 8 1.75 10.05 -5.52
N PRO A 9 2.06 9.18 -4.55
CA PRO A 9 3.37 9.18 -3.89
C PRO A 9 4.50 8.78 -4.84
N THR A 10 5.54 9.58 -4.87
CA THR A 10 6.64 9.37 -5.79
C THR A 10 7.67 8.37 -5.24
N GLU A 11 8.73 8.12 -6.02
CA GLU A 11 9.72 7.08 -5.70
C GLU A 11 10.30 7.24 -4.29
N ASP A 12 10.56 8.47 -3.89
CA ASP A 12 11.13 8.74 -2.56
C ASP A 12 10.20 8.25 -1.47
N GLN A 13 8.90 8.51 -1.64
CA GLN A 13 7.91 8.07 -0.67
C GLN A 13 7.69 6.56 -0.79
N VAL A 14 7.77 6.06 -2.02
CA VAL A 14 7.60 4.64 -2.30
C VAL A 14 8.65 3.81 -1.56
N GLU A 15 9.82 4.40 -1.36
CA GLU A 15 10.90 3.71 -0.64
C GLU A 15 10.47 3.39 0.79
N ILE A 16 9.83 4.34 1.44
CA ILE A 16 9.32 4.15 2.78
C ILE A 16 8.06 3.30 2.74
N LEU A 17 7.22 3.56 1.74
CA LEU A 17 5.93 2.90 1.59
C LEU A 17 6.10 1.40 1.36
N GLU A 18 6.96 1.04 0.42
CA GLU A 18 7.18 -0.37 0.06
C GLU A 18 7.70 -1.14 1.27
N TYR A 19 8.58 -0.52 2.04
CA TYR A 19 9.10 -1.14 3.24
C TYR A 19 7.99 -1.32 4.27
N ASN A 20 7.19 -0.27 4.44
CA ASN A 20 6.10 -0.29 5.42
C ASN A 20 5.09 -1.37 5.08
N PHE A 21 4.61 -1.39 3.83
CA PHE A 21 3.60 -2.36 3.40
C PHE A 21 4.11 -3.80 3.58
N ASN A 22 5.39 -4.00 3.29
CA ASN A 22 5.99 -5.33 3.42
C ASN A 22 6.12 -5.74 4.88
N LYS A 23 6.24 -4.74 5.76
CA LYS A 23 6.39 -5.01 7.19
C LYS A 23 5.03 -5.17 7.86
N VAL A 24 4.08 -4.33 7.49
CA VAL A 24 2.72 -4.39 8.03
C VAL A 24 1.96 -5.56 7.43
N ASN A 25 2.40 -5.95 6.23
CA ASN A 25 1.82 -7.04 5.45
C ASN A 25 0.59 -6.56 4.68
N LYS A 26 -0.50 -6.32 5.39
CA LYS A 26 -1.67 -5.73 4.78
C LYS A 26 -2.00 -4.45 5.53
N HIS A 27 -3.27 -4.14 5.66
CA HIS A 27 -3.66 -2.96 6.43
C HIS A 27 -4.92 -3.23 7.24
N PRO A 28 -4.74 -3.79 8.45
CA PRO A 28 -5.85 -4.06 9.36
C PRO A 28 -6.38 -2.77 9.97
N ASP A 29 -7.43 -2.24 9.36
CA ASP A 29 -8.06 -0.98 9.77
C ASP A 29 -7.20 0.22 9.37
N PRO A 30 -7.84 1.38 9.12
CA PRO A 30 -7.14 2.60 8.69
C PRO A 30 -6.21 3.16 9.75
N THR A 31 -6.30 2.63 10.97
CA THR A 31 -5.49 3.10 12.10
C THR A 31 -4.00 3.12 11.75
N THR A 32 -3.50 2.04 11.15
CA THR A 32 -2.13 1.98 10.71
C THR A 32 -1.86 3.05 9.66
N LEU A 33 -2.73 3.12 8.66
CA LEU A 33 -2.54 4.00 7.51
C LEU A 33 -2.42 5.47 7.92
N CYS A 34 -3.36 5.94 8.72
CA CYS A 34 -3.36 7.34 9.16
C CYS A 34 -2.09 7.67 9.94
N LEU A 35 -1.59 6.71 10.70
CA LEU A 35 -0.40 6.91 11.51
C LEU A 35 0.87 6.85 10.67
N ILE A 36 0.99 5.82 9.85
CA ILE A 36 2.18 5.60 9.05
C ILE A 36 2.32 6.66 7.97
N ALA A 37 1.19 7.25 7.56
CA ALA A 37 1.20 8.33 6.59
C ALA A 37 2.01 9.51 7.11
N ALA A 38 1.69 9.95 8.32
CA ALA A 38 2.39 11.04 8.96
C ALA A 38 3.86 10.68 9.21
N GLU A 39 4.08 9.41 9.56
CA GLU A 39 5.43 8.91 9.77
C GLU A 39 6.25 8.98 8.49
N ALA A 40 5.60 8.72 7.37
CA ALA A 40 6.26 8.79 6.07
C ALA A 40 6.38 10.24 5.59
N GLY A 41 5.70 11.14 6.29
CA GLY A 41 5.75 12.55 5.94
C GLY A 41 4.91 12.85 4.71
N LEU A 42 3.80 12.15 4.56
CA LEU A 42 2.95 12.31 3.41
C LEU A 42 1.48 12.19 3.83
N THR A 43 0.57 12.65 3.00
CA THR A 43 -0.84 12.73 3.35
C THR A 43 -1.53 11.37 3.31
N GLU A 44 -2.66 11.28 4.01
CA GLU A 44 -3.41 10.04 4.16
C GLU A 44 -3.86 9.46 2.83
N GLU A 45 -4.46 10.30 1.99
CA GLU A 45 -5.07 9.83 0.75
C GLU A 45 -4.06 9.19 -0.18
N GLN A 46 -2.90 9.80 -0.30
CA GLN A 46 -1.85 9.27 -1.17
C GLN A 46 -1.34 7.95 -0.62
N THR A 47 -1.23 7.86 0.70
CA THR A 47 -0.83 6.63 1.37
C THR A 47 -1.89 5.55 1.15
N GLN A 48 -3.15 5.93 1.28
CA GLN A 48 -4.28 5.02 1.09
C GLN A 48 -4.29 4.47 -0.32
N LYS A 49 -4.24 5.39 -1.29
CA LYS A 49 -4.24 5.03 -2.71
C LYS A 49 -3.13 4.05 -3.01
N TRP A 50 -2.00 4.22 -2.35
CA TRP A 50 -0.84 3.39 -2.59
C TRP A 50 -0.99 2.02 -1.93
N PHE A 51 -1.32 2.00 -0.64
CA PHE A 51 -1.40 0.74 0.11
C PHE A 51 -2.50 -0.15 -0.47
N LYS A 52 -3.57 0.46 -0.97
CA LYS A 52 -4.64 -0.28 -1.61
C LYS A 52 -4.16 -0.85 -2.95
N GLN A 53 -3.34 -0.08 -3.64
CA GLN A 53 -2.79 -0.50 -4.93
C GLN A 53 -1.89 -1.72 -4.76
N ARG A 54 -1.09 -1.74 -3.71
CA ARG A 54 -0.19 -2.86 -3.47
C ARG A 54 -0.99 -4.08 -3.01
N LEU A 55 -2.14 -3.83 -2.42
CA LEU A 55 -3.02 -4.92 -2.01
C LEU A 55 -3.58 -5.63 -3.23
N ALA A 56 -3.79 -4.88 -4.30
CA ALA A 56 -4.22 -5.45 -5.57
C ALA A 56 -3.05 -6.19 -6.24
N GLU A 57 -1.86 -5.60 -6.11
CA GLU A 57 -0.64 -6.20 -6.65
C GLU A 57 -0.32 -7.50 -5.93
N TRP A 58 -0.55 -7.51 -4.62
CA TRP A 58 -0.25 -8.66 -3.77
C TRP A 58 -0.93 -9.92 -4.27
N ARG A 59 -2.15 -9.77 -4.79
CA ARG A 59 -2.91 -10.91 -5.28
C ARG A 59 -2.21 -11.54 -6.48
N ARG A 60 -1.45 -10.74 -7.21
CA ARG A 60 -0.72 -11.23 -8.38
C ARG A 60 0.59 -11.88 -7.95
N SER A 61 1.21 -11.35 -6.89
CA SER A 61 2.47 -11.88 -6.39
C SER A 61 2.27 -13.24 -5.75
N GLU A 62 1.32 -13.33 -4.83
CA GLU A 62 1.06 -14.58 -4.12
C GLU A 62 0.33 -15.57 -5.02
N GLY A 63 -0.17 -15.08 -6.16
CA GLY A 63 -0.88 -15.94 -7.09
C GLY A 63 -2.17 -16.45 -6.50
N LEU A 64 -2.96 -15.54 -5.97
CA LEU A 64 -4.20 -15.90 -5.29
C LEU A 64 -5.32 -16.11 -6.30
N PRO A 65 -6.35 -16.88 -5.93
CA PRO A 65 -7.52 -17.11 -6.79
C PRO A 65 -8.29 -15.81 -7.05
N SER A 66 -7.91 -15.13 -8.10
CA SER A 66 -8.57 -13.89 -8.50
C SER A 66 -8.40 -13.65 -10.00
N GLU A 67 -8.28 -14.75 -10.74
CA GLU A 67 -8.22 -14.68 -12.19
C GLU A 67 -9.63 -14.71 -12.76
N CYS A 68 -10.34 -15.79 -12.44
CA CYS A 68 -11.76 -15.89 -12.72
C CYS A 68 -12.53 -15.35 -11.53
N ARG A 69 -13.86 -15.44 -11.53
CA ARG A 69 -14.60 -15.03 -10.36
C ARG A 69 -14.65 -16.17 -9.36
N SER A 70 -13.62 -16.25 -8.54
CA SER A 70 -13.56 -17.22 -7.46
C SER A 70 -12.78 -16.64 -6.29
N VAL A 71 -13.43 -15.82 -5.48
CA VAL A 71 -12.75 -15.15 -4.39
C VAL A 71 -12.84 -15.96 -3.11
N THR A 72 -11.74 -16.59 -2.75
CA THR A 72 -11.68 -17.36 -1.52
C THR A 72 -11.37 -16.44 -0.33
N ASP A 73 -12.38 -15.69 0.09
CA ASP A 73 -12.23 -14.75 1.19
C ASP A 73 -13.44 -14.85 2.10
N MET A 1 1.52 26.09 -3.20
CA MET A 1 2.70 25.94 -4.04
C MET A 1 3.18 24.50 -4.00
N SER A 2 3.79 24.12 -2.88
CA SER A 2 4.24 22.75 -2.68
C SER A 2 3.06 21.87 -2.24
N ALA A 3 1.98 21.92 -3.01
CA ALA A 3 0.77 21.19 -2.68
C ALA A 3 0.59 20.00 -3.61
N GLN A 4 0.61 18.81 -3.03
CA GLN A 4 0.41 17.58 -3.79
C GLN A 4 -1.07 17.41 -4.12
N THR A 5 -1.42 17.72 -5.35
CA THR A 5 -2.81 17.62 -5.81
C THR A 5 -2.96 16.50 -6.83
N VAL A 6 -2.05 16.47 -7.80
CA VAL A 6 -2.07 15.43 -8.82
C VAL A 6 -0.87 14.51 -8.67
N SER A 7 0.07 14.93 -7.84
CA SER A 7 1.26 14.14 -7.57
C SER A 7 1.10 13.40 -6.25
N GLY A 8 1.60 12.17 -6.19
CA GLY A 8 1.48 11.37 -5.00
C GLY A 8 2.80 10.84 -4.50
N PRO A 9 2.89 9.53 -4.23
CA PRO A 9 4.10 8.91 -3.70
C PRO A 9 5.22 8.87 -4.72
N THR A 10 6.30 9.58 -4.41
CA THR A 10 7.48 9.60 -5.25
C THR A 10 8.31 8.35 -5.07
N GLU A 11 9.42 8.25 -5.79
CA GLU A 11 10.32 7.10 -5.70
C GLU A 11 10.77 6.87 -4.27
N ASP A 12 11.16 7.96 -3.62
CA ASP A 12 11.61 7.92 -2.23
C ASP A 12 10.50 7.45 -1.30
N GLN A 13 9.29 7.92 -1.57
CA GLN A 13 8.14 7.61 -0.77
C GLN A 13 7.68 6.17 -0.94
N VAL A 14 7.81 5.66 -2.15
CA VAL A 14 7.46 4.27 -2.44
C VAL A 14 8.28 3.32 -1.56
N GLU A 15 9.49 3.72 -1.21
CA GLU A 15 10.36 2.92 -0.37
C GLU A 15 9.77 2.81 1.04
N ILE A 16 9.38 3.96 1.58
CA ILE A 16 8.77 4.03 2.90
C ILE A 16 7.43 3.29 2.93
N LEU A 17 6.74 3.34 1.80
CA LEU A 17 5.45 2.68 1.65
C LEU A 17 5.60 1.17 1.58
N GLU A 18 6.52 0.71 0.73
CA GLU A 18 6.74 -0.71 0.54
C GLU A 18 7.15 -1.39 1.83
N TYR A 19 8.12 -0.80 2.54
CA TYR A 19 8.59 -1.33 3.80
C TYR A 19 7.41 -1.52 4.76
N ASN A 20 6.54 -0.53 4.81
CA ASN A 20 5.39 -0.57 5.70
C ASN A 20 4.39 -1.63 5.27
N PHE A 21 3.89 -1.49 4.04
CA PHE A 21 2.83 -2.34 3.51
C PHE A 21 3.19 -3.82 3.58
N ASN A 22 4.44 -4.13 3.27
CA ASN A 22 4.87 -5.52 3.23
C ASN A 22 5.21 -6.05 4.64
N LYS A 23 5.17 -5.16 5.61
CA LYS A 23 5.51 -5.54 6.98
C LYS A 23 4.26 -5.66 7.84
N VAL A 24 3.60 -4.53 8.12
CA VAL A 24 2.48 -4.50 9.05
C VAL A 24 1.30 -5.32 8.57
N ASN A 25 0.70 -4.89 7.48
CA ASN A 25 -0.55 -5.48 6.99
C ASN A 25 -0.88 -4.89 5.63
N LYS A 26 -1.39 -5.73 4.75
CA LYS A 26 -1.67 -5.32 3.37
C LYS A 26 -2.91 -4.45 3.28
N HIS A 27 -3.78 -4.55 4.28
CA HIS A 27 -4.99 -3.76 4.31
C HIS A 27 -4.73 -2.43 5.03
N PRO A 28 -5.17 -1.31 4.43
CA PRO A 28 -5.03 0.02 5.02
C PRO A 28 -5.76 0.15 6.35
N ASP A 29 -5.07 -0.19 7.43
CA ASP A 29 -5.64 -0.12 8.76
C ASP A 29 -5.54 1.29 9.33
N PRO A 30 -6.52 1.70 10.15
CA PRO A 30 -6.56 3.06 10.71
C PRO A 30 -5.39 3.34 11.64
N THR A 31 -4.93 2.29 12.33
CA THR A 31 -3.80 2.39 13.24
C THR A 31 -2.54 2.81 12.49
N THR A 32 -2.29 2.14 11.38
CA THR A 32 -1.09 2.37 10.59
C THR A 32 -1.19 3.62 9.73
N LEU A 33 -2.33 3.79 9.07
CA LEU A 33 -2.48 4.81 8.02
C LEU A 33 -2.11 6.20 8.50
N CYS A 34 -2.84 6.71 9.48
CA CYS A 34 -2.68 8.09 9.91
C CYS A 34 -1.32 8.31 10.59
N LEU A 35 -0.81 7.29 11.27
CA LEU A 35 0.42 7.43 12.03
C LEU A 35 1.64 7.44 11.09
N ILE A 36 1.70 6.51 10.16
CA ILE A 36 2.85 6.40 9.28
C ILE A 36 2.79 7.45 8.17
N ALA A 37 1.59 7.90 7.83
CA ALA A 37 1.43 8.95 6.83
C ALA A 37 2.13 10.23 7.29
N ALA A 38 1.83 10.65 8.51
CA ALA A 38 2.44 11.86 9.06
C ALA A 38 3.95 11.72 9.15
N GLU A 39 4.41 10.53 9.53
CA GLU A 39 5.84 10.26 9.67
C GLU A 39 6.53 10.25 8.30
N ALA A 40 5.86 9.69 7.31
CA ALA A 40 6.42 9.55 5.97
C ALA A 40 6.11 10.75 5.08
N GLY A 41 5.68 11.85 5.69
CA GLY A 41 5.40 13.07 4.94
C GLY A 41 4.31 12.87 3.91
N LEU A 42 3.45 11.89 4.15
CA LEU A 42 2.36 11.56 3.24
C LEU A 42 1.04 11.98 3.86
N THR A 43 -0.05 11.72 3.16
CA THR A 43 -1.38 11.96 3.71
C THR A 43 -2.17 10.67 3.76
N GLU A 44 -3.26 10.68 4.52
CA GLU A 44 -4.07 9.50 4.77
C GLU A 44 -4.54 8.86 3.46
N GLU A 45 -5.11 9.68 2.59
CA GLU A 45 -5.62 9.22 1.30
C GLU A 45 -4.49 8.60 0.46
N GLN A 46 -3.36 9.29 0.42
CA GLN A 46 -2.20 8.82 -0.33
C GLN A 46 -1.79 7.41 0.08
N THR A 47 -1.59 7.22 1.38
CA THR A 47 -1.13 5.94 1.90
C THR A 47 -2.16 4.85 1.63
N GLN A 48 -3.42 5.15 1.88
CA GLN A 48 -4.49 4.17 1.70
C GLN A 48 -4.66 3.81 0.22
N LYS A 49 -4.62 4.82 -0.64
CA LYS A 49 -4.79 4.62 -2.09
C LYS A 49 -3.64 3.76 -2.65
N TRP A 50 -2.47 3.89 -2.04
CA TRP A 50 -1.32 3.10 -2.46
C TRP A 50 -1.41 1.69 -1.88
N PHE A 51 -1.66 1.60 -0.58
CA PHE A 51 -1.72 0.29 0.11
C PHE A 51 -2.72 -0.64 -0.58
N LYS A 52 -3.91 -0.11 -0.86
CA LYS A 52 -4.98 -0.89 -1.47
C LYS A 52 -4.63 -1.29 -2.90
N GLN A 53 -3.85 -0.46 -3.58
CA GLN A 53 -3.50 -0.72 -4.98
C GLN A 53 -2.46 -1.83 -5.08
N ARG A 54 -1.58 -1.92 -4.09
CA ARG A 54 -0.55 -2.97 -4.08
C ARG A 54 -1.13 -4.28 -3.59
N LEU A 55 -2.27 -4.21 -2.91
CA LEU A 55 -2.95 -5.40 -2.41
C LEU A 55 -3.20 -6.41 -3.54
N ALA A 56 -3.74 -5.92 -4.64
CA ALA A 56 -4.03 -6.75 -5.80
C ALA A 56 -2.74 -7.23 -6.46
N GLU A 57 -1.70 -6.41 -6.35
CA GLU A 57 -0.41 -6.72 -6.93
C GLU A 57 0.29 -7.83 -6.17
N TRP A 58 0.30 -7.71 -4.84
CA TRP A 58 0.91 -8.70 -3.98
C TRP A 58 0.33 -10.08 -4.25
N ARG A 59 -0.99 -10.15 -4.36
CA ARG A 59 -1.67 -11.41 -4.63
C ARG A 59 -1.42 -11.87 -6.07
N ARG A 60 -1.20 -10.92 -6.98
CA ARG A 60 -0.98 -11.24 -8.39
C ARG A 60 0.42 -11.80 -8.61
N SER A 61 1.41 -11.22 -7.94
CA SER A 61 2.79 -11.65 -8.10
C SER A 61 3.04 -12.99 -7.43
N GLU A 62 2.68 -13.08 -6.15
CA GLU A 62 2.93 -14.29 -5.38
C GLU A 62 1.98 -15.41 -5.80
N GLY A 63 0.82 -15.03 -6.33
CA GLY A 63 -0.19 -16.02 -6.72
C GLY A 63 -0.63 -16.84 -5.53
N LEU A 64 -0.77 -16.17 -4.38
CA LEU A 64 -1.03 -16.85 -3.12
C LEU A 64 -2.49 -16.73 -2.72
N PRO A 65 -3.08 -17.82 -2.24
CA PRO A 65 -4.45 -17.84 -1.74
C PRO A 65 -4.50 -17.51 -0.25
N SER A 66 -5.58 -17.88 0.40
CA SER A 66 -5.72 -17.71 1.83
C SER A 66 -5.75 -19.07 2.52
N GLU A 67 -5.44 -19.08 3.82
CA GLU A 67 -5.40 -20.32 4.58
C GLU A 67 -6.70 -21.11 4.48
N CYS A 68 -7.82 -20.39 4.48
CA CYS A 68 -9.14 -21.02 4.43
C CYS A 68 -9.62 -21.16 2.98
N ARG A 69 -8.74 -20.85 2.04
CA ARG A 69 -9.09 -20.87 0.64
C ARG A 69 -8.24 -21.88 -0.12
N SER A 70 -8.81 -22.47 -1.15
CA SER A 70 -8.10 -23.39 -2.02
C SER A 70 -7.04 -22.65 -2.85
N VAL A 71 -6.15 -23.40 -3.48
CA VAL A 71 -5.08 -22.82 -4.29
C VAL A 71 -5.63 -21.85 -5.35
N THR A 72 -4.93 -20.74 -5.51
CA THR A 72 -5.31 -19.71 -6.47
C THR A 72 -5.04 -20.15 -7.91
N ASP A 73 -5.92 -20.97 -8.43
CA ASP A 73 -5.79 -21.44 -9.80
C ASP A 73 -6.96 -20.94 -10.63
N MET A 1 -3.86 25.82 2.70
CA MET A 1 -4.87 25.61 1.67
C MET A 1 -4.51 24.38 0.86
N SER A 2 -4.54 23.24 1.53
CA SER A 2 -4.08 21.98 0.96
C SER A 2 -4.85 21.57 -0.29
N ALA A 3 -4.13 21.42 -1.38
CA ALA A 3 -4.68 20.93 -2.63
C ALA A 3 -3.93 19.67 -3.07
N GLN A 4 -4.60 18.81 -3.82
CA GLN A 4 -3.99 17.55 -4.24
C GLN A 4 -3.73 17.55 -5.75
N THR A 5 -2.57 18.02 -6.14
CA THR A 5 -2.18 18.03 -7.55
C THR A 5 -1.56 16.70 -7.95
N VAL A 6 -0.40 16.39 -7.37
CA VAL A 6 0.28 15.13 -7.67
C VAL A 6 -0.12 14.05 -6.67
N SER A 7 -1.18 13.32 -6.98
CA SER A 7 -1.60 12.19 -6.16
C SER A 7 -0.72 10.97 -6.46
N GLY A 8 0.57 11.10 -6.18
CA GLY A 8 1.51 10.04 -6.41
C GLY A 8 2.83 10.31 -5.72
N PRO A 9 3.24 9.44 -4.79
CA PRO A 9 4.48 9.62 -4.04
C PRO A 9 5.73 9.43 -4.89
N THR A 10 6.80 10.08 -4.47
CA THR A 10 8.08 10.00 -5.15
C THR A 10 8.79 8.70 -4.81
N GLU A 11 9.86 8.38 -5.53
CA GLU A 11 10.56 7.11 -5.36
C GLU A 11 11.10 6.93 -3.95
N ASP A 12 11.77 7.95 -3.42
CA ASP A 12 12.34 7.88 -2.08
C ASP A 12 11.24 7.83 -1.02
N GLN A 13 10.11 8.44 -1.34
CA GLN A 13 8.94 8.38 -0.50
C GLN A 13 8.32 6.99 -0.57
N VAL A 14 8.33 6.41 -1.76
CA VAL A 14 7.79 5.07 -1.99
C VAL A 14 8.60 4.02 -1.20
N GLU A 15 9.88 4.29 -0.99
CA GLU A 15 10.71 3.41 -0.19
C GLU A 15 10.10 3.19 1.20
N ILE A 16 9.62 4.28 1.79
CA ILE A 16 8.98 4.22 3.10
C ILE A 16 7.66 3.45 3.00
N LEU A 17 6.98 3.62 1.88
CA LEU A 17 5.71 2.96 1.63
C LEU A 17 5.91 1.46 1.45
N GLU A 18 6.84 1.10 0.58
CA GLU A 18 7.13 -0.30 0.27
C GLU A 18 7.59 -1.05 1.51
N TYR A 19 8.39 -0.36 2.32
CA TYR A 19 8.85 -0.95 3.57
C TYR A 19 7.68 -1.18 4.52
N ASN A 20 6.82 -0.18 4.62
CA ASN A 20 5.68 -0.24 5.54
C ASN A 20 4.69 -1.33 5.12
N PHE A 21 4.32 -1.36 3.84
CA PHE A 21 3.39 -2.36 3.32
C PHE A 21 3.92 -3.77 3.56
N ASN A 22 5.23 -3.94 3.45
CA ASN A 22 5.85 -5.25 3.62
C ASN A 22 6.13 -5.53 5.10
N LYS A 23 6.02 -4.50 5.93
CA LYS A 23 6.28 -4.63 7.36
C LYS A 23 4.97 -4.86 8.12
N VAL A 24 3.90 -4.21 7.68
CA VAL A 24 2.58 -4.37 8.29
C VAL A 24 2.00 -5.74 7.96
N ASN A 25 2.49 -6.28 6.86
CA ASN A 25 2.10 -7.61 6.35
C ASN A 25 0.84 -7.50 5.51
N LYS A 26 1.01 -6.89 4.33
CA LYS A 26 -0.05 -6.78 3.32
C LYS A 26 -1.14 -5.81 3.76
N HIS A 27 -2.05 -6.26 4.61
CA HIS A 27 -3.21 -5.47 4.99
C HIS A 27 -3.03 -4.87 6.37
N PRO A 28 -2.82 -3.54 6.44
CA PRO A 28 -2.71 -2.81 7.69
C PRO A 28 -4.06 -2.30 8.19
N ASP A 29 -4.06 -1.69 9.36
CA ASP A 29 -5.26 -1.13 9.94
C ASP A 29 -5.54 0.25 9.37
N PRO A 30 -6.80 0.72 9.43
CA PRO A 30 -7.13 2.11 9.10
C PRO A 30 -6.30 3.09 9.90
N THR A 31 -6.13 2.78 11.19
CA THR A 31 -5.30 3.58 12.08
C THR A 31 -3.85 3.62 11.58
N THR A 32 -3.38 2.50 11.05
CA THR A 32 -2.04 2.42 10.50
C THR A 32 -1.88 3.40 9.35
N LEU A 33 -2.86 3.39 8.44
CA LEU A 33 -2.82 4.25 7.26
C LEU A 33 -2.66 5.72 7.62
N CYS A 34 -3.42 6.17 8.60
CA CYS A 34 -3.38 7.56 9.04
C CYS A 34 -2.09 7.87 9.81
N LEU A 35 -1.64 6.92 10.62
CA LEU A 35 -0.46 7.12 11.44
C LEU A 35 0.81 7.12 10.59
N ILE A 36 0.94 6.14 9.70
CA ILE A 36 2.12 6.03 8.86
C ILE A 36 2.18 7.16 7.84
N ALA A 37 1.02 7.71 7.50
CA ALA A 37 0.96 8.85 6.60
C ALA A 37 1.70 10.04 7.21
N ALA A 38 1.32 10.38 8.44
CA ALA A 38 1.95 11.49 9.17
C ALA A 38 3.43 11.19 9.43
N GLU A 39 3.75 9.93 9.59
CA GLU A 39 5.12 9.50 9.82
C GLU A 39 5.97 9.68 8.56
N ALA A 40 5.42 9.26 7.43
CA ALA A 40 6.13 9.32 6.15
C ALA A 40 6.08 10.72 5.55
N GLY A 41 5.15 11.54 6.01
CA GLY A 41 5.00 12.87 5.47
C GLY A 41 4.06 12.91 4.29
N LEU A 42 3.11 11.98 4.28
CA LEU A 42 2.18 11.85 3.17
C LEU A 42 0.76 12.16 3.63
N THR A 43 -0.12 12.45 2.67
CA THR A 43 -1.52 12.63 2.96
C THR A 43 -2.18 11.30 3.25
N GLU A 44 -3.26 11.35 4.01
CA GLU A 44 -4.12 10.20 4.26
C GLU A 44 -4.48 9.51 2.95
N GLU A 45 -4.84 10.31 1.95
CA GLU A 45 -5.21 9.81 0.63
C GLU A 45 -4.04 9.13 -0.05
N GLN A 46 -2.85 9.69 0.10
CA GLN A 46 -1.65 9.18 -0.57
C GLN A 46 -1.34 7.76 -0.11
N THR A 47 -1.34 7.54 1.20
CA THR A 47 -1.05 6.23 1.76
C THR A 47 -2.15 5.24 1.41
N GLN A 48 -3.40 5.66 1.64
CA GLN A 48 -4.55 4.79 1.42
C GLN A 48 -4.62 4.33 -0.04
N LYS A 49 -4.47 5.27 -0.96
CA LYS A 49 -4.56 4.97 -2.39
C LYS A 49 -3.48 3.98 -2.79
N TRP A 50 -2.26 4.24 -2.32
CA TRP A 50 -1.11 3.41 -2.67
C TRP A 50 -1.24 2.01 -2.06
N PHE A 51 -1.47 1.94 -0.75
CA PHE A 51 -1.53 0.66 -0.04
C PHE A 51 -2.64 -0.22 -0.64
N LYS A 52 -3.75 0.40 -0.99
CA LYS A 52 -4.86 -0.32 -1.62
C LYS A 52 -4.44 -0.86 -2.99
N GLN A 53 -3.69 -0.04 -3.73
CA GLN A 53 -3.23 -0.42 -5.06
C GLN A 53 -2.34 -1.66 -4.98
N ARG A 54 -1.44 -1.68 -4.00
CA ARG A 54 -0.50 -2.78 -3.84
C ARG A 54 -1.21 -4.04 -3.34
N LEU A 55 -2.29 -3.85 -2.62
CA LEU A 55 -3.08 -4.96 -2.12
C LEU A 55 -3.68 -5.75 -3.28
N ALA A 56 -4.22 -5.03 -4.26
CA ALA A 56 -4.78 -5.65 -5.45
C ALA A 56 -3.70 -6.38 -6.23
N GLU A 57 -2.52 -5.79 -6.28
CA GLU A 57 -1.38 -6.37 -6.97
C GLU A 57 -0.91 -7.64 -6.26
N TRP A 58 -0.75 -7.53 -4.94
CA TRP A 58 -0.23 -8.61 -4.13
C TRP A 58 -1.04 -9.90 -4.30
N ARG A 59 -2.37 -9.76 -4.33
CA ARG A 59 -3.25 -10.89 -4.48
C ARG A 59 -3.01 -11.66 -5.78
N ARG A 60 -2.52 -10.97 -6.80
CA ARG A 60 -2.23 -11.61 -8.07
C ARG A 60 -0.86 -12.30 -8.03
N SER A 61 0.08 -11.70 -7.29
CA SER A 61 1.43 -12.24 -7.19
C SER A 61 1.47 -13.50 -6.32
N GLU A 62 1.05 -13.35 -5.07
CA GLU A 62 1.07 -14.46 -4.12
C GLU A 62 -0.04 -15.46 -4.45
N GLY A 63 -1.17 -14.94 -4.92
CA GLY A 63 -2.27 -15.79 -5.28
C GLY A 63 -3.08 -16.24 -4.07
N LEU A 64 -4.37 -15.96 -4.09
CA LEU A 64 -5.24 -16.38 -3.00
C LEU A 64 -5.38 -17.89 -3.02
N PRO A 65 -5.20 -18.56 -1.88
CA PRO A 65 -5.27 -20.02 -1.77
C PRO A 65 -6.71 -20.54 -1.72
N SER A 66 -7.66 -19.63 -2.00
CA SER A 66 -9.09 -19.95 -2.00
C SER A 66 -9.60 -20.20 -0.59
N GLU A 67 -10.90 -20.47 -0.49
CA GLU A 67 -11.52 -20.78 0.78
C GLU A 67 -12.27 -22.10 0.69
N CYS A 68 -13.01 -22.26 -0.41
CA CYS A 68 -13.77 -23.49 -0.63
C CYS A 68 -12.87 -24.57 -1.21
N ARG A 69 -11.71 -24.17 -1.69
CA ARG A 69 -10.75 -25.09 -2.26
C ARG A 69 -9.67 -25.43 -1.24
N SER A 70 -9.00 -26.56 -1.43
CA SER A 70 -7.93 -26.99 -0.54
C SER A 70 -6.81 -25.95 -0.51
N VAL A 71 -6.65 -25.30 0.64
CA VAL A 71 -5.60 -24.32 0.83
C VAL A 71 -4.25 -25.02 0.86
N THR A 72 -3.44 -24.80 -0.16
CA THR A 72 -2.16 -25.48 -0.27
C THR A 72 -1.08 -24.53 -0.78
N ASP A 73 0.16 -24.78 -0.38
CA ASP A 73 1.29 -23.98 -0.80
C ASP A 73 2.25 -24.84 -1.63
N MET A 1 -6.61 18.22 -17.63
CA MET A 1 -5.27 17.82 -17.16
C MET A 1 -4.67 18.82 -16.18
N SER A 2 -5.52 19.53 -15.44
CA SER A 2 -5.06 20.46 -14.43
C SER A 2 -5.47 19.97 -13.04
N ALA A 3 -6.68 19.42 -12.95
CA ALA A 3 -7.18 18.88 -11.70
C ALA A 3 -6.71 17.45 -11.52
N GLN A 4 -6.55 16.74 -12.64
CA GLN A 4 -6.10 15.37 -12.62
C GLN A 4 -4.85 15.21 -13.48
N THR A 5 -3.79 14.73 -12.86
CA THR A 5 -2.55 14.47 -13.57
C THR A 5 -1.92 13.18 -13.04
N VAL A 6 -1.35 13.28 -11.85
CA VAL A 6 -0.80 12.13 -11.14
C VAL A 6 -1.03 12.32 -9.65
N SER A 7 -0.14 13.09 -9.02
CA SER A 7 -0.28 13.47 -7.62
C SER A 7 -0.38 12.24 -6.72
N GLY A 8 0.62 11.39 -6.78
CA GLY A 8 0.65 10.21 -5.94
C GLY A 8 1.94 10.13 -5.14
N PRO A 9 2.32 8.93 -4.71
CA PRO A 9 3.55 8.73 -3.92
C PRO A 9 4.80 8.73 -4.79
N THR A 10 5.83 9.42 -4.32
CA THR A 10 7.10 9.47 -5.01
C THR A 10 7.88 8.18 -4.78
N GLU A 11 8.94 7.97 -5.55
CA GLU A 11 9.78 6.78 -5.42
C GLU A 11 10.36 6.70 -4.01
N ASP A 12 10.77 7.86 -3.49
CA ASP A 12 11.31 7.94 -2.14
C ASP A 12 10.25 7.54 -1.12
N GLN A 13 9.01 7.90 -1.41
CA GLN A 13 7.89 7.56 -0.56
C GLN A 13 7.57 6.07 -0.68
N VAL A 14 7.70 5.55 -1.90
CA VAL A 14 7.48 4.14 -2.16
C VAL A 14 8.45 3.28 -1.34
N GLU A 15 9.66 3.79 -1.14
CA GLU A 15 10.65 3.11 -0.31
C GLU A 15 10.11 2.90 1.11
N ILE A 16 9.43 3.92 1.62
CA ILE A 16 8.81 3.85 2.94
C ILE A 16 7.57 2.96 2.89
N LEU A 17 6.77 3.15 1.86
CA LEU A 17 5.50 2.46 1.70
C LEU A 17 5.71 0.95 1.52
N GLU A 18 6.59 0.58 0.62
CA GLU A 18 6.82 -0.84 0.30
C GLU A 18 7.27 -1.60 1.53
N TYR A 19 8.14 -0.99 2.32
CA TYR A 19 8.61 -1.59 3.56
C TYR A 19 7.45 -1.73 4.54
N ASN A 20 6.69 -0.64 4.70
CA ASN A 20 5.60 -0.60 5.67
C ASN A 20 4.50 -1.59 5.32
N PHE A 21 3.98 -1.47 4.10
CA PHE A 21 2.83 -2.26 3.66
C PHE A 21 3.06 -3.76 3.83
N ASN A 22 4.24 -4.23 3.49
CA ASN A 22 4.53 -5.66 3.59
C ASN A 22 4.89 -6.05 5.02
N LYS A 23 5.16 -5.06 5.85
CA LYS A 23 5.58 -5.30 7.22
C LYS A 23 4.40 -5.28 8.18
N VAL A 24 3.74 -4.13 8.31
CA VAL A 24 2.67 -3.96 9.30
C VAL A 24 1.50 -4.90 9.01
N ASN A 25 0.87 -4.70 7.85
CA ASN A 25 -0.28 -5.50 7.46
C ASN A 25 -0.64 -5.22 6.00
N LYS A 26 -1.07 -6.24 5.29
CA LYS A 26 -1.46 -6.09 3.91
C LYS A 26 -2.80 -5.37 3.81
N HIS A 27 -3.57 -5.45 4.89
CA HIS A 27 -4.84 -4.75 4.97
C HIS A 27 -4.62 -3.36 5.56
N PRO A 28 -5.14 -2.33 4.88
CA PRO A 28 -4.99 -0.93 5.32
C PRO A 28 -5.61 -0.66 6.68
N ASP A 29 -4.76 -0.55 7.69
CA ASP A 29 -5.20 -0.17 9.04
C ASP A 29 -5.36 1.35 9.11
N PRO A 30 -6.36 1.81 9.87
CA PRO A 30 -6.65 3.23 10.01
C PRO A 30 -5.63 3.93 10.88
N THR A 31 -5.33 3.32 12.02
CA THR A 31 -4.36 3.85 12.95
C THR A 31 -2.98 3.89 12.31
N THR A 32 -2.61 2.81 11.63
CA THR A 32 -1.34 2.74 10.93
C THR A 32 -1.26 3.80 9.85
N LEU A 33 -2.33 3.96 9.08
CA LEU A 33 -2.35 4.91 7.98
C LEU A 33 -2.01 6.31 8.46
N CYS A 34 -2.75 6.80 9.45
CA CYS A 34 -2.53 8.14 9.98
C CYS A 34 -1.14 8.29 10.58
N LEU A 35 -0.69 7.27 11.30
CA LEU A 35 0.61 7.31 11.96
C LEU A 35 1.76 7.32 10.95
N ILE A 36 1.72 6.39 10.01
CA ILE A 36 2.81 6.27 9.03
C ILE A 36 2.77 7.39 8.00
N ALA A 37 1.59 7.93 7.75
CA ALA A 37 1.46 9.06 6.84
C ALA A 37 2.11 10.29 7.44
N ALA A 38 1.93 10.47 8.75
CA ALA A 38 2.58 11.55 9.47
C ALA A 38 4.08 11.35 9.47
N GLU A 39 4.49 10.11 9.68
CA GLU A 39 5.91 9.75 9.69
C GLU A 39 6.55 9.99 8.31
N ALA A 40 5.90 9.49 7.27
CA ALA A 40 6.45 9.54 5.92
C ALA A 40 6.21 10.90 5.26
N GLY A 41 5.48 11.77 5.93
CA GLY A 41 5.25 13.11 5.43
C GLY A 41 4.37 13.16 4.20
N LEU A 42 3.27 12.43 4.25
CA LEU A 42 2.32 12.39 3.14
C LEU A 42 0.90 12.20 3.68
N THR A 43 -0.10 12.38 2.83
CA THR A 43 -1.48 12.31 3.29
C THR A 43 -2.01 10.88 3.27
N GLU A 44 -2.83 10.57 4.27
CA GLU A 44 -3.36 9.22 4.49
C GLU A 44 -4.04 8.64 3.26
N GLU A 45 -4.81 9.47 2.56
CA GLU A 45 -5.56 9.01 1.39
C GLU A 45 -4.66 8.37 0.35
N GLN A 46 -3.52 9.00 0.09
CA GLN A 46 -2.57 8.48 -0.90
C GLN A 46 -1.92 7.20 -0.39
N THR A 47 -1.67 7.16 0.93
CA THR A 47 -1.12 5.97 1.55
C THR A 47 -2.10 4.80 1.40
N GLN A 48 -3.37 5.09 1.64
CA GLN A 48 -4.43 4.10 1.49
C GLN A 48 -4.55 3.66 0.02
N LYS A 49 -4.51 4.65 -0.88
CA LYS A 49 -4.59 4.38 -2.31
C LYS A 49 -3.47 3.45 -2.75
N TRP A 50 -2.28 3.69 -2.23
CA TRP A 50 -1.12 2.89 -2.56
C TRP A 50 -1.22 1.51 -1.93
N PHE A 51 -1.58 1.45 -0.65
CA PHE A 51 -1.72 0.18 0.05
C PHE A 51 -2.72 -0.72 -0.68
N LYS A 52 -3.83 -0.12 -1.10
CA LYS A 52 -4.89 -0.85 -1.80
C LYS A 52 -4.40 -1.39 -3.14
N GLN A 53 -3.63 -0.60 -3.86
CA GLN A 53 -3.13 -1.00 -5.17
C GLN A 53 -2.15 -2.16 -5.04
N ARG A 54 -1.40 -2.17 -3.94
CA ARG A 54 -0.44 -3.24 -3.70
C ARG A 54 -1.15 -4.51 -3.32
N LEU A 55 -2.24 -4.37 -2.57
CA LEU A 55 -3.05 -5.50 -2.15
C LEU A 55 -3.44 -6.37 -3.35
N ALA A 56 -3.80 -5.69 -4.44
CA ALA A 56 -4.17 -6.37 -5.68
C ALA A 56 -2.95 -7.01 -6.34
N GLU A 57 -1.89 -6.22 -6.49
CA GLU A 57 -0.66 -6.68 -7.14
C GLU A 57 -0.01 -7.82 -6.38
N TRP A 58 -0.06 -7.76 -5.06
CA TRP A 58 0.55 -8.77 -4.20
C TRP A 58 -0.05 -10.15 -4.50
N ARG A 59 -1.37 -10.22 -4.54
CA ARG A 59 -2.05 -11.49 -4.73
C ARG A 59 -1.76 -12.08 -6.11
N ARG A 60 -1.69 -11.22 -7.12
CA ARG A 60 -1.48 -11.68 -8.49
C ARG A 60 0.01 -11.88 -8.78
N SER A 61 0.78 -10.79 -8.70
CA SER A 61 2.18 -10.80 -9.10
C SER A 61 3.08 -11.50 -8.09
N GLU A 62 2.99 -11.10 -6.82
CA GLU A 62 3.81 -11.71 -5.78
C GLU A 62 3.38 -13.17 -5.58
N GLY A 63 2.09 -13.40 -5.71
CA GLY A 63 1.58 -14.74 -5.69
C GLY A 63 1.22 -15.21 -4.30
N LEU A 64 0.34 -16.20 -4.23
CA LEU A 64 -0.01 -16.83 -2.97
C LEU A 64 0.57 -18.23 -2.94
N PRO A 65 1.32 -18.57 -1.88
CA PRO A 65 2.02 -19.86 -1.76
C PRO A 65 1.08 -21.03 -1.46
N SER A 66 0.01 -21.13 -2.23
CA SER A 66 -0.95 -22.21 -2.11
C SER A 66 -0.50 -23.40 -2.97
N GLU A 67 -0.62 -24.60 -2.42
CA GLU A 67 -0.22 -25.81 -3.12
C GLU A 67 -0.87 -27.01 -2.48
N CYS A 68 -0.57 -28.20 -3.00
CA CYS A 68 -1.02 -29.44 -2.40
C CYS A 68 -0.13 -29.75 -1.19
N ARG A 69 1.06 -29.19 -1.22
CA ARG A 69 1.98 -29.25 -0.09
C ARG A 69 1.66 -28.14 0.89
N SER A 70 2.47 -28.00 1.94
CA SER A 70 2.33 -26.91 2.90
C SER A 70 2.59 -25.55 2.24
N VAL A 71 2.56 -24.48 3.02
CA VAL A 71 2.81 -23.14 2.50
C VAL A 71 4.18 -23.08 1.83
N THR A 72 4.17 -22.79 0.54
CA THR A 72 5.38 -22.85 -0.28
C THR A 72 6.25 -21.61 -0.09
N ASP A 73 6.98 -21.59 1.02
CA ASP A 73 7.91 -20.52 1.31
C ASP A 73 9.04 -21.05 2.17
N MET A 1 7.95 11.25 -17.24
CA MET A 1 8.07 12.42 -18.10
C MET A 1 7.22 12.23 -19.33
N SER A 2 6.72 11.02 -19.51
CA SER A 2 5.80 10.69 -20.58
C SER A 2 4.42 11.28 -20.26
N ALA A 3 4.18 11.48 -18.97
CA ALA A 3 2.92 12.03 -18.49
C ALA A 3 3.16 13.40 -17.86
N GLN A 4 2.11 14.02 -17.37
CA GLN A 4 2.20 15.32 -16.74
C GLN A 4 1.16 15.45 -15.64
N THR A 5 1.54 16.09 -14.54
CA THR A 5 0.66 16.29 -13.41
C THR A 5 0.13 14.94 -12.90
N VAL A 6 1.01 14.15 -12.31
CA VAL A 6 0.65 12.82 -11.86
C VAL A 6 0.28 12.81 -10.38
N SER A 7 0.97 13.67 -9.61
CA SER A 7 0.80 13.72 -8.16
C SER A 7 1.17 12.38 -7.52
N GLY A 8 0.71 12.16 -6.29
CA GLY A 8 1.00 10.91 -5.61
C GLY A 8 2.35 10.92 -4.93
N PRO A 9 2.78 9.77 -4.40
CA PRO A 9 4.08 9.63 -3.76
C PRO A 9 5.19 9.27 -4.76
N THR A 10 6.33 9.94 -4.64
CA THR A 10 7.45 9.69 -5.53
C THR A 10 8.19 8.41 -5.13
N GLU A 11 9.22 8.08 -5.91
CA GLU A 11 9.99 6.85 -5.71
C GLU A 11 10.58 6.77 -4.30
N ASP A 12 11.05 7.89 -3.79
CA ASP A 12 11.65 7.94 -2.46
C ASP A 12 10.61 7.64 -1.39
N GLN A 13 9.39 8.10 -1.63
CA GLN A 13 8.29 7.87 -0.71
C GLN A 13 7.84 6.42 -0.80
N VAL A 14 7.91 5.86 -2.00
CA VAL A 14 7.57 4.47 -2.25
C VAL A 14 8.50 3.56 -1.44
N GLU A 15 9.76 3.96 -1.32
CA GLU A 15 10.73 3.20 -0.53
C GLU A 15 10.26 3.03 0.91
N ILE A 16 9.80 4.12 1.51
CA ILE A 16 9.32 4.10 2.88
C ILE A 16 7.99 3.33 2.96
N LEU A 17 7.13 3.57 1.99
CA LEU A 17 5.83 2.91 1.93
C LEU A 17 5.98 1.40 1.79
N GLU A 18 6.84 0.98 0.88
CA GLU A 18 7.06 -0.44 0.60
C GLU A 18 7.55 -1.16 1.85
N TYR A 19 8.39 -0.49 2.63
CA TYR A 19 8.91 -1.08 3.86
C TYR A 19 7.76 -1.31 4.83
N ASN A 20 6.94 -0.28 5.04
CA ASN A 20 5.80 -0.37 5.95
C ASN A 20 4.81 -1.43 5.48
N PHE A 21 4.32 -1.29 4.26
CA PHE A 21 3.27 -2.16 3.73
C PHE A 21 3.65 -3.64 3.83
N ASN A 22 4.91 -3.94 3.53
CA ASN A 22 5.40 -5.32 3.59
C ASN A 22 5.49 -5.82 5.02
N LYS A 23 5.81 -4.92 5.93
CA LYS A 23 6.09 -5.29 7.30
C LYS A 23 4.83 -5.29 8.16
N VAL A 24 4.01 -4.25 8.06
CA VAL A 24 2.88 -4.08 8.95
C VAL A 24 1.79 -5.13 8.72
N ASN A 25 1.14 -5.07 7.56
CA ASN A 25 -0.02 -5.92 7.30
C ASN A 25 -0.51 -5.77 5.86
N LYS A 26 -1.13 -6.83 5.36
CA LYS A 26 -1.81 -6.77 4.08
C LYS A 26 -3.07 -5.92 4.20
N HIS A 27 -3.71 -5.97 5.37
CA HIS A 27 -4.91 -5.20 5.63
C HIS A 27 -4.71 -4.30 6.84
N PRO A 28 -4.06 -3.13 6.65
CA PRO A 28 -3.80 -2.18 7.72
C PRO A 28 -5.00 -1.28 8.00
N ASP A 29 -5.19 -0.93 9.27
CA ASP A 29 -6.30 -0.09 9.67
C ASP A 29 -5.96 1.38 9.42
N PRO A 30 -6.98 2.26 9.35
CA PRO A 30 -6.79 3.71 9.25
C PRO A 30 -5.90 4.26 10.37
N THR A 31 -5.95 3.59 11.51
CA THR A 31 -5.10 3.95 12.65
C THR A 31 -3.63 3.81 12.27
N THR A 32 -3.31 2.69 11.62
CA THR A 32 -1.97 2.46 11.09
C THR A 32 -1.64 3.52 10.05
N LEU A 33 -2.61 3.79 9.19
CA LEU A 33 -2.47 4.76 8.11
C LEU A 33 -2.05 6.13 8.65
N CYS A 34 -2.72 6.56 9.72
CA CYS A 34 -2.46 7.88 10.29
C CYS A 34 -1.00 8.07 10.68
N LEU A 35 -0.44 7.12 11.44
CA LEU A 35 0.91 7.28 11.96
C LEU A 35 1.97 7.18 10.85
N ILE A 36 1.76 6.27 9.90
CA ILE A 36 2.74 6.08 8.84
C ILE A 36 2.66 7.22 7.82
N ALA A 37 1.46 7.75 7.62
CA ALA A 37 1.29 8.89 6.72
C ALA A 37 2.02 10.10 7.26
N ALA A 38 1.87 10.35 8.55
CA ALA A 38 2.54 11.47 9.21
C ALA A 38 4.06 11.31 9.13
N GLU A 39 4.54 10.06 9.24
CA GLU A 39 5.96 9.78 9.17
C GLU A 39 6.50 10.05 7.76
N ALA A 40 5.78 9.55 6.76
CA ALA A 40 6.22 9.67 5.37
C ALA A 40 5.96 11.06 4.80
N GLY A 41 5.03 11.78 5.39
CA GLY A 41 4.64 13.09 4.87
C GLY A 41 3.43 12.99 3.99
N LEU A 42 2.93 11.77 3.85
CA LEU A 42 1.77 11.46 3.05
C LEU A 42 0.47 11.84 3.79
N THR A 43 -0.64 11.64 3.11
CA THR A 43 -1.95 11.83 3.73
C THR A 43 -2.73 10.52 3.76
N GLU A 44 -3.92 10.57 4.33
CA GLU A 44 -4.77 9.41 4.47
C GLU A 44 -5.07 8.75 3.12
N GLU A 45 -5.49 9.56 2.15
CA GLU A 45 -5.88 9.04 0.84
C GLU A 45 -4.70 8.40 0.13
N GLN A 46 -3.58 9.10 0.07
CA GLN A 46 -2.39 8.62 -0.61
C GLN A 46 -1.93 7.28 -0.07
N THR A 47 -1.82 7.19 1.25
CA THR A 47 -1.32 5.99 1.89
C THR A 47 -2.24 4.80 1.62
N GLN A 48 -3.54 5.00 1.77
CA GLN A 48 -4.50 3.93 1.53
C GLN A 48 -4.51 3.53 0.06
N LYS A 49 -4.49 4.53 -0.82
CA LYS A 49 -4.47 4.29 -2.25
C LYS A 49 -3.27 3.47 -2.66
N TRP A 50 -2.10 3.84 -2.13
CA TRP A 50 -0.87 3.13 -2.45
C TRP A 50 -0.88 1.72 -1.87
N PHE A 51 -1.28 1.59 -0.61
CA PHE A 51 -1.32 0.30 0.05
C PHE A 51 -2.24 -0.66 -0.72
N LYS A 52 -3.39 -0.13 -1.15
CA LYS A 52 -4.33 -0.93 -1.94
C LYS A 52 -3.81 -1.19 -3.34
N GLN A 53 -2.99 -0.28 -3.85
CA GLN A 53 -2.38 -0.44 -5.15
C GLN A 53 -1.38 -1.60 -5.13
N ARG A 54 -0.67 -1.76 -4.02
CA ARG A 54 0.26 -2.87 -3.86
C ARG A 54 -0.51 -4.13 -3.47
N LEU A 55 -1.68 -3.95 -2.87
CA LEU A 55 -2.56 -5.07 -2.57
C LEU A 55 -2.91 -5.81 -3.84
N ALA A 56 -3.25 -5.05 -4.89
CA ALA A 56 -3.52 -5.62 -6.19
C ALA A 56 -2.27 -6.29 -6.75
N GLU A 57 -1.13 -5.64 -6.56
CA GLU A 57 0.16 -6.17 -7.00
C GLU A 57 0.43 -7.52 -6.34
N TRP A 58 0.27 -7.58 -5.02
CA TRP A 58 0.47 -8.80 -4.25
C TRP A 58 -0.50 -9.89 -4.74
N ARG A 59 -1.77 -9.51 -4.88
CA ARG A 59 -2.82 -10.44 -5.27
C ARG A 59 -2.54 -11.05 -6.65
N ARG A 60 -2.00 -10.25 -7.55
CA ARG A 60 -1.70 -10.74 -8.90
C ARG A 60 -0.35 -11.47 -8.93
N SER A 61 0.52 -11.16 -7.97
CA SER A 61 1.81 -11.83 -7.89
C SER A 61 1.65 -13.29 -7.46
N GLU A 62 1.12 -13.50 -6.28
CA GLU A 62 1.00 -14.86 -5.72
C GLU A 62 -0.35 -15.47 -6.05
N GLY A 63 -1.38 -14.66 -6.05
CA GLY A 63 -2.73 -15.16 -6.24
C GLY A 63 -3.36 -15.57 -4.92
N LEU A 64 -4.65 -15.80 -4.93
CA LEU A 64 -5.36 -16.19 -3.73
C LEU A 64 -6.01 -17.56 -3.93
N PRO A 65 -5.90 -18.45 -2.92
CA PRO A 65 -6.52 -19.78 -2.97
C PRO A 65 -8.05 -19.70 -2.83
N SER A 66 -8.69 -19.01 -3.76
CA SER A 66 -10.14 -18.86 -3.77
C SER A 66 -10.65 -18.74 -5.20
N GLU A 67 -11.89 -19.17 -5.40
CA GLU A 67 -12.55 -19.11 -6.71
C GLU A 67 -13.98 -19.59 -6.54
N CYS A 68 -14.90 -18.64 -6.32
CA CYS A 68 -16.30 -18.94 -6.02
C CYS A 68 -16.43 -19.51 -4.61
N ARG A 69 -15.60 -20.49 -4.29
CA ARG A 69 -15.52 -21.05 -2.96
C ARG A 69 -14.57 -20.23 -2.10
N SER A 70 -14.54 -20.51 -0.80
CA SER A 70 -13.70 -19.76 0.12
C SER A 70 -12.24 -20.15 0.00
N VAL A 71 -11.41 -19.59 0.88
CA VAL A 71 -9.97 -19.85 0.88
C VAL A 71 -9.67 -21.28 1.29
N THR A 72 -8.92 -21.98 0.45
CA THR A 72 -8.45 -23.31 0.81
C THR A 72 -7.23 -23.19 1.72
N ASP A 73 -7.48 -22.84 2.98
CA ASP A 73 -6.42 -22.73 3.96
C ASP A 73 -6.46 -23.93 4.89
N MET A 1 -11.96 18.08 -11.29
CA MET A 1 -11.41 16.80 -11.73
C MET A 1 -10.75 16.08 -10.55
N SER A 2 -9.76 15.24 -10.84
CA SER A 2 -9.07 14.46 -9.82
C SER A 2 -8.31 15.37 -8.86
N ALA A 3 -8.51 15.14 -7.56
CA ALA A 3 -7.88 15.94 -6.52
C ALA A 3 -6.36 15.76 -6.53
N GLN A 4 -5.91 14.53 -6.52
CA GLN A 4 -4.48 14.24 -6.55
C GLN A 4 -4.00 14.12 -7.98
N THR A 5 -3.63 15.24 -8.56
CA THR A 5 -3.17 15.28 -9.94
C THR A 5 -1.75 15.81 -10.03
N VAL A 6 -1.47 16.87 -9.26
CA VAL A 6 -0.17 17.53 -9.28
C VAL A 6 0.96 16.55 -8.95
N SER A 7 0.90 15.95 -7.76
CA SER A 7 1.95 15.06 -7.31
C SER A 7 1.35 13.88 -6.57
N GLY A 8 2.19 12.88 -6.29
CA GLY A 8 1.77 11.71 -5.56
C GLY A 8 2.94 11.03 -4.90
N PRO A 9 2.85 9.72 -4.64
CA PRO A 9 3.93 8.95 -4.03
C PRO A 9 5.16 8.88 -4.93
N THR A 10 6.19 9.62 -4.56
CA THR A 10 7.43 9.68 -5.33
C THR A 10 8.25 8.41 -5.15
N GLU A 11 9.32 8.27 -5.92
CA GLU A 11 10.14 7.06 -5.89
C GLU A 11 10.75 6.83 -4.51
N ASP A 12 11.37 7.87 -3.96
CA ASP A 12 11.97 7.80 -2.63
C ASP A 12 10.90 7.61 -1.56
N GLN A 13 9.70 8.09 -1.86
CA GLN A 13 8.58 7.94 -0.96
C GLN A 13 8.09 6.50 -0.96
N VAL A 14 8.07 5.88 -2.13
CA VAL A 14 7.66 4.48 -2.28
C VAL A 14 8.65 3.58 -1.56
N GLU A 15 9.90 3.98 -1.55
CA GLU A 15 10.95 3.25 -0.84
C GLU A 15 10.56 3.04 0.63
N ILE A 16 9.87 4.02 1.20
CA ILE A 16 9.39 3.91 2.58
C ILE A 16 8.07 3.16 2.60
N LEU A 17 7.18 3.54 1.69
CA LEU A 17 5.82 3.00 1.63
C LEU A 17 5.83 1.49 1.41
N GLU A 18 6.65 1.02 0.48
CA GLU A 18 6.77 -0.40 0.18
C GLU A 18 7.18 -1.17 1.44
N TYR A 19 8.20 -0.64 2.10
CA TYR A 19 8.70 -1.23 3.34
C TYR A 19 7.59 -1.26 4.38
N ASN A 20 6.84 -0.16 4.47
CA ASN A 20 5.70 -0.09 5.38
C ASN A 20 4.69 -1.19 5.07
N PHE A 21 4.16 -1.16 3.85
CA PHE A 21 3.06 -2.04 3.44
C PHE A 21 3.39 -3.51 3.62
N ASN A 22 4.56 -3.93 3.18
CA ASN A 22 4.92 -5.34 3.21
C ASN A 22 5.37 -5.79 4.59
N LYS A 23 5.61 -4.83 5.48
CA LYS A 23 6.06 -5.14 6.85
C LYS A 23 4.89 -5.19 7.82
N VAL A 24 3.90 -4.32 7.63
CA VAL A 24 2.75 -4.29 8.52
C VAL A 24 1.77 -5.42 8.19
N ASN A 25 1.18 -5.33 7.00
CA ASN A 25 0.08 -6.19 6.61
C ASN A 25 -0.48 -5.67 5.30
N LYS A 26 -1.04 -6.56 4.49
CA LYS A 26 -1.54 -6.18 3.17
C LYS A 26 -2.75 -5.26 3.28
N HIS A 27 -3.38 -5.26 4.45
CA HIS A 27 -4.56 -4.44 4.65
C HIS A 27 -4.30 -3.34 5.67
N PRO A 28 -4.22 -2.09 5.21
CA PRO A 28 -3.96 -0.94 6.08
C PRO A 28 -5.16 -0.58 6.94
N ASP A 29 -5.00 -0.67 8.25
CA ASP A 29 -6.04 -0.29 9.18
C ASP A 29 -5.98 1.21 9.43
N PRO A 30 -7.05 1.81 9.96
CA PRO A 30 -7.08 3.25 10.27
C PRO A 30 -5.90 3.66 11.14
N THR A 31 -5.61 2.86 12.16
CA THR A 31 -4.50 3.10 13.06
C THR A 31 -3.17 3.07 12.31
N THR A 32 -3.06 2.14 11.38
CA THR A 32 -1.84 2.00 10.59
C THR A 32 -1.67 3.18 9.63
N LEU A 33 -2.75 3.53 8.94
CA LEU A 33 -2.72 4.59 7.95
C LEU A 33 -2.28 5.92 8.57
N CYS A 34 -2.85 6.24 9.72
CA CYS A 34 -2.57 7.50 10.38
C CYS A 34 -1.10 7.62 10.78
N LEU A 35 -0.53 6.54 11.30
CA LEU A 35 0.84 6.56 11.77
C LEU A 35 1.81 6.49 10.60
N ILE A 36 1.47 5.69 9.59
CA ILE A 36 2.33 5.50 8.43
C ILE A 36 2.35 6.77 7.57
N ALA A 37 1.18 7.39 7.39
CA ALA A 37 1.10 8.65 6.69
C ALA A 37 1.94 9.69 7.41
N ALA A 38 1.89 9.67 8.75
CA ALA A 38 2.68 10.58 9.55
C ALA A 38 4.17 10.32 9.35
N GLU A 39 4.57 9.05 9.43
CA GLU A 39 5.96 8.67 9.26
C GLU A 39 6.45 9.01 7.85
N ALA A 40 5.67 8.65 6.84
CA ALA A 40 6.07 8.85 5.45
C ALA A 40 5.88 10.31 5.00
N GLY A 41 5.02 11.03 5.70
CA GLY A 41 4.81 12.44 5.40
C GLY A 41 3.56 12.69 4.58
N LEU A 42 3.02 11.63 4.00
CA LEU A 42 1.82 11.69 3.21
C LEU A 42 0.58 11.91 4.07
N THR A 43 -0.53 12.26 3.43
CA THR A 43 -1.81 12.31 4.10
C THR A 43 -2.47 10.94 4.01
N GLU A 44 -3.47 10.71 4.84
CA GLU A 44 -4.15 9.41 4.91
C GLU A 44 -4.71 9.00 3.56
N GLU A 45 -5.34 9.95 2.87
CA GLU A 45 -5.96 9.68 1.57
C GLU A 45 -4.93 9.12 0.57
N GLN A 46 -3.73 9.71 0.59
CA GLN A 46 -2.68 9.31 -0.32
C GLN A 46 -2.12 7.94 0.03
N THR A 47 -2.01 7.66 1.33
CA THR A 47 -1.47 6.38 1.77
C THR A 47 -2.44 5.25 1.46
N GLN A 48 -3.71 5.49 1.72
CA GLN A 48 -4.74 4.49 1.45
C GLN A 48 -4.80 4.17 -0.03
N LYS A 49 -4.71 5.20 -0.85
CA LYS A 49 -4.76 5.03 -2.31
C LYS A 49 -3.55 4.25 -2.81
N TRP A 50 -2.42 4.43 -2.15
CA TRP A 50 -1.20 3.74 -2.52
C TRP A 50 -1.22 2.29 -2.03
N PHE A 51 -1.60 2.10 -0.77
CA PHE A 51 -1.65 0.75 -0.19
C PHE A 51 -2.62 -0.13 -0.99
N LYS A 52 -3.73 0.46 -1.41
CA LYS A 52 -4.73 -0.25 -2.21
C LYS A 52 -4.17 -0.60 -3.58
N GLN A 53 -3.21 0.19 -4.06
CA GLN A 53 -2.57 -0.07 -5.33
C GLN A 53 -1.71 -1.34 -5.22
N ARG A 54 -1.09 -1.53 -4.07
CA ARG A 54 -0.26 -2.70 -3.84
C ARG A 54 -1.10 -3.93 -3.58
N LEU A 55 -2.33 -3.71 -3.12
CA LEU A 55 -3.29 -4.80 -2.92
C LEU A 55 -3.51 -5.53 -4.24
N ALA A 56 -3.59 -4.76 -5.33
CA ALA A 56 -3.73 -5.32 -6.66
C ALA A 56 -2.55 -6.23 -7.00
N GLU A 57 -1.37 -5.84 -6.51
CA GLU A 57 -0.15 -6.59 -6.77
C GLU A 57 0.00 -7.76 -5.80
N TRP A 58 -0.55 -7.63 -4.59
CA TRP A 58 -0.42 -8.65 -3.56
C TRP A 58 -0.93 -10.00 -4.08
N ARG A 59 -1.91 -9.96 -4.95
CA ARG A 59 -2.48 -11.15 -5.54
C ARG A 59 -1.48 -11.89 -6.42
N ARG A 60 -0.57 -11.15 -7.05
CA ARG A 60 0.43 -11.77 -7.91
C ARG A 60 1.63 -12.27 -7.08
N SER A 61 1.89 -11.62 -5.96
CA SER A 61 3.02 -11.98 -5.12
C SER A 61 2.69 -13.17 -4.22
N GLU A 62 1.57 -13.08 -3.51
CA GLU A 62 1.19 -14.11 -2.54
C GLU A 62 0.44 -15.25 -3.22
N GLY A 63 -0.10 -14.99 -4.41
CA GLY A 63 -0.77 -16.04 -5.16
C GLY A 63 -2.26 -16.11 -4.86
N LEU A 64 -3.03 -15.40 -5.66
CA LEU A 64 -4.49 -15.43 -5.56
C LEU A 64 -5.06 -16.06 -6.83
N PRO A 65 -6.29 -16.61 -6.78
CA PRO A 65 -6.93 -17.20 -7.96
C PRO A 65 -7.19 -16.19 -9.07
N SER A 66 -6.28 -16.16 -10.06
CA SER A 66 -6.40 -15.30 -11.24
C SER A 66 -6.21 -13.81 -10.89
N GLU A 67 -5.64 -13.07 -11.84
CA GLU A 67 -5.43 -11.65 -11.66
C GLU A 67 -6.37 -10.83 -12.54
N CYS A 68 -6.68 -11.37 -13.72
CA CYS A 68 -7.61 -10.72 -14.64
C CYS A 68 -9.01 -10.68 -14.02
N ARG A 69 -9.56 -11.86 -13.75
CA ARG A 69 -10.84 -11.95 -13.08
C ARG A 69 -10.62 -12.08 -11.60
N SER A 70 -11.53 -11.54 -10.80
CA SER A 70 -11.39 -11.59 -9.37
C SER A 70 -12.03 -12.85 -8.80
N VAL A 71 -11.29 -13.94 -8.84
CA VAL A 71 -11.77 -15.20 -8.29
C VAL A 71 -11.26 -15.35 -6.86
N THR A 72 -11.87 -16.24 -6.11
CA THR A 72 -11.55 -16.40 -4.71
C THR A 72 -11.23 -17.86 -4.40
N ASP A 73 -10.76 -18.12 -3.19
CA ASP A 73 -10.41 -19.46 -2.78
C ASP A 73 -11.58 -20.11 -2.06
N MET A 1 11.16 9.95 -14.27
CA MET A 1 10.12 10.85 -13.80
C MET A 1 9.05 10.99 -14.87
N SER A 2 7.81 10.99 -14.46
CA SER A 2 6.69 11.05 -15.39
C SER A 2 6.26 12.50 -15.60
N ALA A 3 5.17 12.69 -16.35
CA ALA A 3 4.61 14.01 -16.55
C ALA A 3 3.99 14.51 -15.25
N GLN A 4 3.17 13.68 -14.64
CA GLN A 4 2.58 14.00 -13.36
C GLN A 4 3.41 13.37 -12.25
N THR A 5 4.33 14.16 -11.69
CA THR A 5 5.28 13.68 -10.69
C THR A 5 5.87 12.32 -11.09
N VAL A 6 5.60 11.30 -10.28
CA VAL A 6 5.98 9.93 -10.64
C VAL A 6 4.74 9.05 -10.58
N SER A 7 3.63 9.58 -11.10
CA SER A 7 2.33 8.93 -11.03
C SER A 7 1.93 8.71 -9.58
N GLY A 8 2.07 9.78 -8.78
CA GLY A 8 1.78 9.69 -7.36
C GLY A 8 2.93 10.23 -6.53
N PRO A 9 3.37 9.49 -5.51
CA PRO A 9 4.48 9.87 -4.67
C PRO A 9 5.84 9.61 -5.34
N THR A 10 6.91 10.06 -4.70
CA THR A 10 8.25 9.85 -5.24
C THR A 10 8.67 8.40 -5.03
N GLU A 11 9.71 7.97 -5.73
CA GLU A 11 10.21 6.61 -5.61
C GLU A 11 10.81 6.43 -4.21
N ASP A 12 11.45 7.49 -3.73
CA ASP A 12 12.00 7.51 -2.39
C ASP A 12 10.91 7.30 -1.36
N GLN A 13 9.76 7.92 -1.60
CA GLN A 13 8.60 7.80 -0.72
C GLN A 13 7.99 6.42 -0.88
N VAL A 14 7.95 5.93 -2.12
CA VAL A 14 7.45 4.61 -2.43
C VAL A 14 8.25 3.55 -1.65
N GLU A 15 9.53 3.80 -1.47
CA GLU A 15 10.38 2.90 -0.70
C GLU A 15 9.91 2.79 0.75
N ILE A 16 9.53 3.92 1.34
CA ILE A 16 9.02 3.94 2.70
C ILE A 16 7.69 3.19 2.77
N LEU A 17 6.84 3.53 1.81
CA LEU A 17 5.53 2.90 1.68
C LEU A 17 5.66 1.39 1.48
N GLU A 18 6.56 1.00 0.59
CA GLU A 18 6.81 -0.41 0.29
C GLU A 18 7.23 -1.17 1.54
N TYR A 19 8.11 -0.56 2.33
CA TYR A 19 8.54 -1.17 3.58
C TYR A 19 7.36 -1.29 4.53
N ASN A 20 6.64 -0.18 4.68
CA ASN A 20 5.46 -0.13 5.55
C ASN A 20 4.46 -1.21 5.15
N PHE A 21 3.98 -1.13 3.92
CA PHE A 21 2.92 -2.01 3.42
C PHE A 21 3.28 -3.48 3.64
N ASN A 22 4.50 -3.84 3.27
CA ASN A 22 4.95 -5.22 3.34
C ASN A 22 5.00 -5.73 4.78
N LYS A 23 5.54 -4.91 5.68
CA LYS A 23 5.83 -5.35 7.04
C LYS A 23 4.69 -5.05 8.02
N VAL A 24 4.00 -3.93 7.83
CA VAL A 24 3.06 -3.43 8.81
C VAL A 24 1.82 -4.31 8.96
N ASN A 25 1.26 -4.77 7.85
CA ASN A 25 0.02 -5.55 7.89
C ASN A 25 -0.47 -5.96 6.51
N LYS A 26 0.06 -5.28 5.48
CA LYS A 26 -0.40 -5.45 4.09
C LYS A 26 -1.77 -4.80 3.91
N HIS A 27 -2.74 -5.21 4.71
CA HIS A 27 -4.06 -4.60 4.69
C HIS A 27 -3.99 -3.21 5.32
N PRO A 28 -4.49 -2.19 4.61
CA PRO A 28 -4.45 -0.80 5.09
C PRO A 28 -5.40 -0.56 6.26
N ASP A 29 -4.93 -0.84 7.46
CA ASP A 29 -5.72 -0.57 8.66
C ASP A 29 -5.67 0.92 8.99
N PRO A 30 -6.82 1.48 9.38
CA PRO A 30 -6.96 2.92 9.62
C PRO A 30 -5.99 3.44 10.68
N THR A 31 -5.80 2.66 11.73
CA THR A 31 -4.92 3.04 12.82
C THR A 31 -3.48 3.23 12.31
N THR A 32 -3.03 2.26 11.51
CA THR A 32 -1.72 2.33 10.88
C THR A 32 -1.63 3.53 9.94
N LEU A 33 -2.66 3.71 9.13
CA LEU A 33 -2.65 4.71 8.06
C LEU A 33 -2.36 6.11 8.60
N CYS A 34 -3.10 6.53 9.62
CA CYS A 34 -2.93 7.87 10.17
C CYS A 34 -1.54 8.07 10.76
N LEU A 35 -0.99 7.03 11.36
CA LEU A 35 0.31 7.12 12.02
C LEU A 35 1.45 7.09 11.01
N ILE A 36 1.43 6.11 10.11
CA ILE A 36 2.53 5.93 9.17
C ILE A 36 2.54 7.00 8.10
N ALA A 37 1.37 7.55 7.78
CA ALA A 37 1.27 8.62 6.81
C ALA A 37 2.07 9.83 7.27
N ALA A 38 1.92 10.18 8.55
CA ALA A 38 2.64 11.30 9.13
C ALA A 38 4.14 11.04 9.11
N GLU A 39 4.52 9.79 9.41
CA GLU A 39 5.92 9.39 9.42
C GLU A 39 6.53 9.50 8.02
N ALA A 40 5.79 9.05 7.01
CA ALA A 40 6.27 9.07 5.64
C ALA A 40 6.18 10.47 5.04
N GLY A 41 5.32 11.31 5.60
CA GLY A 41 5.12 12.64 5.07
C GLY A 41 4.07 12.67 3.98
N LEU A 42 3.11 11.77 4.11
CA LEU A 42 2.05 11.61 3.13
C LEU A 42 0.70 11.77 3.81
N THR A 43 -0.36 12.01 3.05
CA THR A 43 -1.68 12.12 3.64
C THR A 43 -2.29 10.74 3.79
N GLU A 44 -3.16 10.58 4.78
CA GLU A 44 -3.79 9.31 5.05
C GLU A 44 -4.52 8.77 3.82
N GLU A 45 -5.21 9.67 3.13
CA GLU A 45 -5.95 9.30 1.92
C GLU A 45 -5.01 8.76 0.84
N GLN A 46 -3.88 9.43 0.66
CA GLN A 46 -2.90 9.03 -0.35
C GLN A 46 -2.29 7.68 0.00
N THR A 47 -1.92 7.52 1.26
CA THR A 47 -1.31 6.30 1.75
C THR A 47 -2.24 5.10 1.53
N GLN A 48 -3.52 5.27 1.83
CA GLN A 48 -4.50 4.21 1.67
C GLN A 48 -4.62 3.81 0.20
N LYS A 49 -4.63 4.81 -0.68
CA LYS A 49 -4.74 4.58 -2.12
C LYS A 49 -3.56 3.76 -2.63
N TRP A 50 -2.36 4.12 -2.18
CA TRP A 50 -1.16 3.42 -2.57
C TRP A 50 -1.16 2.00 -2.01
N PHE A 51 -1.50 1.87 -0.73
CA PHE A 51 -1.58 0.56 -0.08
C PHE A 51 -2.53 -0.36 -0.84
N LYS A 52 -3.65 0.21 -1.28
CA LYS A 52 -4.68 -0.54 -1.99
C LYS A 52 -4.14 -1.13 -3.30
N GLN A 53 -3.36 -0.37 -4.04
CA GLN A 53 -2.86 -0.83 -5.33
C GLN A 53 -1.84 -1.96 -5.16
N ARG A 54 -1.08 -1.90 -4.07
CA ARG A 54 -0.11 -2.96 -3.78
C ARG A 54 -0.83 -4.23 -3.39
N LEU A 55 -1.92 -4.07 -2.63
CA LEU A 55 -2.71 -5.21 -2.19
C LEU A 55 -3.24 -6.00 -3.37
N ALA A 56 -3.69 -5.29 -4.39
CA ALA A 56 -4.19 -5.92 -5.60
C ALA A 56 -3.06 -6.65 -6.32
N GLU A 57 -1.92 -5.99 -6.44
CA GLU A 57 -0.75 -6.57 -7.10
C GLU A 57 -0.25 -7.78 -6.34
N TRP A 58 -0.19 -7.68 -5.01
CA TRP A 58 0.32 -8.74 -4.16
C TRP A 58 -0.43 -10.06 -4.41
N ARG A 59 -1.75 -9.96 -4.54
CA ARG A 59 -2.58 -11.14 -4.77
C ARG A 59 -2.25 -11.77 -6.13
N ARG A 60 -1.72 -10.96 -7.04
CA ARG A 60 -1.35 -11.43 -8.36
C ARG A 60 0.04 -12.07 -8.35
N SER A 61 1.03 -11.37 -7.79
CA SER A 61 2.41 -11.85 -7.82
C SER A 61 2.63 -13.02 -6.87
N GLU A 62 2.25 -12.85 -5.60
CA GLU A 62 2.44 -13.89 -4.60
C GLU A 62 1.48 -15.04 -4.86
N GLY A 63 0.29 -14.70 -5.33
CA GLY A 63 -0.70 -15.71 -5.65
C GLY A 63 -1.52 -16.10 -4.43
N LEU A 64 -2.71 -16.61 -4.68
CA LEU A 64 -3.59 -17.05 -3.61
C LEU A 64 -3.90 -18.54 -3.76
N PRO A 65 -3.83 -19.32 -2.67
CA PRO A 65 -4.19 -20.73 -2.69
C PRO A 65 -5.71 -20.93 -2.76
N SER A 66 -6.28 -20.58 -3.90
CA SER A 66 -7.72 -20.67 -4.11
C SER A 66 -8.18 -22.12 -4.17
N GLU A 67 -7.50 -22.92 -4.97
CA GLU A 67 -7.85 -24.32 -5.13
C GLU A 67 -7.28 -25.16 -3.99
N CYS A 68 -8.14 -25.55 -3.06
CA CYS A 68 -7.77 -26.35 -1.91
C CYS A 68 -6.79 -25.59 -1.00
N ARG A 69 -6.35 -26.23 0.06
CA ARG A 69 -5.31 -25.67 0.91
C ARG A 69 -3.94 -26.04 0.34
N SER A 70 -3.42 -25.18 -0.50
CA SER A 70 -2.16 -25.45 -1.19
C SER A 70 -1.11 -24.40 -0.81
N VAL A 71 0.14 -24.69 -1.11
CA VAL A 71 1.21 -23.72 -0.94
C VAL A 71 1.53 -23.07 -2.29
N THR A 72 1.26 -21.78 -2.40
CA THR A 72 1.42 -21.07 -3.65
C THR A 72 2.88 -20.74 -3.94
N ASP A 73 3.24 -20.78 -5.21
CA ASP A 73 4.57 -20.43 -5.67
C ASP A 73 4.45 -19.71 -7.01
N MET A 1 14.38 9.30 -11.88
CA MET A 1 12.97 9.42 -11.56
C MET A 1 12.77 10.29 -10.32
N SER A 2 13.81 11.05 -9.99
CA SER A 2 13.79 11.93 -8.82
C SER A 2 12.81 13.08 -9.02
N ALA A 3 12.99 13.83 -10.11
CA ALA A 3 12.16 14.98 -10.38
C ALA A 3 11.01 14.62 -11.32
N GLN A 4 10.67 13.34 -11.34
CA GLN A 4 9.57 12.85 -12.16
C GLN A 4 8.24 13.18 -11.51
N THR A 5 7.34 13.78 -12.28
CA THR A 5 6.03 14.16 -11.79
C THR A 5 5.15 12.93 -11.58
N VAL A 6 4.70 12.74 -10.34
CA VAL A 6 3.82 11.64 -10.00
C VAL A 6 2.64 12.14 -9.17
N SER A 7 1.43 11.83 -9.60
CA SER A 7 0.24 12.21 -8.85
C SER A 7 0.03 11.26 -7.66
N GLY A 8 1.03 11.22 -6.79
CA GLY A 8 0.99 10.34 -5.65
C GLY A 8 2.35 10.26 -5.00
N PRO A 9 2.70 9.11 -4.41
CA PRO A 9 4.01 8.90 -3.79
C PRO A 9 5.12 8.80 -4.83
N THR A 10 6.15 9.61 -4.66
CA THR A 10 7.30 9.60 -5.56
C THR A 10 8.21 8.41 -5.28
N GLU A 11 9.37 8.38 -5.93
CA GLU A 11 10.28 7.24 -5.82
C GLU A 11 10.67 6.96 -4.36
N ASP A 12 11.09 8.00 -3.66
CA ASP A 12 11.52 7.85 -2.28
C ASP A 12 10.33 7.60 -1.36
N GLN A 13 9.19 8.17 -1.70
CA GLN A 13 8.00 8.02 -0.91
C GLN A 13 7.45 6.60 -1.01
N VAL A 14 7.51 6.05 -2.22
CA VAL A 14 7.13 4.66 -2.46
C VAL A 14 8.04 3.73 -1.66
N GLU A 15 9.30 4.10 -1.56
CA GLU A 15 10.28 3.34 -0.80
C GLU A 15 9.85 3.20 0.66
N ILE A 16 9.49 4.33 1.28
CA ILE A 16 9.03 4.33 2.67
C ILE A 16 7.73 3.55 2.79
N LEU A 17 6.89 3.70 1.79
CA LEU A 17 5.59 3.03 1.76
C LEU A 17 5.76 1.52 1.68
N GLU A 18 6.61 1.08 0.75
CA GLU A 18 6.86 -0.34 0.57
C GLU A 18 7.45 -0.96 1.82
N TYR A 19 8.32 -0.20 2.49
CA TYR A 19 8.90 -0.62 3.76
C TYR A 19 7.79 -0.88 4.77
N ASN A 20 6.78 -0.02 4.75
CA ASN A 20 5.68 -0.14 5.70
C ASN A 20 4.75 -1.27 5.33
N PHE A 21 4.34 -1.34 4.06
CA PHE A 21 3.38 -2.36 3.61
C PHE A 21 3.88 -3.77 3.92
N ASN A 22 5.17 -4.01 3.73
CA ASN A 22 5.73 -5.35 3.95
C ASN A 22 6.04 -5.58 5.43
N LYS A 23 6.16 -4.51 6.21
CA LYS A 23 6.49 -4.63 7.63
C LYS A 23 5.22 -4.64 8.49
N VAL A 24 4.23 -3.87 8.08
CA VAL A 24 2.96 -3.80 8.79
C VAL A 24 2.10 -5.01 8.44
N ASN A 25 1.45 -4.93 7.29
CA ASN A 25 0.53 -5.95 6.82
C ASN A 25 -0.05 -5.50 5.49
N LYS A 26 -0.67 -6.40 4.75
CA LYS A 26 -1.14 -6.09 3.41
C LYS A 26 -2.55 -5.49 3.40
N HIS A 27 -2.88 -4.74 4.43
CA HIS A 27 -4.15 -4.05 4.48
C HIS A 27 -3.99 -2.67 5.10
N PRO A 28 -4.51 -1.63 4.44
CA PRO A 28 -4.47 -0.27 4.97
C PRO A 28 -5.47 -0.06 6.11
N ASP A 29 -5.13 -0.54 7.29
CA ASP A 29 -5.99 -0.41 8.46
C ASP A 29 -6.00 1.02 8.96
N PRO A 30 -7.16 1.51 9.43
CA PRO A 30 -7.32 2.89 9.89
C PRO A 30 -6.31 3.28 10.95
N THR A 31 -6.01 2.35 11.86
CA THR A 31 -5.06 2.60 12.94
C THR A 31 -3.67 2.93 12.39
N THR A 32 -3.21 2.09 11.48
CA THR A 32 -1.90 2.25 10.89
C THR A 32 -1.86 3.46 9.96
N LEU A 33 -2.98 3.73 9.30
CA LEU A 33 -3.06 4.78 8.30
C LEU A 33 -2.62 6.13 8.86
N CYS A 34 -3.17 6.52 9.99
CA CYS A 34 -2.82 7.80 10.60
C CYS A 34 -1.34 7.83 10.99
N LEU A 35 -0.84 6.70 11.45
CA LEU A 35 0.52 6.61 11.93
C LEU A 35 1.53 6.64 10.78
N ILE A 36 1.31 5.79 9.78
CA ILE A 36 2.25 5.65 8.67
C ILE A 36 2.27 6.91 7.80
N ALA A 37 1.16 7.60 7.71
CA ALA A 37 1.09 8.83 6.94
C ALA A 37 1.97 9.91 7.56
N ALA A 38 1.86 10.07 8.87
CA ALA A 38 2.67 11.04 9.59
C ALA A 38 4.13 10.62 9.62
N GLU A 39 4.35 9.32 9.73
CA GLU A 39 5.71 8.77 9.79
C GLU A 39 6.43 8.91 8.44
N ALA A 40 5.69 8.68 7.35
CA ALA A 40 6.28 8.79 6.01
C ALA A 40 6.28 10.22 5.52
N GLY A 41 5.53 11.08 6.20
CA GLY A 41 5.48 12.48 5.84
C GLY A 41 4.67 12.73 4.59
N LEU A 42 3.58 12.00 4.45
CA LEU A 42 2.75 12.09 3.26
C LEU A 42 1.26 12.11 3.66
N THR A 43 0.40 12.42 2.70
CA THR A 43 -1.01 12.64 3.00
C THR A 43 -1.82 11.34 2.92
N GLU A 44 -2.85 11.27 3.76
CA GLU A 44 -3.69 10.08 3.93
C GLU A 44 -4.16 9.46 2.61
N GLU A 45 -4.70 10.29 1.73
CA GLU A 45 -5.32 9.82 0.49
C GLU A 45 -4.37 8.94 -0.30
N GLN A 46 -3.16 9.41 -0.50
CA GLN A 46 -2.16 8.68 -1.27
C GLN A 46 -1.77 7.39 -0.56
N THR A 47 -1.55 7.48 0.75
CA THR A 47 -1.16 6.31 1.55
C THR A 47 -2.20 5.21 1.45
N GLN A 48 -3.46 5.56 1.68
CA GLN A 48 -4.55 4.59 1.68
C GLN A 48 -4.69 3.92 0.32
N LYS A 49 -4.70 4.74 -0.72
CA LYS A 49 -4.83 4.25 -2.09
C LYS A 49 -3.65 3.35 -2.46
N TRP A 50 -2.46 3.74 -2.01
CA TRP A 50 -1.25 3.01 -2.33
C TRP A 50 -1.26 1.63 -1.68
N PHE A 51 -1.47 1.58 -0.36
CA PHE A 51 -1.46 0.32 0.38
C PHE A 51 -2.49 -0.65 -0.19
N LYS A 52 -3.63 -0.10 -0.59
CA LYS A 52 -4.70 -0.90 -1.18
C LYS A 52 -4.27 -1.44 -2.55
N GLN A 53 -3.61 -0.60 -3.33
CA GLN A 53 -3.17 -0.96 -4.68
C GLN A 53 -2.12 -2.07 -4.62
N ARG A 54 -1.25 -2.04 -3.61
CA ARG A 54 -0.22 -3.05 -3.46
C ARG A 54 -0.84 -4.39 -3.06
N LEU A 55 -1.88 -4.31 -2.23
CA LEU A 55 -2.57 -5.51 -1.78
C LEU A 55 -3.24 -6.20 -2.97
N ALA A 56 -3.77 -5.41 -3.89
CA ALA A 56 -4.35 -5.94 -5.11
C ALA A 56 -3.27 -6.58 -5.98
N GLU A 57 -2.14 -5.91 -6.09
CA GLU A 57 -1.01 -6.41 -6.87
C GLU A 57 -0.45 -7.70 -6.25
N TRP A 58 -0.41 -7.74 -4.91
CA TRP A 58 0.14 -8.86 -4.18
C TRP A 58 -0.53 -10.17 -4.59
N ARG A 59 -1.84 -10.16 -4.75
CA ARG A 59 -2.59 -11.35 -5.07
C ARG A 59 -2.19 -11.92 -6.43
N ARG A 60 -1.69 -11.05 -7.30
CA ARG A 60 -1.24 -11.46 -8.63
C ARG A 60 0.18 -12.01 -8.54
N SER A 61 1.04 -11.29 -7.83
CA SER A 61 2.43 -11.71 -7.65
C SER A 61 2.50 -13.06 -6.92
N GLU A 62 1.70 -13.20 -5.87
CA GLU A 62 1.63 -14.43 -5.10
C GLU A 62 1.09 -15.57 -5.96
N GLY A 63 0.25 -15.23 -6.93
CA GLY A 63 -0.29 -16.21 -7.86
C GLY A 63 -1.18 -17.23 -7.18
N LEU A 64 -2.19 -16.76 -6.45
CA LEU A 64 -3.09 -17.65 -5.75
C LEU A 64 -4.40 -17.79 -6.51
N PRO A 65 -4.84 -19.02 -6.79
CA PRO A 65 -6.12 -19.29 -7.40
C PRO A 65 -7.22 -19.39 -6.35
N SER A 66 -7.25 -20.52 -5.67
CA SER A 66 -8.20 -20.76 -4.58
C SER A 66 -7.64 -21.85 -3.67
N GLU A 67 -7.22 -21.46 -2.47
CA GLU A 67 -6.61 -22.38 -1.52
C GLU A 67 -7.49 -23.61 -1.28
N CYS A 68 -6.98 -24.78 -1.70
CA CYS A 68 -7.67 -26.06 -1.53
C CYS A 68 -8.98 -26.13 -2.30
N ARG A 69 -9.22 -25.15 -3.17
CA ARG A 69 -10.47 -25.07 -3.91
C ARG A 69 -10.20 -25.17 -5.41
N SER A 70 -11.25 -24.99 -6.21
CA SER A 70 -11.16 -25.08 -7.66
C SER A 70 -10.12 -24.12 -8.22
N VAL A 71 -9.07 -24.65 -8.82
CA VAL A 71 -8.02 -23.83 -9.39
C VAL A 71 -8.48 -23.19 -10.71
N THR A 72 -8.45 -21.87 -10.75
CA THR A 72 -8.83 -21.15 -11.96
C THR A 72 -7.66 -21.10 -12.94
N ASP A 73 -7.50 -22.19 -13.69
CA ASP A 73 -6.41 -22.31 -14.64
C ASP A 73 -6.94 -22.20 -16.06
N MET A 1 1.42 21.68 -18.28
CA MET A 1 0.97 21.27 -16.97
C MET A 1 -0.39 21.89 -16.65
N SER A 2 -1.28 21.09 -16.10
CA SER A 2 -2.59 21.57 -15.69
C SER A 2 -2.89 21.09 -14.28
N ALA A 3 -3.50 19.92 -14.17
CA ALA A 3 -3.77 19.30 -12.89
C ALA A 3 -3.45 17.81 -12.97
N GLN A 4 -4.09 17.13 -13.91
CA GLN A 4 -3.83 15.71 -14.12
C GLN A 4 -2.61 15.54 -15.02
N THR A 5 -1.45 15.49 -14.39
CA THR A 5 -0.20 15.30 -15.11
C THR A 5 0.78 14.52 -14.25
N VAL A 6 1.06 15.06 -13.07
CA VAL A 6 1.92 14.39 -12.10
C VAL A 6 1.28 14.38 -10.72
N SER A 7 0.89 13.21 -10.26
CA SER A 7 0.29 13.04 -8.96
C SER A 7 0.64 11.67 -8.39
N GLY A 8 0.82 11.60 -7.08
CA GLY A 8 1.13 10.35 -6.44
C GLY A 8 2.41 10.43 -5.63
N PRO A 9 2.88 9.31 -5.09
CA PRO A 9 4.10 9.25 -4.30
C PRO A 9 5.35 9.10 -5.16
N THR A 10 6.41 9.77 -4.74
CA THR A 10 7.70 9.69 -5.42
C THR A 10 8.38 8.35 -5.12
N GLU A 11 9.44 8.05 -5.86
CA GLU A 11 10.14 6.76 -5.73
C GLU A 11 10.66 6.57 -4.31
N ASP A 12 11.21 7.62 -3.74
CA ASP A 12 11.75 7.58 -2.38
C ASP A 12 10.64 7.37 -1.36
N GLN A 13 9.48 7.94 -1.63
CA GLN A 13 8.33 7.78 -0.76
C GLN A 13 7.75 6.37 -0.91
N VAL A 14 7.74 5.89 -2.16
CA VAL A 14 7.26 4.53 -2.45
C VAL A 14 8.09 3.50 -1.69
N GLU A 15 9.37 3.79 -1.48
CA GLU A 15 10.24 2.93 -0.68
C GLU A 15 9.68 2.79 0.73
N ILE A 16 9.33 3.92 1.34
CA ILE A 16 8.76 3.95 2.67
C ILE A 16 7.40 3.26 2.68
N LEU A 17 6.63 3.51 1.63
CA LEU A 17 5.31 2.96 1.48
C LEU A 17 5.34 1.43 1.36
N GLU A 18 6.18 0.93 0.46
CA GLU A 18 6.28 -0.50 0.20
C GLU A 18 6.79 -1.23 1.44
N TYR A 19 7.82 -0.65 2.07
CA TYR A 19 8.37 -1.22 3.29
C TYR A 19 7.28 -1.37 4.34
N ASN A 20 6.53 -0.30 4.55
CA ASN A 20 5.48 -0.29 5.57
C ASN A 20 4.36 -1.27 5.20
N PHE A 21 3.89 -1.19 3.96
CA PHE A 21 2.80 -2.04 3.49
C PHE A 21 3.13 -3.51 3.73
N ASN A 22 4.34 -3.91 3.37
CA ASN A 22 4.77 -5.30 3.51
C ASN A 22 5.00 -5.66 4.97
N LYS A 23 5.53 -4.71 5.73
CA LYS A 23 5.90 -4.93 7.12
C LYS A 23 4.68 -5.06 8.03
N VAL A 24 3.68 -4.23 7.79
CA VAL A 24 2.50 -4.20 8.64
C VAL A 24 1.67 -5.48 8.49
N ASN A 25 0.77 -5.47 7.53
CA ASN A 25 -0.17 -6.59 7.35
C ASN A 25 -0.70 -6.60 5.92
N LYS A 26 -0.06 -5.82 5.05
CA LYS A 26 -0.51 -5.63 3.68
C LYS A 26 -1.98 -5.21 3.65
N HIS A 27 -2.37 -4.40 4.62
CA HIS A 27 -3.75 -3.97 4.75
C HIS A 27 -3.80 -2.50 5.15
N PRO A 28 -4.62 -1.70 4.46
CA PRO A 28 -4.77 -0.28 4.74
C PRO A 28 -5.67 -0.02 5.94
N ASP A 29 -5.20 -0.40 7.12
CA ASP A 29 -5.96 -0.20 8.35
C ASP A 29 -5.84 1.26 8.79
N PRO A 30 -6.96 1.80 9.31
CA PRO A 30 -7.04 3.21 9.72
C PRO A 30 -5.98 3.59 10.76
N THR A 31 -5.97 2.85 11.86
CA THR A 31 -5.05 3.12 12.97
C THR A 31 -3.60 3.07 12.52
N THR A 32 -3.30 2.15 11.61
CA THR A 32 -1.95 2.02 11.09
C THR A 32 -1.63 3.13 10.08
N LEU A 33 -2.58 3.43 9.21
CA LEU A 33 -2.41 4.43 8.16
C LEU A 33 -2.08 5.80 8.75
N CYS A 34 -2.79 6.16 9.81
CA CYS A 34 -2.59 7.45 10.47
C CYS A 34 -1.13 7.62 10.92
N LEU A 35 -0.51 6.53 11.37
CA LEU A 35 0.86 6.57 11.82
C LEU A 35 1.81 6.59 10.63
N ILE A 36 1.49 5.77 9.63
CA ILE A 36 2.33 5.66 8.44
C ILE A 36 2.41 6.98 7.69
N ALA A 37 1.27 7.64 7.54
CA ALA A 37 1.21 8.95 6.89
C ALA A 37 2.07 9.95 7.64
N ALA A 38 2.12 9.81 8.96
CA ALA A 38 2.95 10.67 9.80
C ALA A 38 4.42 10.28 9.66
N GLU A 39 4.68 8.98 9.71
CA GLU A 39 6.05 8.47 9.58
C GLU A 39 6.65 8.80 8.23
N ALA A 40 5.90 8.56 7.18
CA ALA A 40 6.37 8.80 5.82
C ALA A 40 6.32 10.28 5.46
N GLY A 41 5.48 11.03 6.17
CA GLY A 41 5.35 12.45 5.92
C GLY A 41 4.61 12.74 4.61
N LEU A 42 3.43 12.16 4.46
CA LEU A 42 2.64 12.33 3.26
C LEU A 42 1.16 12.23 3.63
N THR A 43 0.27 12.64 2.72
CA THR A 43 -1.14 12.73 3.05
C THR A 43 -1.80 11.35 3.13
N GLU A 44 -2.82 11.26 3.98
CA GLU A 44 -3.52 10.02 4.25
C GLU A 44 -4.10 9.39 2.99
N GLU A 45 -4.76 10.21 2.17
CA GLU A 45 -5.43 9.73 0.96
C GLU A 45 -4.49 8.97 0.05
N GLN A 46 -3.33 9.56 -0.22
CA GLN A 46 -2.32 8.94 -1.07
C GLN A 46 -1.88 7.60 -0.48
N THR A 47 -1.56 7.62 0.81
CA THR A 47 -1.14 6.43 1.53
C THR A 47 -2.20 5.33 1.44
N GLN A 48 -3.45 5.70 1.66
CA GLN A 48 -4.54 4.75 1.67
C GLN A 48 -4.76 4.14 0.30
N LYS A 49 -4.87 5.00 -0.72
CA LYS A 49 -5.11 4.53 -2.08
C LYS A 49 -3.96 3.65 -2.57
N TRP A 50 -2.76 4.00 -2.16
CA TRP A 50 -1.57 3.24 -2.52
C TRP A 50 -1.57 1.88 -1.83
N PHE A 51 -1.78 1.87 -0.51
CA PHE A 51 -1.83 0.61 0.24
C PHE A 51 -2.91 -0.30 -0.32
N LYS A 52 -4.04 0.31 -0.68
CA LYS A 52 -5.18 -0.41 -1.23
C LYS A 52 -4.86 -1.03 -2.58
N GLN A 53 -4.04 -0.36 -3.37
CA GLN A 53 -3.73 -0.82 -4.73
C GLN A 53 -2.77 -1.99 -4.70
N ARG A 54 -1.90 -2.03 -3.69
CA ARG A 54 -0.89 -3.09 -3.58
C ARG A 54 -1.52 -4.40 -3.20
N LEU A 55 -2.71 -4.34 -2.64
CA LEU A 55 -3.42 -5.54 -2.20
C LEU A 55 -3.58 -6.53 -3.35
N ALA A 56 -4.07 -6.06 -4.49
CA ALA A 56 -4.22 -6.90 -5.67
C ALA A 56 -2.86 -7.27 -6.24
N GLU A 57 -1.91 -6.34 -6.16
CA GLU A 57 -0.56 -6.55 -6.68
C GLU A 57 0.11 -7.69 -5.92
N TRP A 58 0.08 -7.61 -4.61
CA TRP A 58 0.68 -8.61 -3.74
C TRP A 58 0.07 -9.99 -4.00
N ARG A 59 -1.26 -10.04 -4.10
CA ARG A 59 -1.97 -11.29 -4.32
C ARG A 59 -1.50 -11.99 -5.59
N ARG A 60 -1.27 -11.22 -6.65
CA ARG A 60 -0.84 -11.79 -7.92
C ARG A 60 0.67 -12.03 -7.96
N SER A 61 1.44 -10.96 -7.84
CA SER A 61 2.88 -11.02 -8.04
C SER A 61 3.60 -11.83 -6.97
N GLU A 62 3.35 -11.52 -5.70
CA GLU A 62 4.07 -12.17 -4.62
C GLU A 62 3.45 -13.51 -4.28
N GLY A 63 2.13 -13.59 -4.37
CA GLY A 63 1.44 -14.84 -4.15
C GLY A 63 0.54 -14.80 -2.92
N LEU A 64 -0.32 -15.80 -2.81
CA LEU A 64 -1.27 -15.89 -1.71
C LEU A 64 -1.04 -17.17 -0.91
N PRO A 65 -1.08 -17.09 0.43
CA PRO A 65 -0.99 -18.26 1.31
C PRO A 65 -2.14 -19.25 1.10
N SER A 66 -3.15 -18.80 0.35
CA SER A 66 -4.33 -19.61 0.06
C SER A 66 -5.14 -19.89 1.32
N GLU A 67 -5.98 -20.91 1.27
CA GLU A 67 -6.82 -21.28 2.41
C GLU A 67 -5.99 -22.03 3.45
N CYS A 68 -4.85 -22.55 3.01
CA CYS A 68 -3.94 -23.23 3.90
C CYS A 68 -3.21 -22.23 4.78
N ARG A 69 -2.64 -22.70 5.88
CA ARG A 69 -1.93 -21.82 6.79
C ARG A 69 -0.43 -21.92 6.56
N SER A 70 0.07 -21.08 5.66
CA SER A 70 1.49 -21.00 5.39
C SER A 70 1.89 -19.53 5.25
N VAL A 71 2.95 -19.13 5.93
CA VAL A 71 3.34 -17.72 5.95
C VAL A 71 4.16 -17.34 4.73
N THR A 72 3.74 -16.29 4.05
CA THR A 72 4.48 -15.75 2.92
C THR A 72 5.58 -14.82 3.42
N ASP A 73 6.72 -14.83 2.75
CA ASP A 73 7.86 -14.02 3.17
C ASP A 73 8.65 -13.55 1.96
N MET A 1 -10.57 18.62 3.59
CA MET A 1 -9.51 19.16 4.44
C MET A 1 -9.04 20.48 3.82
N SER A 2 -8.03 20.39 2.97
CA SER A 2 -7.68 21.49 2.11
C SER A 2 -8.40 21.30 0.78
N ALA A 3 -8.33 20.08 0.28
CA ALA A 3 -9.03 19.65 -0.93
C ALA A 3 -8.76 18.17 -1.15
N GLN A 4 -9.12 17.66 -2.32
CA GLN A 4 -8.76 16.31 -2.69
C GLN A 4 -7.42 16.33 -3.41
N THR A 5 -6.35 16.19 -2.64
CA THR A 5 -5.01 16.24 -3.19
C THR A 5 -4.75 15.09 -4.15
N VAL A 6 -4.28 15.41 -5.34
CA VAL A 6 -3.96 14.40 -6.35
C VAL A 6 -2.80 13.53 -5.88
N SER A 7 -3.03 12.24 -5.83
CA SER A 7 -2.04 11.30 -5.31
C SER A 7 -0.91 11.04 -6.30
N GLY A 8 0.25 11.62 -6.02
CA GLY A 8 1.42 11.38 -6.81
C GLY A 8 2.64 11.14 -5.96
N PRO A 9 2.78 9.92 -5.40
CA PRO A 9 3.89 9.58 -4.51
C PRO A 9 5.19 9.41 -5.27
N THR A 10 6.22 10.09 -4.81
CA THR A 10 7.54 10.03 -5.42
C THR A 10 8.20 8.69 -5.11
N GLU A 11 9.27 8.37 -5.84
CA GLU A 11 9.95 7.09 -5.68
C GLU A 11 10.42 6.88 -4.24
N ASP A 12 10.96 7.93 -3.65
CA ASP A 12 11.41 7.88 -2.26
C ASP A 12 10.26 7.54 -1.32
N GLN A 13 9.12 8.17 -1.55
CA GLN A 13 7.95 7.94 -0.72
C GLN A 13 7.40 6.54 -0.95
N VAL A 14 7.46 6.12 -2.22
CA VAL A 14 7.04 4.77 -2.58
C VAL A 14 7.91 3.73 -1.89
N GLU A 15 9.20 4.03 -1.76
CA GLU A 15 10.12 3.14 -1.07
C GLU A 15 9.75 3.00 0.41
N ILE A 16 9.45 4.13 1.05
CA ILE A 16 9.02 4.14 2.44
C ILE A 16 7.69 3.39 2.56
N LEU A 17 6.86 3.56 1.53
CA LEU A 17 5.55 2.94 1.48
C LEU A 17 5.65 1.42 1.33
N GLU A 18 6.47 0.99 0.37
CA GLU A 18 6.64 -0.44 0.10
C GLU A 18 7.18 -1.17 1.33
N TYR A 19 8.14 -0.54 2.00
CA TYR A 19 8.69 -1.09 3.22
C TYR A 19 7.60 -1.17 4.29
N ASN A 20 6.81 -0.11 4.41
CA ASN A 20 5.77 -0.03 5.42
C ASN A 20 4.67 -1.07 5.16
N PHE A 21 4.14 -1.08 3.94
CA PHE A 21 3.06 -2.01 3.57
C PHE A 21 3.50 -3.45 3.85
N ASN A 22 4.75 -3.76 3.55
CA ASN A 22 5.26 -5.12 3.72
C ASN A 22 5.41 -5.48 5.20
N LYS A 23 5.66 -4.48 6.04
CA LYS A 23 5.93 -4.73 7.44
C LYS A 23 4.70 -4.48 8.32
N VAL A 24 3.67 -3.87 7.75
CA VAL A 24 2.43 -3.62 8.48
C VAL A 24 1.59 -4.89 8.55
N ASN A 25 1.10 -5.32 7.39
CA ASN A 25 0.17 -6.44 7.30
C ASN A 25 -0.13 -6.66 5.82
N LYS A 26 -0.97 -7.64 5.51
CA LYS A 26 -1.42 -7.80 4.13
C LYS A 26 -2.59 -6.85 3.87
N HIS A 27 -3.20 -6.39 4.95
CA HIS A 27 -4.30 -5.44 4.86
C HIS A 27 -4.10 -4.32 5.86
N PRO A 28 -3.95 -3.08 5.38
CA PRO A 28 -3.74 -1.91 6.25
C PRO A 28 -4.98 -1.57 7.07
N ASP A 29 -4.75 -0.98 8.25
CA ASP A 29 -5.84 -0.54 9.11
C ASP A 29 -5.81 0.98 9.27
N PRO A 30 -6.96 1.61 9.57
CA PRO A 30 -7.08 3.08 9.67
C PRO A 30 -6.07 3.70 10.62
N THR A 31 -5.94 3.12 11.81
CA THR A 31 -5.02 3.62 12.82
C THR A 31 -3.59 3.64 12.29
N THR A 32 -3.18 2.52 11.68
CA THR A 32 -1.86 2.43 11.08
C THR A 32 -1.73 3.44 9.95
N LEU A 33 -2.73 3.52 9.10
CA LEU A 33 -2.71 4.42 7.95
C LEU A 33 -2.47 5.87 8.39
N CYS A 34 -3.15 6.29 9.45
CA CYS A 34 -3.01 7.64 9.97
C CYS A 34 -1.63 7.85 10.59
N LEU A 35 -1.11 6.83 11.26
CA LEU A 35 0.16 6.93 11.96
C LEU A 35 1.34 6.86 11.00
N ILE A 36 1.32 5.90 10.08
CA ILE A 36 2.45 5.69 9.17
C ILE A 36 2.54 6.80 8.14
N ALA A 37 1.41 7.44 7.86
CA ALA A 37 1.37 8.58 6.95
C ALA A 37 2.27 9.69 7.49
N ALA A 38 2.18 9.94 8.78
CA ALA A 38 3.00 10.97 9.42
C ALA A 38 4.47 10.56 9.43
N GLU A 39 4.70 9.26 9.58
CA GLU A 39 6.06 8.73 9.60
C GLU A 39 6.70 8.84 8.22
N ALA A 40 5.92 8.54 7.18
CA ALA A 40 6.42 8.59 5.81
C ALA A 40 6.45 10.02 5.29
N GLY A 41 5.64 10.89 5.88
CA GLY A 41 5.60 12.27 5.45
C GLY A 41 4.55 12.52 4.38
N LEU A 42 3.42 11.83 4.51
CA LEU A 42 2.34 11.95 3.55
C LEU A 42 1.00 12.08 4.28
N THR A 43 -0.07 12.31 3.54
CA THR A 43 -1.39 12.38 4.13
C THR A 43 -2.12 11.05 3.95
N GLU A 44 -3.29 10.92 4.57
CA GLU A 44 -4.04 9.68 4.56
C GLU A 44 -4.43 9.26 3.14
N GLU A 45 -4.99 10.19 2.38
CA GLU A 45 -5.49 9.90 1.04
C GLU A 45 -4.37 9.33 0.15
N GLN A 46 -3.23 10.00 0.13
CA GLN A 46 -2.13 9.61 -0.73
C GLN A 46 -1.62 8.21 -0.37
N THR A 47 -1.43 7.99 0.93
CA THR A 47 -0.96 6.70 1.43
C THR A 47 -1.99 5.59 1.17
N GLN A 48 -3.25 5.92 1.38
CA GLN A 48 -4.34 4.96 1.22
C GLN A 48 -4.45 4.48 -0.23
N LYS A 49 -4.39 5.43 -1.16
CA LYS A 49 -4.51 5.12 -2.58
C LYS A 49 -3.38 4.22 -3.03
N TRP A 50 -2.19 4.46 -2.51
CA TRP A 50 -1.02 3.66 -2.86
C TRP A 50 -1.15 2.24 -2.30
N PHE A 51 -1.52 2.15 -1.03
CA PHE A 51 -1.66 0.84 -0.37
C PHE A 51 -2.72 0.00 -1.07
N LYS A 52 -3.76 0.68 -1.56
CA LYS A 52 -4.85 0.03 -2.29
C LYS A 52 -4.31 -0.68 -3.53
N GLN A 53 -3.40 -0.03 -4.24
CA GLN A 53 -2.84 -0.58 -5.47
C GLN A 53 -2.04 -1.85 -5.19
N ARG A 54 -1.38 -1.88 -4.02
CA ARG A 54 -0.54 -3.02 -3.65
C ARG A 54 -1.38 -4.23 -3.30
N LEU A 55 -2.60 -3.99 -2.86
CA LEU A 55 -3.51 -5.06 -2.49
C LEU A 55 -3.70 -6.03 -3.67
N ALA A 56 -3.84 -5.47 -4.86
CA ALA A 56 -3.98 -6.28 -6.06
C ALA A 56 -2.65 -6.90 -6.45
N GLU A 57 -1.59 -6.12 -6.38
CA GLU A 57 -0.26 -6.58 -6.78
C GLU A 57 0.23 -7.69 -5.87
N TRP A 58 -0.11 -7.61 -4.60
CA TRP A 58 0.24 -8.65 -3.63
C TRP A 58 -0.40 -9.97 -4.04
N ARG A 59 -1.69 -9.93 -4.36
CA ARG A 59 -2.42 -11.13 -4.74
C ARG A 59 -1.84 -11.76 -6.01
N ARG A 60 -1.34 -10.91 -6.89
CA ARG A 60 -0.70 -11.38 -8.12
C ARG A 60 0.62 -12.07 -7.82
N SER A 61 1.47 -11.36 -7.09
CA SER A 61 2.83 -11.82 -6.82
C SER A 61 2.86 -13.06 -5.92
N GLU A 62 1.97 -13.10 -4.94
CA GLU A 62 1.96 -14.21 -3.98
C GLU A 62 1.32 -15.47 -4.58
N GLY A 63 0.34 -15.27 -5.45
CA GLY A 63 -0.31 -16.41 -6.10
C GLY A 63 -1.02 -17.31 -5.12
N LEU A 64 -2.04 -16.79 -4.46
CA LEU A 64 -2.78 -17.55 -3.47
C LEU A 64 -3.72 -18.56 -4.14
N PRO A 65 -3.52 -19.86 -3.87
CA PRO A 65 -4.31 -20.92 -4.50
C PRO A 65 -5.79 -20.83 -4.12
N SER A 66 -6.07 -21.02 -2.84
CA SER A 66 -7.43 -20.97 -2.34
C SER A 66 -7.49 -20.06 -1.11
N GLU A 67 -6.90 -20.55 -0.03
CA GLU A 67 -6.78 -19.78 1.20
C GLU A 67 -5.38 -19.99 1.77
N CYS A 68 -5.30 -20.47 3.01
CA CYS A 68 -4.01 -20.75 3.63
C CYS A 68 -3.58 -22.18 3.30
N ARG A 69 -3.57 -22.49 2.03
CA ARG A 69 -3.19 -23.81 1.55
C ARG A 69 -1.79 -23.77 0.97
N SER A 70 -1.12 -24.91 0.92
CA SER A 70 0.19 -25.01 0.30
C SER A 70 0.13 -24.55 -1.15
N VAL A 71 1.17 -23.82 -1.58
CA VAL A 71 1.22 -23.29 -2.93
C VAL A 71 1.08 -24.41 -3.96
N THR A 72 0.35 -24.14 -5.03
CA THR A 72 0.08 -25.15 -6.04
C THR A 72 0.71 -24.77 -7.37
N ASP A 73 1.53 -25.66 -7.91
CA ASP A 73 2.14 -25.48 -9.20
C ASP A 73 1.77 -26.64 -10.10
#